data_9N0Z
#
_entry.id   9N0Z
#
_cell.length_a   1.00
_cell.length_b   1.00
_cell.length_c   1.00
_cell.angle_alpha   90.00
_cell.angle_beta   90.00
_cell.angle_gamma   90.00
#
_symmetry.space_group_name_H-M   'P 1'
#
loop_
_entity.id
_entity.type
_entity.pdbx_description
1 polymer 'Serine/threonine-protein phosphatase 2A 65 kDa regulatory subunit A alpha isoform'
2 polymer 'Serine/threonine-protein phosphatase 2A 55 kDa regulatory subunit B alpha isoform'
3 polymer 'Serine/threonine-protein phosphatase 2A catalytic subunit alpha isoform'
4 polymer 'B55i inhibitor peptide'
#
loop_
_entity_poly.entity_id
_entity_poly.type
_entity_poly.pdbx_seq_one_letter_code
_entity_poly.pdbx_strand_id
1 'polypeptide(L)'
;GHMSLYPIAVLIDELRNEDVQLRLNSIKKLSTIALALGVERTRSELLPFLTDTIYDEDEVLLALAEQLGTFTTLVGGPEY
VHCLLPPLESLATVEETVVRDKAVESLRAISHEHSPSDLEAHFVPLVKRLAGGDWFTSRTSACGLFSVCYPRVSSAVKAE
LRQYFRNLCSDDTPMVRRAAASKLGEFAKVLELDNVKSEIIPMFSNLASDEQDSVRLLAVEACVNIAQLLPQEDLEALVM
PTLRQAAEDKSWRVRYMVADKFTELQKAVGPEITKTDLVPAFQNLMKDCEAEVRAAASHKVKEFCENLSADCRENVIMSQ
ILPCIKELVSDANQHVKSALASVIMGLSPILGKDNTIEHLLPLFLAQLKDECPEVRLNIISNLDCVNEVIGIRQLSQSLL
PAIVELAEDAKWRVRLAIIEYMPLLAGQLGVEFFDEKLNSLCMAWLVDHVYAIREAATSNLKKLVEKFGKEWAHATIIPK
VLAMSGDPNYLHRMTTLFCINVLSEVCGQDITTKHMLPTVLRMAGDPVANVRFNVAKSLQKIGPILDNSTLQSEVKPILE
KLTQDQDVDVKYFAQEALTVLSLA
;
A
2 'polypeptide(L)'
;GHMGSAGAGGGNDIQWCFSQVKGAVDDDVAEADIISTVEFNHSGELLATGDKGGRVVIFQQEQENKIQSHSRGEYNVYST
FQSHEPEFDYLKSLEIEEKINKIRWLPQKNAAQFLLSTNDKTIKLWKISERDKRPEGYNLKEEDGRYRDPTTVTTLRVPV
FRPMDLMVEASPRRIFANAHTYHINSISINSDYETYLSADDLRINLWHLEITDRSFNIVDIKPANMEELTEVITAAEFHP
NSCNTFVYSSSKGTIRLCDMRASALCDRHSKLFEEPEDPSNRSFFSEIISSISDVKFSHSGRYMMTRDYLSVKIWDLNME
NRPVETYQVHEYLRSKLCSLYENDCIFDKFECCWNGSDSVVMTGSYNNFFRMFDRNTKRDITLEASRENNKPRTVLKPRK
VCASGKRKKDEISVDSLDFNKKILHTAWHPKENIIAVATTNNLYIFQDKVN
;
B
3 'polypeptide(L)'
;GHMDEKVFTKELDQWIEQLNECKQLSESQVKSLCEKAKEILTKESNVQEVRCPVTVCGDVHGQFHDLMELFRIGGKSPDT
NYLFMGDYVDRGYYSVETVTLLVALKVRYRERITILRGNHESRQITQVYGFYDECLRKYGNANVWKYFTDLFDYLPLTAL
VDGQIFCLHGGLSPSIDTLDHIRALDRLQEVPHEGPMCDLLWSDPDDRGGWGISPRGAGYTFGQDISETFNHANGLTLVS
RAHQLVMEGYNWCHDRNVVTIFSAPNYCYRCGNQAAIMELDDTLKYSFLQFDPAPRRGEPHVTRRTPDYFL
;
C
4 'polypeptide(L)' LLELAKKKLKELEEEEPDPDLRKKTLVRNMIKKLE D
#
# COMPACT_ATOMS: atom_id res chain seq x y z
N SER A 4 39.52 11.42 31.03
CA SER A 4 39.36 12.10 29.74
C SER A 4 38.73 11.16 28.72
N LEU A 5 38.74 9.86 29.01
CA LEU A 5 38.21 8.85 28.11
C LEU A 5 36.87 8.30 28.58
N TYR A 6 36.20 9.01 29.49
CA TYR A 6 34.92 8.52 30.00
C TYR A 6 33.87 8.41 28.90
N PRO A 7 33.63 9.43 28.08
CA PRO A 7 32.61 9.29 27.02
C PRO A 7 32.90 8.14 26.07
N ILE A 8 34.17 7.95 25.71
CA ILE A 8 34.52 6.83 24.84
C ILE A 8 34.29 5.50 25.55
N ALA A 9 34.57 5.46 26.86
CA ALA A 9 34.29 4.25 27.62
C ALA A 9 32.80 3.93 27.65
N VAL A 10 31.96 4.95 27.72
CA VAL A 10 30.51 4.73 27.67
C VAL A 10 30.11 4.25 26.28
N LEU A 11 30.63 4.90 25.24
CA LEU A 11 30.25 4.56 23.87
C LEU A 11 30.67 3.16 23.47
N ILE A 12 31.86 2.70 23.87
CA ILE A 12 32.31 1.36 23.51
C ILE A 12 31.44 0.27 24.11
N ASP A 13 30.83 0.51 25.26
CA ASP A 13 29.93 -0.46 25.88
C ASP A 13 28.49 -0.23 25.47
N GLU A 14 28.17 0.91 24.88
CA GLU A 14 26.81 1.18 24.43
C GLU A 14 26.39 0.39 23.21
N LEU A 15 27.33 -0.15 22.43
CA LEU A 15 27.00 -1.03 21.33
C LEU A 15 26.75 -2.46 21.79
N ARG A 16 26.52 -2.64 23.09
CA ARG A 16 26.22 -3.94 23.67
C ARG A 16 24.88 -3.96 24.40
N ASN A 17 24.14 -2.86 24.38
CA ASN A 17 22.87 -2.76 25.09
C ASN A 17 21.76 -3.40 24.25
N GLU A 18 20.52 -3.20 24.67
CA GLU A 18 19.36 -3.75 23.96
C GLU A 18 18.52 -2.71 23.24
N ASP A 19 18.76 -1.42 23.48
CA ASP A 19 18.02 -0.37 22.78
C ASP A 19 18.54 -0.27 21.35
N VAL A 20 17.62 -0.34 20.38
CA VAL A 20 18.02 -0.27 18.99
C VAL A 20 18.68 1.08 18.70
N GLN A 21 18.10 2.17 19.21
CA GLN A 21 18.66 3.49 18.95
C GLN A 21 20.05 3.63 19.55
N LEU A 22 20.26 3.10 20.76
CA LEU A 22 21.57 3.19 21.40
C LEU A 22 22.64 2.49 20.56
N ARG A 23 22.35 1.25 20.14
CA ARG A 23 23.30 0.51 19.32
C ARG A 23 23.53 1.21 17.98
N LEU A 24 22.48 1.75 17.38
CA LEU A 24 22.62 2.48 16.13
C LEU A 24 23.55 3.68 16.29
N ASN A 25 23.35 4.45 17.36
CA ASN A 25 24.19 5.62 17.60
C ASN A 25 25.63 5.21 17.83
N SER A 26 25.85 4.16 18.62
CA SER A 26 27.22 3.69 18.84
C SER A 26 27.87 3.25 17.55
N ILE A 27 27.11 2.55 16.70
CA ILE A 27 27.66 2.11 15.41
C ILE A 27 28.05 3.32 14.58
N LYS A 28 27.20 4.34 14.54
CA LYS A 28 27.52 5.53 13.75
C LYS A 28 28.76 6.23 14.29
N LYS A 29 28.90 6.31 15.61
CA LYS A 29 30.01 7.00 16.23
C LYS A 29 31.25 6.14 16.35
N LEU A 30 31.19 4.89 15.88
CA LEU A 30 32.35 3.99 15.92
C LEU A 30 33.64 4.67 15.49
N SER A 31 33.57 5.72 14.68
CA SER A 31 34.78 6.37 14.21
C SER A 31 35.59 6.94 15.37
N THR A 32 34.92 7.60 16.31
CA THR A 32 35.63 8.17 17.45
C THR A 32 36.27 7.09 18.31
N ILE A 33 35.57 5.98 18.53
CA ILE A 33 36.13 4.88 19.30
C ILE A 33 37.37 4.33 18.61
N ALA A 34 37.29 4.15 17.29
CA ALA A 34 38.45 3.66 16.55
C ALA A 34 39.61 4.63 16.66
N LEU A 35 39.34 5.93 16.53
CA LEU A 35 40.41 6.91 16.60
C LEU A 35 41.07 6.91 17.98
N ALA A 36 40.27 6.80 19.04
CA ALA A 36 40.81 6.83 20.39
C ALA A 36 41.56 5.55 20.76
N LEU A 37 41.10 4.39 20.28
CA LEU A 37 41.76 3.14 20.63
C LEU A 37 43.20 3.12 20.12
N GLY A 38 43.39 3.52 18.87
CA GLY A 38 44.71 3.53 18.27
C GLY A 38 44.68 2.86 16.92
N VAL A 39 45.84 2.38 16.49
CA VAL A 39 45.96 1.68 15.22
C VAL A 39 46.55 0.28 15.35
N GLU A 40 47.35 -0.01 16.37
CA GLU A 40 47.82 -1.36 16.61
C GLU A 40 46.89 -2.11 17.56
N ARG A 41 45.80 -1.48 17.96
CA ARG A 41 44.77 -2.12 18.77
C ARG A 41 43.44 -2.27 18.06
N THR A 42 43.12 -1.39 17.12
CA THR A 42 41.85 -1.48 16.41
C THR A 42 41.72 -2.83 15.72
N ARG A 43 42.71 -3.17 14.90
CA ARG A 43 42.63 -4.39 14.09
C ARG A 43 42.39 -5.62 14.95
N SER A 44 43.05 -5.70 16.11
CA SER A 44 43.03 -6.91 16.91
C SER A 44 41.93 -6.92 17.96
N GLU A 45 41.35 -5.76 18.30
CA GLU A 45 40.31 -5.78 19.32
C GLU A 45 38.92 -5.43 18.79
N LEU A 46 38.81 -4.40 17.95
CA LEU A 46 37.49 -3.94 17.54
C LEU A 46 36.97 -4.71 16.34
N LEU A 47 37.80 -4.90 15.31
CA LEU A 47 37.35 -5.66 14.14
C LEU A 47 36.96 -7.09 14.50
N PRO A 48 37.75 -7.83 15.28
CA PRO A 48 37.35 -9.20 15.62
C PRO A 48 36.02 -9.25 16.36
N PHE A 49 35.67 -8.17 17.06
CA PHE A 49 34.38 -8.10 17.74
C PHE A 49 33.23 -7.83 16.78
N LEU A 50 33.48 -7.07 15.72
CA LEU A 50 32.45 -6.83 14.70
C LEU A 50 32.43 -7.91 13.63
N THR A 51 33.35 -8.87 13.68
CA THR A 51 33.42 -9.90 12.64
C THR A 51 32.06 -10.53 12.40
N ASP A 52 31.50 -11.16 13.44
CA ASP A 52 30.18 -11.80 13.35
C ASP A 52 29.31 -11.26 14.48
N THR A 53 28.45 -10.31 14.14
CA THR A 53 27.55 -9.71 15.11
C THR A 53 26.17 -10.34 15.01
N ILE A 54 25.46 -10.36 16.14
CA ILE A 54 24.10 -11.00 16.19
C ILE A 54 23.01 -9.95 15.98
N TYR A 55 23.37 -8.70 15.68
CA TYR A 55 22.36 -7.71 15.35
C TYR A 55 21.67 -8.11 14.05
N ASP A 56 20.34 -8.19 14.08
CA ASP A 56 19.56 -8.55 12.91
C ASP A 56 18.76 -7.38 12.34
N GLU A 57 18.80 -6.23 13.00
CA GLU A 57 18.05 -5.08 12.52
C GLU A 57 18.65 -4.55 11.22
N ASP A 58 17.78 -4.27 10.25
CA ASP A 58 18.24 -3.73 8.98
C ASP A 58 18.96 -2.41 9.16
N GLU A 59 18.58 -1.61 10.17
CA GLU A 59 19.17 -0.30 10.38
C GLU A 59 20.47 -0.33 11.16
N VAL A 60 20.84 -1.46 11.75
CA VAL A 60 22.12 -1.57 12.42
C VAL A 60 23.19 -2.17 11.51
N LEU A 61 22.85 -3.26 10.82
CA LEU A 61 23.79 -3.87 9.90
C LEU A 61 24.11 -2.92 8.74
N LEU A 62 23.11 -2.21 8.24
CA LEU A 62 23.35 -1.24 7.16
C LEU A 62 24.35 -0.18 7.60
N ALA A 63 24.13 0.40 8.79
CA ALA A 63 25.04 1.41 9.29
C ALA A 63 26.43 0.84 9.51
N LEU A 64 26.51 -0.38 10.04
CA LEU A 64 27.82 -0.99 10.29
C LEU A 64 28.58 -1.20 8.99
N ALA A 65 27.90 -1.67 7.94
CA ALA A 65 28.56 -1.86 6.65
C ALA A 65 29.02 -0.54 6.06
N GLU A 66 28.15 0.47 6.11
CA GLU A 66 28.53 1.78 5.57
C GLU A 66 29.71 2.37 6.33
N GLN A 67 29.79 2.11 7.63
CA GLN A 67 30.92 2.61 8.41
C GLN A 67 32.20 1.86 8.08
N LEU A 68 32.12 0.53 8.01
CA LEU A 68 33.29 -0.26 7.65
C LEU A 68 33.79 0.12 6.27
N GLY A 69 32.91 0.63 5.41
CA GLY A 69 33.35 1.07 4.09
C GLY A 69 34.24 2.28 4.08
N THR A 70 34.43 2.93 5.23
CA THR A 70 35.25 4.14 5.35
C THR A 70 36.25 4.01 6.49
N PHE A 71 36.94 2.87 6.54
CA PHE A 71 37.96 2.61 7.55
C PHE A 71 39.34 2.40 6.93
N THR A 72 39.57 2.92 5.72
CA THR A 72 40.81 2.66 5.01
C THR A 72 42.02 3.26 5.72
N THR A 73 41.82 4.23 6.60
CA THR A 73 42.92 4.92 7.26
C THR A 73 43.15 4.46 8.70
N LEU A 74 42.08 4.38 9.50
CA LEU A 74 42.23 4.02 10.89
C LEU A 74 42.83 2.63 11.07
N VAL A 75 42.53 1.71 10.15
CA VAL A 75 43.02 0.34 10.29
C VAL A 75 44.54 0.31 10.30
N GLY A 76 45.19 1.28 9.65
CA GLY A 76 46.63 1.31 9.61
C GLY A 76 47.20 1.81 8.30
N GLY A 77 46.34 2.01 7.29
CA GLY A 77 46.77 2.54 6.03
C GLY A 77 46.57 1.57 4.87
N PRO A 78 46.94 2.00 3.67
CA PRO A 78 46.73 1.14 2.49
C PRO A 78 47.55 -0.15 2.53
N GLU A 79 48.35 -0.33 3.58
CA GLU A 79 49.15 -1.54 3.71
C GLU A 79 48.42 -2.65 4.47
N TYR A 80 47.44 -2.30 5.30
CA TYR A 80 46.68 -3.28 6.07
C TYR A 80 45.21 -3.30 5.70
N VAL A 81 44.84 -2.76 4.54
CA VAL A 81 43.43 -2.67 4.18
C VAL A 81 42.79 -4.05 4.05
N HIS A 82 43.60 -5.10 3.94
CA HIS A 82 43.01 -6.43 3.86
C HIS A 82 42.50 -6.93 5.18
N CYS A 83 42.43 -6.07 6.19
CA CYS A 83 41.86 -6.42 7.49
C CYS A 83 40.38 -6.07 7.58
N LEU A 84 39.81 -5.47 6.55
CA LEU A 84 38.38 -5.17 6.51
C LEU A 84 37.56 -6.22 5.77
N LEU A 85 38.18 -7.30 5.33
CA LEU A 85 37.50 -8.33 4.56
C LEU A 85 36.71 -9.28 5.46
N PRO A 86 37.29 -9.76 6.55
CA PRO A 86 36.56 -10.71 7.40
C PRO A 86 35.25 -10.14 7.90
N PRO A 87 35.20 -8.85 8.28
CA PRO A 87 33.94 -8.27 8.76
C PRO A 87 32.97 -7.85 7.68
N LEU A 88 33.40 -7.79 6.42
CA LEU A 88 32.51 -7.45 5.31
C LEU A 88 31.98 -8.66 4.58
N GLU A 89 32.77 -9.73 4.48
CA GLU A 89 32.28 -10.96 3.88
C GLU A 89 31.16 -11.56 4.69
N SER A 90 31.09 -11.26 5.99
CA SER A 90 30.01 -11.73 6.85
C SER A 90 28.73 -10.93 6.69
N LEU A 91 28.82 -9.71 6.17
CA LEU A 91 27.63 -8.93 5.82
C LEU A 91 27.21 -9.13 4.37
N ALA A 92 28.14 -9.51 3.50
CA ALA A 92 27.78 -9.77 2.11
C ALA A 92 26.88 -10.98 1.96
N THR A 93 26.73 -11.81 2.99
CA THR A 93 25.95 -13.02 2.94
C THR A 93 24.86 -13.05 4.03
N VAL A 94 24.15 -11.96 4.21
CA VAL A 94 23.05 -11.88 5.16
C VAL A 94 21.73 -12.03 4.41
N GLU A 95 20.69 -12.43 5.13
CA GLU A 95 19.41 -12.72 4.48
C GLU A 95 18.83 -11.50 3.77
N GLU A 96 19.19 -10.29 4.19
CA GLU A 96 18.61 -9.09 3.63
C GLU A 96 19.16 -8.82 2.24
N THR A 97 18.64 -7.78 1.60
CA THR A 97 19.06 -7.37 0.26
C THR A 97 19.77 -6.04 0.22
N VAL A 98 19.21 -5.01 0.87
CA VAL A 98 19.88 -3.72 0.91
C VAL A 98 21.20 -3.82 1.67
N VAL A 99 21.24 -4.62 2.73
CA VAL A 99 22.49 -4.82 3.46
C VAL A 99 23.54 -5.44 2.56
N ARG A 100 23.17 -6.47 1.79
CA ARG A 100 24.12 -7.09 0.88
C ARG A 100 24.59 -6.10 -0.17
N ASP A 101 23.68 -5.29 -0.71
CA ASP A 101 24.08 -4.31 -1.72
C ASP A 101 25.07 -3.32 -1.14
N LYS A 102 24.80 -2.82 0.07
CA LYS A 102 25.72 -1.87 0.69
C LYS A 102 27.07 -2.51 0.98
N ALA A 103 27.08 -3.77 1.45
CA ALA A 103 28.34 -4.44 1.70
C ALA A 103 29.14 -4.62 0.42
N VAL A 104 28.48 -4.99 -0.67
CA VAL A 104 29.17 -5.15 -1.95
C VAL A 104 29.73 -3.81 -2.43
N GLU A 105 28.95 -2.74 -2.28
CA GLU A 105 29.43 -1.42 -2.68
C GLU A 105 30.64 -1.01 -1.87
N SER A 106 30.62 -1.24 -0.56
CA SER A 106 31.77 -0.90 0.27
C SER A 106 32.98 -1.75 -0.09
N LEU A 107 32.77 -3.03 -0.39
CA LEU A 107 33.88 -3.88 -0.80
C LEU A 107 34.52 -3.35 -2.07
N ARG A 108 33.70 -2.97 -3.06
CA ARG A 108 34.25 -2.39 -4.28
C ARG A 108 35.00 -1.10 -3.98
N ALA A 109 34.44 -0.26 -3.10
CA ALA A 109 35.08 1.02 -2.80
C ALA A 109 36.45 0.83 -2.17
N ILE A 110 36.57 -0.13 -1.23
CA ILE A 110 37.85 -0.37 -0.58
C ILE A 110 38.78 -1.23 -1.42
N SER A 111 38.29 -1.85 -2.50
CA SER A 111 39.17 -2.64 -3.34
C SER A 111 40.25 -1.81 -4.01
N HIS A 112 40.04 -0.51 -4.20
CA HIS A 112 41.01 0.32 -4.88
C HIS A 112 42.26 0.58 -4.04
N GLU A 113 42.22 0.32 -2.74
CA GLU A 113 43.36 0.59 -1.87
C GLU A 113 44.36 -0.56 -1.82
N HIS A 114 44.02 -1.71 -2.36
CA HIS A 114 44.96 -2.83 -2.39
C HIS A 114 46.07 -2.57 -3.41
N SER A 115 47.08 -3.43 -3.38
CA SER A 115 48.13 -3.43 -4.38
C SER A 115 48.07 -4.72 -5.19
N PRO A 116 48.55 -4.71 -6.43
CA PRO A 116 48.44 -5.90 -7.28
C PRO A 116 48.80 -7.20 -6.58
N SER A 117 49.97 -7.25 -5.93
CA SER A 117 50.33 -8.45 -5.18
C SER A 117 49.36 -8.68 -4.03
N ASP A 118 49.03 -7.62 -3.28
CA ASP A 118 48.05 -7.75 -2.20
C ASP A 118 46.70 -8.18 -2.75
N LEU A 119 46.29 -7.62 -3.89
CA LEU A 119 45.06 -8.04 -4.53
C LEU A 119 45.08 -9.54 -4.78
N GLU A 120 46.01 -10.01 -5.61
CA GLU A 120 46.08 -11.42 -5.97
C GLU A 120 46.21 -12.31 -4.74
N ALA A 121 46.76 -11.81 -3.64
CA ALA A 121 46.95 -12.64 -2.47
C ALA A 121 45.72 -12.73 -1.58
N HIS A 122 44.98 -11.63 -1.39
CA HIS A 122 43.95 -11.59 -0.37
C HIS A 122 42.56 -11.22 -0.86
N PHE A 123 42.40 -10.56 -2.01
CA PHE A 123 41.07 -10.20 -2.47
C PHE A 123 40.50 -11.21 -3.46
N VAL A 124 41.29 -11.66 -4.43
CA VAL A 124 40.81 -12.68 -5.37
C VAL A 124 40.34 -13.91 -4.62
N PRO A 125 41.02 -14.40 -3.58
CA PRO A 125 40.47 -15.52 -2.81
C PRO A 125 39.10 -15.23 -2.24
N LEU A 126 38.83 -13.98 -1.83
CA LEU A 126 37.49 -13.67 -1.33
C LEU A 126 36.44 -13.87 -2.41
N VAL A 127 36.72 -13.37 -3.62
CA VAL A 127 35.73 -13.47 -4.74
C VAL A 127 35.50 -14.96 -5.03
N LYS A 128 36.56 -15.66 -5.45
CA LYS A 128 36.45 -17.12 -5.73
C LYS A 128 35.60 -17.78 -4.64
N ARG A 129 35.97 -17.57 -3.38
CA ARG A 129 35.22 -18.18 -2.25
C ARG A 129 33.73 -17.84 -2.36
N LEU A 130 33.39 -16.54 -2.37
CA LEU A 130 31.96 -16.16 -2.38
C LEU A 130 31.27 -16.76 -3.62
N ALA A 131 31.99 -16.84 -4.75
CA ALA A 131 31.39 -17.34 -5.97
C ALA A 131 31.45 -18.85 -6.08
N GLY A 132 31.96 -19.52 -5.06
CA GLY A 132 31.95 -20.97 -5.02
C GLY A 132 31.40 -21.46 -3.70
N GLY A 133 30.70 -20.57 -2.99
CA GLY A 133 30.18 -20.88 -1.68
C GLY A 133 29.08 -21.91 -1.70
N ASP A 134 28.27 -21.94 -0.64
CA ASP A 134 27.22 -22.93 -0.52
C ASP A 134 25.83 -22.33 -0.53
N TRP A 135 25.61 -21.23 0.18
CA TRP A 135 24.33 -20.55 0.16
C TRP A 135 24.18 -19.77 -1.14
N PHE A 136 22.92 -19.57 -1.56
CA PHE A 136 22.69 -18.73 -2.73
C PHE A 136 22.53 -17.27 -2.36
N THR A 137 23.42 -16.78 -1.53
CA THR A 137 23.61 -15.37 -1.23
C THR A 137 25.07 -14.98 -1.34
N SER A 138 25.99 -15.87 -0.96
CA SER A 138 27.40 -15.65 -1.24
C SER A 138 27.62 -15.46 -2.73
N ARG A 139 27.01 -16.32 -3.55
CA ARG A 139 27.15 -16.21 -5.00
C ARG A 139 26.47 -14.96 -5.54
N THR A 140 25.28 -14.63 -5.02
CA THR A 140 24.60 -13.42 -5.48
C THR A 140 25.41 -12.17 -5.19
N SER A 141 26.09 -12.12 -4.03
CA SER A 141 26.94 -10.99 -3.70
C SER A 141 28.27 -11.02 -4.42
N ALA A 142 28.79 -12.21 -4.74
CA ALA A 142 30.07 -12.32 -5.45
C ALA A 142 29.89 -11.90 -6.90
N CYS A 143 28.69 -12.10 -7.46
CA CYS A 143 28.47 -11.81 -8.86
C CYS A 143 28.65 -10.34 -9.21
N GLY A 144 29.18 -9.53 -8.29
CA GLY A 144 29.35 -8.12 -8.56
C GLY A 144 30.70 -7.57 -8.13
N LEU A 145 31.71 -8.44 -8.01
CA LEU A 145 33.06 -8.02 -7.66
C LEU A 145 34.08 -8.41 -8.71
N PHE A 146 33.64 -8.72 -9.94
CA PHE A 146 34.57 -9.04 -11.01
C PHE A 146 35.02 -7.81 -11.78
N SER A 147 34.12 -6.85 -11.98
CA SER A 147 34.41 -5.63 -12.72
C SER A 147 35.32 -4.68 -11.97
N VAL A 148 35.71 -5.03 -10.74
CA VAL A 148 36.64 -4.22 -9.97
C VAL A 148 37.99 -4.89 -9.79
N CYS A 149 38.09 -6.21 -9.93
CA CYS A 149 39.36 -6.91 -9.76
C CYS A 149 39.84 -7.59 -11.03
N TYR A 150 39.14 -7.41 -12.16
CA TYR A 150 39.66 -7.97 -13.40
C TYR A 150 40.85 -7.17 -13.93
N PRO A 151 40.75 -5.85 -14.04
CA PRO A 151 41.78 -5.09 -14.77
C PRO A 151 43.19 -5.24 -14.22
N ARG A 152 43.36 -5.35 -12.90
CA ARG A 152 44.68 -5.23 -12.30
C ARG A 152 45.31 -6.57 -11.93
N VAL A 153 44.77 -7.68 -12.42
CA VAL A 153 45.29 -9.00 -12.08
C VAL A 153 46.06 -9.55 -13.27
N SER A 154 46.76 -10.66 -13.04
CA SER A 154 47.59 -11.28 -14.07
C SER A 154 46.72 -12.05 -15.06
N SER A 155 47.35 -12.71 -16.02
CA SER A 155 46.61 -13.42 -17.06
C SER A 155 45.93 -14.67 -16.54
N ALA A 156 46.64 -15.48 -15.74
CA ALA A 156 46.04 -16.69 -15.20
C ALA A 156 44.85 -16.36 -14.30
N VAL A 157 44.99 -15.35 -13.46
CA VAL A 157 43.88 -14.92 -12.62
C VAL A 157 42.73 -14.41 -13.48
N LYS A 158 43.04 -13.73 -14.58
CA LYS A 158 41.99 -13.26 -15.47
C LYS A 158 41.20 -14.43 -16.05
N ALA A 159 41.91 -15.46 -16.53
CA ALA A 159 41.23 -16.62 -17.09
C ALA A 159 40.40 -17.33 -16.03
N GLU A 160 40.93 -17.45 -14.81
CA GLU A 160 40.17 -18.08 -13.74
C GLU A 160 38.91 -17.29 -13.42
N LEU A 161 39.00 -15.97 -13.39
CA LEU A 161 37.83 -15.15 -13.13
C LEU A 161 36.79 -15.31 -14.24
N ARG A 162 37.25 -15.37 -15.50
CA ARG A 162 36.31 -15.59 -16.59
C ARG A 162 35.60 -16.92 -16.44
N GLN A 163 36.34 -17.96 -16.06
CA GLN A 163 35.71 -19.27 -15.87
C GLN A 163 34.70 -19.23 -14.74
N TYR A 164 35.04 -18.55 -13.64
CA TYR A 164 34.10 -18.46 -12.53
C TYR A 164 32.83 -17.74 -12.92
N PHE A 165 32.95 -16.64 -13.67
CA PHE A 165 31.75 -15.94 -14.12
C PHE A 165 30.91 -16.82 -15.04
N ARG A 166 31.56 -17.52 -15.97
CA ARG A 166 30.82 -18.40 -16.86
C ARG A 166 30.11 -19.50 -16.09
N ASN A 167 30.72 -19.98 -15.01
CA ASN A 167 30.03 -20.93 -14.14
C ASN A 167 28.84 -20.30 -13.44
N LEU A 168 28.97 -19.05 -12.99
CA LEU A 168 27.86 -18.37 -12.34
C LEU A 168 26.68 -18.19 -13.28
N CYS A 169 26.95 -17.84 -14.54
CA CYS A 169 25.87 -17.58 -15.48
C CYS A 169 25.03 -18.81 -15.78
N SER A 170 25.54 -19.98 -15.40
CA SER A 170 24.79 -21.25 -15.59
C SER A 170 24.44 -21.85 -14.23
N ASP A 171 24.01 -21.01 -13.30
CA ASP A 171 23.68 -21.50 -11.93
C ASP A 171 22.26 -22.07 -11.90
N ASP A 172 21.83 -22.57 -10.73
CA ASP A 172 20.46 -23.15 -10.61
C ASP A 172 19.51 -22.08 -10.09
N THR A 173 19.66 -21.68 -8.83
CA THR A 173 18.77 -20.68 -8.22
C THR A 173 18.63 -19.49 -9.14
N PRO A 174 17.43 -19.22 -9.69
CA PRO A 174 17.20 -18.02 -10.53
C PRO A 174 17.78 -16.75 -9.98
N MET A 175 18.00 -16.65 -8.66
CA MET A 175 18.58 -15.41 -8.13
C MET A 175 20.01 -15.19 -8.64
N VAL A 176 20.81 -16.26 -8.67
CA VAL A 176 22.18 -16.13 -9.15
C VAL A 176 22.19 -15.74 -10.63
N ARG A 177 21.33 -16.36 -11.43
CA ARG A 177 21.27 -16.02 -12.84
C ARG A 177 20.79 -14.59 -13.06
N ARG A 178 19.86 -14.11 -12.21
CA ARG A 178 19.46 -12.71 -12.29
C ARG A 178 20.61 -11.78 -12.00
N ALA A 179 21.40 -12.09 -10.96
CA ALA A 179 22.56 -11.25 -10.66
C ALA A 179 23.55 -11.25 -11.81
N ALA A 180 23.81 -12.43 -12.40
CA ALA A 180 24.73 -12.51 -13.52
C ALA A 180 24.23 -11.72 -14.71
N ALA A 181 22.93 -11.83 -15.01
CA ALA A 181 22.37 -11.05 -16.12
C ALA A 181 22.47 -9.56 -15.86
N SER A 182 22.25 -9.13 -14.62
CA SER A 182 22.39 -7.73 -14.28
C SER A 182 23.81 -7.22 -14.45
N LYS A 183 24.82 -8.00 -14.06
CA LYS A 183 26.20 -7.54 -14.12
C LYS A 183 26.91 -7.93 -15.42
N LEU A 184 26.20 -8.57 -16.36
CA LEU A 184 26.82 -8.98 -17.61
C LEU A 184 27.45 -7.80 -18.35
N GLY A 185 26.69 -6.72 -18.54
CA GLY A 185 27.22 -5.59 -19.28
C GLY A 185 28.38 -4.90 -18.57
N GLU A 186 28.24 -4.71 -17.25
CA GLU A 186 29.31 -4.08 -16.48
C GLU A 186 30.59 -4.90 -16.53
N PHE A 187 30.48 -6.23 -16.54
CA PHE A 187 31.67 -7.06 -16.68
C PHE A 187 32.23 -6.98 -18.09
N ALA A 188 31.37 -7.05 -19.10
CA ALA A 188 31.83 -7.06 -20.48
C ALA A 188 32.54 -5.76 -20.83
N LYS A 189 32.18 -4.66 -20.16
CA LYS A 189 32.80 -3.39 -20.50
C LYS A 189 34.30 -3.33 -20.18
N VAL A 190 34.87 -4.36 -19.57
CA VAL A 190 36.29 -4.37 -19.23
C VAL A 190 37.03 -5.55 -19.83
N LEU A 191 36.41 -6.30 -20.73
CA LEU A 191 37.03 -7.47 -21.32
C LEU A 191 37.67 -7.13 -22.67
N GLU A 192 38.67 -7.92 -23.05
CA GLU A 192 39.29 -7.76 -24.36
C GLU A 192 38.27 -8.00 -25.46
N LEU A 193 38.39 -7.24 -26.55
CA LEU A 193 37.37 -7.28 -27.59
C LEU A 193 37.21 -8.68 -28.18
N ASP A 194 38.32 -9.33 -28.53
CA ASP A 194 38.22 -10.69 -29.04
C ASP A 194 37.66 -11.63 -27.98
N ASN A 195 38.13 -11.49 -26.73
CA ASN A 195 37.57 -12.29 -25.65
C ASN A 195 36.10 -11.98 -25.43
N VAL A 196 35.70 -10.72 -25.55
CA VAL A 196 34.28 -10.39 -25.52
C VAL A 196 33.53 -11.21 -26.55
N LYS A 197 33.89 -11.03 -27.82
CA LYS A 197 33.19 -11.70 -28.91
C LYS A 197 33.10 -13.20 -28.67
N SER A 198 34.20 -13.81 -28.22
CA SER A 198 34.25 -15.27 -28.16
C SER A 198 33.77 -15.86 -26.84
N GLU A 199 33.52 -15.04 -25.81
CA GLU A 199 33.14 -15.63 -24.53
C GLU A 199 31.86 -15.04 -23.95
N ILE A 200 31.65 -13.73 -24.09
CA ILE A 200 30.47 -13.13 -23.48
C ILE A 200 29.23 -13.38 -24.33
N ILE A 201 29.38 -13.46 -25.65
CA ILE A 201 28.25 -13.62 -26.55
C ILE A 201 27.53 -14.94 -26.25
N PRO A 202 28.24 -16.07 -26.12
CA PRO A 202 27.54 -17.31 -25.74
C PRO A 202 26.79 -17.17 -24.42
N MET A 203 27.38 -16.48 -23.44
CA MET A 203 26.67 -16.24 -22.19
C MET A 203 25.42 -15.41 -22.42
N PHE A 204 25.53 -14.37 -23.24
CA PHE A 204 24.38 -13.52 -23.52
C PHE A 204 23.26 -14.31 -24.17
N SER A 205 23.60 -15.16 -25.14
CA SER A 205 22.57 -15.97 -25.80
C SER A 205 21.94 -16.95 -24.82
N ASN A 206 22.75 -17.65 -24.03
CA ASN A 206 22.21 -18.60 -23.07
C ASN A 206 21.39 -17.93 -21.98
N LEU A 207 21.61 -16.65 -21.70
CA LEU A 207 20.79 -15.93 -20.75
C LEU A 207 19.59 -15.25 -21.39
N ALA A 208 19.61 -15.03 -22.69
CA ALA A 208 18.45 -14.48 -23.40
C ALA A 208 17.52 -15.55 -23.93
N SER A 209 17.91 -16.82 -23.83
CA SER A 209 16.99 -17.91 -24.16
C SER A 209 16.69 -18.73 -22.91
N ASP A 210 16.50 -18.05 -21.78
CA ASP A 210 16.31 -18.71 -20.50
C ASP A 210 14.90 -19.28 -20.40
N GLU A 211 14.68 -20.09 -19.35
CA GLU A 211 13.37 -20.67 -19.09
C GLU A 211 12.50 -19.83 -18.16
N GLN A 212 13.10 -19.01 -17.31
CA GLN A 212 12.35 -18.02 -16.55
C GLN A 212 12.07 -16.84 -17.47
N ASP A 213 11.60 -15.74 -16.91
CA ASP A 213 11.49 -14.49 -17.65
C ASP A 213 12.10 -13.31 -16.92
N SER A 214 12.29 -13.40 -15.61
CA SER A 214 13.03 -12.37 -14.88
C SER A 214 14.48 -12.28 -15.33
N VAL A 215 14.97 -13.28 -16.05
CA VAL A 215 16.30 -13.26 -16.64
C VAL A 215 16.24 -12.79 -18.09
N ARG A 216 15.27 -13.29 -18.84
CA ARG A 216 15.11 -12.87 -20.23
C ARG A 216 14.81 -11.39 -20.35
N LEU A 217 14.21 -10.77 -19.32
CA LEU A 217 13.95 -9.34 -19.41
C LEU A 217 15.20 -8.51 -19.19
N LEU A 218 16.12 -8.96 -18.33
CA LEU A 218 17.39 -8.26 -18.16
C LEU A 218 18.36 -8.52 -19.31
N ALA A 219 18.14 -9.62 -20.04
CA ALA A 219 18.95 -9.86 -21.22
C ALA A 219 18.86 -8.70 -22.21
N VAL A 220 17.77 -7.94 -22.20
CA VAL A 220 17.63 -6.81 -23.12
C VAL A 220 18.63 -5.70 -22.79
N GLU A 221 18.74 -5.32 -21.52
CA GLU A 221 19.75 -4.32 -21.14
C GLU A 221 21.15 -4.84 -21.40
N ALA A 222 21.39 -6.13 -21.09
CA ALA A 222 22.68 -6.70 -21.45
C ALA A 222 22.95 -6.54 -22.95
N CYS A 223 21.93 -6.75 -23.78
CA CYS A 223 22.09 -6.59 -25.22
C CYS A 223 22.42 -5.15 -25.59
N VAL A 224 21.77 -4.19 -24.95
CA VAL A 224 22.06 -2.78 -25.24
C VAL A 224 23.53 -2.49 -24.98
N ASN A 225 24.03 -2.89 -23.80
CA ASN A 225 25.42 -2.63 -23.47
C ASN A 225 26.37 -3.34 -24.43
N ILE A 226 26.12 -4.62 -24.71
CA ILE A 226 26.99 -5.36 -25.60
C ILE A 226 27.02 -4.72 -26.98
N ALA A 227 25.86 -4.31 -27.50
CA ALA A 227 25.82 -3.66 -28.80
C ALA A 227 26.61 -2.37 -28.79
N GLN A 228 26.47 -1.57 -27.73
CA GLN A 228 27.30 -0.37 -27.64
C GLN A 228 28.78 -0.71 -27.57
N LEU A 229 29.14 -1.93 -27.17
CA LEU A 229 30.55 -2.29 -27.06
C LEU A 229 31.13 -2.71 -28.41
N LEU A 230 30.51 -3.68 -29.09
CA LEU A 230 31.08 -4.25 -30.30
C LEU A 230 31.05 -3.26 -31.47
N PRO A 231 31.88 -3.48 -32.47
CA PRO A 231 31.80 -2.66 -33.69
C PRO A 231 30.55 -2.98 -34.48
N GLN A 232 30.33 -2.21 -35.54
CA GLN A 232 29.10 -2.32 -36.32
C GLN A 232 29.20 -3.32 -37.46
N GLU A 233 30.33 -3.98 -37.64
CA GLU A 233 30.46 -4.98 -38.70
C GLU A 233 30.02 -6.37 -38.26
N ASP A 234 29.67 -6.56 -36.99
CA ASP A 234 29.25 -7.85 -36.48
C ASP A 234 27.86 -7.85 -35.86
N LEU A 235 27.24 -6.68 -35.70
CA LEU A 235 25.92 -6.62 -35.09
C LEU A 235 24.90 -7.47 -35.83
N GLU A 236 25.10 -7.67 -37.14
CA GLU A 236 24.14 -8.46 -37.92
C GLU A 236 24.31 -9.96 -37.72
N ALA A 237 25.38 -10.38 -37.04
CA ALA A 237 25.63 -11.80 -36.83
C ALA A 237 25.78 -12.21 -35.37
N LEU A 238 25.94 -11.25 -34.45
CA LEU A 238 26.17 -11.58 -33.05
C LEU A 238 25.04 -11.15 -32.14
N VAL A 239 24.52 -9.95 -32.29
CA VAL A 239 23.56 -9.36 -31.36
C VAL A 239 22.15 -9.31 -31.95
N MET A 240 22.05 -8.95 -33.23
CA MET A 240 20.74 -8.71 -33.82
C MET A 240 19.78 -9.88 -33.71
N PRO A 241 20.18 -11.13 -33.96
CA PRO A 241 19.21 -12.23 -33.82
C PRO A 241 18.56 -12.28 -32.46
N THR A 242 19.31 -12.04 -31.38
CA THR A 242 18.73 -12.09 -30.05
C THR A 242 17.71 -10.96 -29.84
N LEU A 243 18.02 -9.76 -30.33
CA LEU A 243 17.08 -8.66 -30.21
C LEU A 243 15.81 -8.94 -31.02
N ARG A 244 15.96 -9.49 -32.23
CA ARG A 244 14.79 -9.83 -33.02
C ARG A 244 13.94 -10.87 -32.30
N GLN A 245 14.57 -11.87 -31.68
CA GLN A 245 13.81 -12.86 -30.93
C GLN A 245 13.09 -12.21 -29.75
N ALA A 246 13.77 -11.30 -29.04
CA ALA A 246 13.16 -10.66 -27.89
C ALA A 246 12.00 -9.76 -28.27
N ALA A 247 12.06 -9.11 -29.43
CA ALA A 247 10.96 -8.24 -29.85
C ALA A 247 9.68 -9.02 -30.15
N GLU A 248 9.76 -10.35 -30.28
CA GLU A 248 8.60 -11.20 -30.52
C GLU A 248 8.45 -12.24 -29.41
N ASP A 249 8.88 -11.91 -28.21
CA ASP A 249 8.84 -12.84 -27.10
C ASP A 249 7.40 -13.20 -26.77
N LYS A 250 7.24 -14.13 -25.83
CA LYS A 250 5.92 -14.58 -25.41
C LYS A 250 5.42 -13.91 -24.14
N SER A 251 6.32 -13.56 -23.22
CA SER A 251 5.95 -12.93 -21.97
C SER A 251 5.95 -11.42 -22.16
N TRP A 252 4.82 -10.78 -21.86
CA TRP A 252 4.68 -9.36 -22.16
C TRP A 252 5.69 -8.50 -21.41
N ARG A 253 6.28 -9.01 -20.33
CA ARG A 253 7.30 -8.24 -19.63
C ARG A 253 8.53 -8.00 -20.50
N VAL A 254 8.97 -9.02 -21.25
CA VAL A 254 10.11 -8.85 -22.14
C VAL A 254 9.82 -7.84 -23.23
N ARG A 255 8.62 -7.92 -23.83
CA ARG A 255 8.27 -6.96 -24.86
C ARG A 255 8.17 -5.55 -24.31
N TYR A 256 7.63 -5.39 -23.10
CA TYR A 256 7.60 -4.07 -22.49
C TYR A 256 9.00 -3.54 -22.25
N MET A 257 9.90 -4.40 -21.78
CA MET A 257 11.29 -3.96 -21.56
C MET A 257 11.93 -3.54 -22.87
N VAL A 258 11.69 -4.28 -23.94
CA VAL A 258 12.23 -3.90 -25.25
C VAL A 258 11.68 -2.56 -25.68
N ALA A 259 10.37 -2.35 -25.50
CA ALA A 259 9.76 -1.08 -25.90
C ALA A 259 10.35 0.07 -25.10
N ASP A 260 10.53 -0.11 -23.80
CA ASP A 260 11.04 0.95 -22.94
C ASP A 260 12.49 1.29 -23.25
N LYS A 261 13.21 0.41 -23.95
CA LYS A 261 14.62 0.62 -24.27
C LYS A 261 14.83 0.72 -25.79
N PHE A 262 13.97 1.48 -26.46
CA PHE A 262 14.04 1.53 -27.92
C PHE A 262 14.88 2.68 -28.45
N THR A 263 14.83 3.86 -27.83
CA THR A 263 15.68 4.95 -28.27
C THR A 263 17.16 4.59 -28.08
N GLU A 264 17.50 4.04 -26.93
CA GLU A 264 18.88 3.61 -26.70
C GLU A 264 19.27 2.48 -27.64
N LEU A 265 18.35 1.55 -27.90
CA LEU A 265 18.63 0.47 -28.83
C LEU A 265 18.95 1.02 -30.21
N GLN A 266 18.18 2.02 -30.67
CA GLN A 266 18.45 2.63 -31.96
C GLN A 266 19.80 3.33 -31.96
N LYS A 267 20.07 4.13 -30.93
CA LYS A 267 21.33 4.84 -30.86
C LYS A 267 22.52 3.88 -30.87
N ALA A 268 22.33 2.69 -30.30
CA ALA A 268 23.41 1.70 -30.28
C ALA A 268 23.56 1.04 -31.65
N VAL A 269 22.48 0.46 -32.16
CA VAL A 269 22.55 -0.30 -33.40
C VAL A 269 22.95 0.57 -34.59
N GLY A 270 22.64 1.86 -34.58
CA GLY A 270 23.04 2.73 -35.66
C GLY A 270 21.92 3.01 -36.64
N PRO A 271 22.09 4.05 -37.46
CA PRO A 271 20.99 4.47 -38.32
C PRO A 271 20.64 3.47 -39.41
N GLU A 272 21.63 2.84 -40.03
CA GLU A 272 21.34 1.90 -41.11
C GLU A 272 20.52 0.71 -40.62
N ILE A 273 21.01 0.05 -39.56
CA ILE A 273 20.28 -1.09 -39.02
C ILE A 273 18.93 -0.64 -38.46
N THR A 274 18.90 0.54 -37.83
CA THR A 274 17.63 1.08 -37.36
C THR A 274 16.60 1.11 -38.49
N LYS A 275 16.89 1.88 -39.53
CA LYS A 275 15.95 2.03 -40.63
C LYS A 275 15.62 0.70 -41.29
N THR A 276 16.59 -0.21 -41.38
CA THR A 276 16.35 -1.45 -42.11
C THR A 276 15.50 -2.44 -41.33
N ASP A 277 15.66 -2.50 -40.00
CA ASP A 277 15.05 -3.58 -39.23
C ASP A 277 14.18 -3.13 -38.05
N LEU A 278 14.54 -2.06 -37.35
CA LEU A 278 13.81 -1.74 -36.12
C LEU A 278 12.40 -1.25 -36.39
N VAL A 279 12.19 -0.51 -37.48
CA VAL A 279 10.87 0.06 -37.74
C VAL A 279 9.78 -1.01 -37.75
N PRO A 280 9.94 -2.14 -38.44
CA PRO A 280 8.91 -3.19 -38.34
C PRO A 280 8.67 -3.64 -36.91
N ALA A 281 9.74 -3.75 -36.12
CA ALA A 281 9.59 -4.11 -34.71
C ALA A 281 8.80 -3.05 -33.95
N PHE A 282 9.04 -1.77 -34.25
CA PHE A 282 8.29 -0.71 -33.59
C PHE A 282 6.81 -0.77 -33.95
N GLN A 283 6.50 -1.02 -35.22
CA GLN A 283 5.10 -1.16 -35.62
C GLN A 283 4.44 -2.33 -34.90
N ASN A 284 5.14 -3.47 -34.84
CA ASN A 284 4.59 -4.61 -34.13
C ASN A 284 4.36 -4.29 -32.66
N LEU A 285 5.29 -3.56 -32.03
CA LEU A 285 5.11 -3.16 -30.64
C LEU A 285 3.90 -2.25 -30.47
N MET A 286 3.70 -1.30 -31.38
CA MET A 286 2.52 -0.45 -31.28
C MET A 286 1.23 -1.24 -31.43
N LYS A 287 1.20 -2.21 -32.34
CA LYS A 287 -0.01 -3.00 -32.59
C LYS A 287 -0.11 -4.22 -31.68
N ASP A 288 0.51 -4.16 -30.50
CA ASP A 288 0.51 -5.28 -29.59
C ASP A 288 -0.86 -5.45 -28.93
N CYS A 289 -1.15 -6.68 -28.50
CA CYS A 289 -2.43 -6.98 -27.87
C CYS A 289 -2.50 -6.51 -26.42
N GLU A 290 -1.36 -6.29 -25.77
CA GLU A 290 -1.36 -5.84 -24.39
C GLU A 290 -1.71 -4.35 -24.34
N ALA A 291 -1.67 -3.79 -23.13
CA ALA A 291 -1.89 -2.36 -22.92
C ALA A 291 -0.63 -1.63 -22.46
N GLU A 292 0.10 -2.20 -21.51
CA GLU A 292 1.35 -1.58 -21.08
C GLU A 292 2.36 -1.51 -22.22
N VAL A 293 2.42 -2.54 -23.05
CA VAL A 293 3.32 -2.51 -24.20
C VAL A 293 2.97 -1.36 -25.13
N ARG A 294 1.68 -1.19 -25.42
CA ARG A 294 1.26 -0.10 -26.29
C ARG A 294 1.58 1.26 -25.68
N ALA A 295 1.33 1.42 -24.38
CA ALA A 295 1.64 2.69 -23.73
C ALA A 295 3.13 3.00 -23.80
N ALA A 296 3.97 2.01 -23.47
CA ALA A 296 5.40 2.23 -23.50
C ALA A 296 5.88 2.55 -24.91
N ALA A 297 5.41 1.81 -25.90
CA ALA A 297 5.83 2.06 -27.27
C ALA A 297 5.37 3.42 -27.76
N SER A 298 4.21 3.89 -27.32
CA SER A 298 3.75 5.23 -27.69
C SER A 298 4.56 6.32 -27.02
N HIS A 299 5.00 6.09 -25.78
CA HIS A 299 5.76 7.11 -25.07
C HIS A 299 6.99 7.56 -25.86
N LYS A 300 7.57 6.68 -26.65
CA LYS A 300 8.80 6.98 -27.38
C LYS A 300 8.53 7.26 -28.86
N VAL A 301 7.33 7.73 -29.19
CA VAL A 301 7.02 8.04 -30.58
C VAL A 301 7.86 9.21 -31.07
N LYS A 302 8.03 10.23 -30.22
CA LYS A 302 8.76 11.43 -30.64
C LYS A 302 10.27 11.21 -30.61
N GLU A 303 10.79 10.66 -29.51
CA GLU A 303 12.23 10.45 -29.41
C GLU A 303 12.74 9.54 -30.51
N PHE A 304 11.91 8.60 -30.97
CA PHE A 304 12.33 7.69 -32.04
C PHE A 304 12.34 8.39 -33.39
N CYS A 305 11.20 8.98 -33.77
CA CYS A 305 11.12 9.66 -35.06
C CYS A 305 12.10 10.81 -35.16
N GLU A 306 12.51 11.39 -34.04
CA GLU A 306 13.44 12.51 -34.07
C GLU A 306 14.87 12.10 -34.38
N ASN A 307 15.22 10.82 -34.17
CA ASN A 307 16.58 10.35 -34.38
C ASN A 307 16.73 9.52 -35.65
N LEU A 308 15.68 9.42 -36.46
CA LEU A 308 15.78 8.68 -37.70
C LEU A 308 16.73 9.39 -38.66
N SER A 309 17.17 8.66 -39.69
CA SER A 309 18.09 9.22 -40.66
C SER A 309 17.46 10.41 -41.37
N ALA A 310 18.27 11.45 -41.61
CA ALA A 310 17.78 12.64 -42.28
C ALA A 310 17.50 12.40 -43.76
N ASP A 311 18.07 11.33 -44.33
CA ASP A 311 17.88 11.08 -45.76
C ASP A 311 16.41 10.84 -46.09
N CYS A 312 15.73 10.00 -45.31
CA CYS A 312 14.35 9.63 -45.58
C CYS A 312 13.46 9.75 -44.36
N ARG A 313 13.74 10.71 -43.48
CA ARG A 313 12.94 10.86 -42.27
C ARG A 313 11.48 11.12 -42.60
N GLU A 314 11.21 12.13 -43.44
CA GLU A 314 9.84 12.49 -43.74
C GLU A 314 9.10 11.37 -44.47
N ASN A 315 9.78 10.73 -45.43
CA ASN A 315 9.17 9.61 -46.18
C ASN A 315 8.75 8.51 -45.21
N VAL A 316 9.73 7.89 -44.53
CA VAL A 316 9.42 6.76 -43.61
C VAL A 316 8.28 7.18 -42.67
N ILE A 317 8.48 8.30 -41.96
CA ILE A 317 7.44 8.77 -40.98
C ILE A 317 6.06 8.74 -41.66
N MET A 318 5.95 9.27 -42.88
CA MET A 318 4.62 9.35 -43.48
C MET A 318 4.19 8.05 -44.12
N SER A 319 5.14 7.16 -44.42
CA SER A 319 4.79 5.91 -45.07
C SER A 319 4.61 4.75 -44.11
N GLN A 320 5.26 4.78 -42.95
CA GLN A 320 5.23 3.64 -42.04
C GLN A 320 4.63 3.96 -40.69
N ILE A 321 5.00 5.08 -40.07
CA ILE A 321 4.62 5.32 -38.68
C ILE A 321 3.29 6.04 -38.53
N LEU A 322 2.92 6.89 -39.49
CA LEU A 322 1.74 7.73 -39.36
C LEU A 322 0.48 6.91 -39.15
N PRO A 323 0.24 5.87 -39.95
CA PRO A 323 -0.98 5.08 -39.77
C PRO A 323 -1.11 4.46 -38.38
N CYS A 324 0.01 4.04 -37.79
CA CYS A 324 -0.05 3.47 -36.45
C CYS A 324 -0.52 4.51 -35.43
N ILE A 325 0.00 5.74 -35.53
CA ILE A 325 -0.46 6.79 -34.64
C ILE A 325 -1.93 7.11 -34.89
N LYS A 326 -2.32 7.12 -36.16
CA LYS A 326 -3.72 7.40 -36.48
C LYS A 326 -4.65 6.37 -35.84
N GLU A 327 -4.25 5.10 -35.87
CA GLU A 327 -5.06 4.08 -35.20
C GLU A 327 -5.00 4.22 -33.68
N LEU A 328 -3.83 4.52 -33.13
CA LEU A 328 -3.69 4.62 -31.69
C LEU A 328 -4.49 5.78 -31.12
N VAL A 329 -4.73 6.82 -31.92
CA VAL A 329 -5.43 8.00 -31.42
C VAL A 329 -6.81 7.62 -30.89
N SER A 330 -7.48 6.69 -31.57
CA SER A 330 -8.82 6.24 -31.20
C SER A 330 -8.78 4.94 -30.40
N ASP A 331 -7.75 4.76 -29.58
CA ASP A 331 -7.61 3.53 -28.81
C ASP A 331 -8.66 3.47 -27.70
N ALA A 332 -8.82 2.28 -27.14
CA ALA A 332 -9.79 2.04 -26.08
C ALA A 332 -9.22 2.31 -24.69
N ASN A 333 -7.93 2.10 -24.49
CA ASN A 333 -7.35 2.32 -23.18
C ASN A 333 -7.13 3.81 -22.94
N GLN A 334 -6.91 4.16 -21.67
CA GLN A 334 -6.73 5.56 -21.29
C GLN A 334 -5.26 5.96 -21.23
N HIS A 335 -4.43 5.10 -20.64
CA HIS A 335 -3.00 5.42 -20.56
C HIS A 335 -2.39 5.57 -21.95
N VAL A 336 -2.79 4.71 -22.89
CA VAL A 336 -2.26 4.81 -24.24
C VAL A 336 -2.59 6.18 -24.84
N LYS A 337 -3.85 6.60 -24.74
CA LYS A 337 -4.26 7.87 -25.31
C LYS A 337 -3.53 9.03 -24.64
N SER A 338 -3.43 9.01 -23.32
CA SER A 338 -2.76 10.10 -22.62
C SER A 338 -1.29 10.18 -23.02
N ALA A 339 -0.60 9.04 -23.05
CA ALA A 339 0.79 9.04 -23.42
C ALA A 339 1.00 9.52 -24.85
N LEU A 340 0.15 9.08 -25.78
CA LEU A 340 0.29 9.54 -27.16
C LEU A 340 0.04 11.03 -27.27
N ALA A 341 -0.97 11.53 -26.55
CA ALA A 341 -1.27 12.96 -26.60
C ALA A 341 -0.12 13.79 -26.07
N SER A 342 0.50 13.34 -24.98
CA SER A 342 1.54 14.14 -24.35
C SER A 342 2.75 14.39 -25.24
N VAL A 343 2.92 13.62 -26.31
CA VAL A 343 4.14 13.72 -27.10
C VAL A 343 3.85 13.84 -28.59
N ILE A 344 2.57 13.79 -28.97
CA ILE A 344 2.25 13.94 -30.39
C ILE A 344 2.74 15.29 -30.91
N MET A 345 3.12 16.21 -30.03
CA MET A 345 3.46 17.58 -30.53
C MET A 345 4.87 17.62 -31.14
N GLY A 346 5.71 16.60 -30.90
CA GLY A 346 7.03 16.57 -31.48
C GLY A 346 7.08 16.21 -32.95
N LEU A 347 6.01 15.62 -33.46
CA LEU A 347 5.93 15.26 -34.87
C LEU A 347 5.62 16.45 -35.77
N SER A 348 5.08 17.55 -35.21
CA SER A 348 4.72 18.67 -36.06
C SER A 348 5.94 19.31 -36.73
N PRO A 349 7.02 19.61 -36.02
CA PRO A 349 8.16 20.28 -36.65
C PRO A 349 9.04 19.37 -37.50
N ILE A 350 8.55 18.20 -37.86
CA ILE A 350 9.38 17.21 -38.62
C ILE A 350 8.93 17.17 -40.09
N LEU A 351 7.85 17.87 -40.43
CA LEU A 351 7.28 17.78 -41.76
C LEU A 351 7.41 19.06 -42.57
N GLY A 352 7.19 20.21 -41.95
CA GLY A 352 7.27 21.48 -42.64
C GLY A 352 5.98 22.27 -42.53
N LYS A 353 5.08 21.77 -41.69
CA LYS A 353 3.77 22.36 -41.40
C LYS A 353 2.79 22.15 -42.56
N ASP A 354 3.29 21.73 -43.72
CA ASP A 354 2.40 21.43 -44.83
C ASP A 354 1.72 20.09 -44.58
N ASN A 355 2.53 19.03 -44.46
CA ASN A 355 1.99 17.76 -44.02
C ASN A 355 1.31 17.89 -42.66
N THR A 356 1.79 18.82 -41.83
CA THR A 356 1.11 19.09 -40.56
C THR A 356 -0.35 19.42 -40.80
N ILE A 357 -0.60 20.50 -41.54
CA ILE A 357 -2.01 20.92 -41.79
C ILE A 357 -2.75 19.78 -42.53
N GLU A 358 -2.07 19.06 -43.42
CA GLU A 358 -2.75 18.06 -44.22
C GLU A 358 -3.25 16.89 -43.37
N HIS A 359 -2.44 16.36 -42.44
CA HIS A 359 -2.95 15.16 -41.73
C HIS A 359 -2.83 15.25 -40.20
N LEU A 360 -1.98 16.13 -39.68
CA LEU A 360 -1.80 16.15 -38.20
C LEU A 360 -3.01 16.84 -37.56
N LEU A 361 -3.56 17.86 -38.23
CA LEU A 361 -4.70 18.64 -37.67
C LEU A 361 -5.85 17.73 -37.19
N PRO A 362 -6.43 16.82 -38.00
CA PRO A 362 -7.60 16.00 -37.55
C PRO A 362 -7.33 15.38 -36.19
N LEU A 363 -6.27 14.57 -36.08
CA LEU A 363 -5.92 13.92 -34.83
C LEU A 363 -5.97 14.91 -33.69
N PHE A 364 -5.52 16.14 -33.94
CA PHE A 364 -5.48 17.15 -32.88
C PHE A 364 -6.90 17.44 -32.38
N LEU A 365 -7.83 17.65 -33.33
CA LEU A 365 -9.22 17.88 -32.96
C LEU A 365 -9.84 16.68 -32.27
N ALA A 366 -9.55 15.46 -32.74
CA ALA A 366 -10.08 14.29 -32.07
C ALA A 366 -9.62 14.26 -30.62
N GLN A 367 -8.32 14.49 -30.39
CA GLN A 367 -7.82 14.49 -29.03
C GLN A 367 -8.47 15.58 -28.19
N LEU A 368 -8.61 16.78 -28.73
CA LEU A 368 -9.24 17.85 -27.96
C LEU A 368 -10.69 17.50 -27.62
N LYS A 369 -11.42 16.94 -28.59
CA LYS A 369 -12.81 16.58 -28.40
C LYS A 369 -13.00 15.35 -27.53
N ASP A 370 -11.91 14.67 -27.16
CA ASP A 370 -12.02 13.49 -26.31
C ASP A 370 -12.73 13.85 -25.01
N GLU A 371 -13.64 12.98 -24.56
CA GLU A 371 -14.40 13.23 -23.35
C GLU A 371 -13.72 12.70 -22.10
N CYS A 372 -12.48 12.21 -22.21
CA CYS A 372 -11.73 11.77 -21.05
C CYS A 372 -10.79 12.87 -20.59
N PRO A 373 -10.61 13.04 -19.28
CA PRO A 373 -9.73 14.11 -18.79
C PRO A 373 -8.26 13.78 -18.91
N GLU A 374 -7.43 14.81 -18.75
CA GLU A 374 -5.97 14.72 -18.77
C GLU A 374 -5.46 14.54 -20.19
N VAL A 375 -6.34 14.12 -21.10
CA VAL A 375 -5.95 14.10 -22.51
C VAL A 375 -5.98 15.52 -23.07
N ARG A 376 -7.05 16.25 -22.77
CA ARG A 376 -7.10 17.65 -23.14
C ARG A 376 -5.97 18.43 -22.47
N LEU A 377 -5.69 18.13 -21.20
CA LEU A 377 -4.62 18.84 -20.50
C LEU A 377 -3.27 18.60 -21.18
N ASN A 378 -2.96 17.35 -21.50
CA ASN A 378 -1.68 17.06 -22.15
C ASN A 378 -1.62 17.69 -23.55
N ILE A 379 -2.70 17.60 -24.32
CA ILE A 379 -2.68 18.17 -25.65
C ILE A 379 -2.52 19.69 -25.61
N ILE A 380 -3.16 20.34 -24.64
CA ILE A 380 -3.07 21.79 -24.54
C ILE A 380 -1.68 22.23 -24.09
N SER A 381 -1.12 21.53 -23.09
CA SER A 381 0.08 22.03 -22.44
C SER A 381 1.26 22.16 -23.40
N ASN A 382 1.25 21.37 -24.48
CA ASN A 382 2.42 21.36 -25.40
C ASN A 382 2.09 22.05 -26.72
N LEU A 383 1.04 22.87 -26.75
CA LEU A 383 0.60 23.53 -28.02
C LEU A 383 1.74 24.34 -28.63
N ASP A 384 2.74 24.72 -27.82
CA ASP A 384 3.84 25.59 -28.32
C ASP A 384 4.33 25.10 -29.69
N CYS A 385 4.50 23.78 -29.85
CA CYS A 385 5.04 23.23 -31.11
C CYS A 385 4.28 23.82 -32.33
N VAL A 386 3.00 23.46 -32.49
CA VAL A 386 2.24 23.93 -33.69
C VAL A 386 2.22 25.47 -33.66
N ASN A 387 2.11 26.07 -32.48
CA ASN A 387 2.16 27.56 -32.40
C ASN A 387 3.43 28.04 -33.12
N GLU A 388 4.56 27.38 -32.91
CA GLU A 388 5.83 27.84 -33.51
C GLU A 388 6.03 27.19 -34.89
N VAL A 389 5.06 26.39 -35.34
CA VAL A 389 5.20 25.67 -36.64
C VAL A 389 4.07 26.11 -37.58
N ILE A 390 2.82 26.02 -37.12
CA ILE A 390 1.65 26.36 -37.98
C ILE A 390 1.18 27.79 -37.68
N GLY A 391 1.70 28.43 -36.63
CA GLY A 391 1.19 29.75 -36.24
C GLY A 391 -0.19 29.59 -35.65
N ILE A 392 -0.29 29.29 -34.35
CA ILE A 392 -1.61 28.99 -33.74
C ILE A 392 -2.66 30.02 -34.17
N ARG A 393 -2.27 31.24 -34.58
CA ARG A 393 -3.35 32.15 -34.93
C ARG A 393 -4.27 31.49 -35.95
N GLN A 394 -3.70 30.66 -36.82
CA GLN A 394 -4.49 29.93 -37.80
C GLN A 394 -5.45 28.96 -37.11
N LEU A 395 -4.96 28.24 -36.10
CA LEU A 395 -5.81 27.17 -35.48
C LEU A 395 -6.65 27.72 -34.32
N SER A 396 -6.50 28.99 -33.96
CA SER A 396 -7.22 29.50 -32.80
C SER A 396 -8.72 29.26 -32.93
N GLN A 397 -9.23 29.29 -34.16
CA GLN A 397 -10.66 29.06 -34.36
C GLN A 397 -11.08 27.69 -33.82
N SER A 398 -10.17 26.72 -33.84
CA SER A 398 -10.46 25.40 -33.29
C SER A 398 -10.05 25.31 -31.82
N LEU A 399 -8.96 25.97 -31.44
CA LEU A 399 -8.56 25.95 -30.03
C LEU A 399 -9.63 26.53 -29.12
N LEU A 400 -10.24 27.64 -29.54
CA LEU A 400 -11.19 28.34 -28.69
C LEU A 400 -12.32 27.46 -28.16
N PRO A 401 -13.03 26.69 -28.99
CA PRO A 401 -14.08 25.83 -28.43
C PRO A 401 -13.55 24.83 -27.41
N ALA A 402 -12.37 24.24 -27.66
CA ALA A 402 -11.84 23.25 -26.74
C ALA A 402 -11.44 23.89 -25.41
N ILE A 403 -10.74 25.02 -25.47
CA ILE A 403 -10.33 25.70 -24.24
C ILE A 403 -11.56 26.15 -23.45
N VAL A 404 -12.56 26.71 -24.14
CA VAL A 404 -13.76 27.17 -23.46
C VAL A 404 -14.58 26.04 -22.86
N GLU A 405 -14.63 24.88 -23.51
CA GLU A 405 -15.33 23.73 -22.93
C GLU A 405 -14.55 23.08 -21.80
N LEU A 406 -13.22 23.20 -21.82
CA LEU A 406 -12.40 22.57 -20.75
C LEU A 406 -12.35 23.49 -19.52
N ALA A 407 -12.59 24.78 -19.71
CA ALA A 407 -12.51 25.73 -18.56
C ALA A 407 -13.62 25.43 -17.55
N GLU A 408 -14.75 24.88 -18.02
CA GLU A 408 -15.88 24.62 -17.14
C GLU A 408 -16.10 23.11 -17.08
N ASP A 409 -15.98 22.55 -15.88
CA ASP A 409 -16.15 21.11 -15.68
C ASP A 409 -16.80 20.89 -14.31
N ALA A 410 -16.88 19.63 -13.91
CA ALA A 410 -17.48 19.31 -12.58
C ALA A 410 -16.37 19.40 -11.52
N LYS A 411 -15.54 18.37 -11.42
CA LYS A 411 -14.41 18.39 -10.45
C LYS A 411 -13.50 19.59 -10.78
N TRP A 412 -13.01 20.27 -9.73
CA TRP A 412 -12.17 21.47 -9.96
C TRP A 412 -10.72 21.06 -10.22
N ARG A 413 -10.42 19.76 -10.14
CA ARG A 413 -9.05 19.27 -10.41
C ARG A 413 -8.68 19.62 -11.87
N VAL A 414 -9.49 19.17 -12.83
CA VAL A 414 -9.24 19.56 -14.25
C VAL A 414 -9.25 21.09 -14.31
N ARG A 415 -10.19 21.72 -13.60
CA ARG A 415 -10.28 23.20 -13.60
C ARG A 415 -8.98 23.79 -13.06
N LEU A 416 -8.29 23.07 -12.17
CA LEU A 416 -7.04 23.62 -11.57
C LEU A 416 -5.86 23.36 -12.54
N ALA A 417 -5.85 22.20 -13.19
CA ALA A 417 -4.70 21.88 -14.07
C ALA A 417 -4.73 22.79 -15.31
N ILE A 418 -5.93 23.10 -15.80
CA ILE A 418 -6.06 23.96 -17.01
C ILE A 418 -5.81 25.43 -16.62
N ILE A 419 -6.19 25.82 -15.41
CA ILE A 419 -5.91 27.22 -14.95
C ILE A 419 -4.40 27.35 -14.76
N GLU A 420 -3.71 26.28 -14.31
CA GLU A 420 -2.26 26.32 -14.28
C GLU A 420 -1.67 26.48 -15.66
N TYR A 421 -2.24 25.79 -16.66
CA TYR A 421 -1.74 25.89 -18.03
C TYR A 421 -2.14 27.18 -18.73
N MET A 422 -3.09 27.93 -18.18
CA MET A 422 -3.62 29.12 -18.84
C MET A 422 -2.55 30.14 -19.22
N PRO A 423 -1.61 30.52 -18.35
CA PRO A 423 -0.74 31.66 -18.70
C PRO A 423 0.08 31.46 -19.96
N LEU A 424 0.55 30.25 -20.22
CA LEU A 424 1.32 30.02 -21.44
C LEU A 424 0.49 30.31 -22.68
N LEU A 425 -0.73 29.78 -22.72
CA LEU A 425 -1.61 30.04 -23.86
C LEU A 425 -1.97 31.50 -23.96
N ALA A 426 -2.22 32.15 -22.81
CA ALA A 426 -2.53 33.57 -22.82
C ALA A 426 -1.40 34.37 -23.46
N GLY A 427 -0.16 34.06 -23.07
CA GLY A 427 0.98 34.72 -23.69
C GLY A 427 1.17 34.39 -25.15
N GLN A 428 0.85 33.17 -25.56
CA GLN A 428 1.06 32.74 -26.94
C GLN A 428 -0.08 33.12 -27.88
N LEU A 429 -1.20 33.62 -27.37
CA LEU A 429 -2.36 33.90 -28.22
C LEU A 429 -2.35 35.33 -28.78
N GLY A 430 -2.38 36.33 -27.90
CA GLY A 430 -2.45 37.71 -28.35
C GLY A 430 -3.11 38.64 -27.36
N VAL A 431 -3.33 39.90 -27.77
CA VAL A 431 -3.88 40.91 -26.88
C VAL A 431 -5.36 41.16 -27.18
N GLU A 432 -5.64 41.65 -28.39
CA GLU A 432 -7.02 41.94 -28.77
C GLU A 432 -7.87 40.68 -28.79
N PHE A 433 -7.33 39.60 -29.33
CA PHE A 433 -8.06 38.34 -29.35
C PHE A 433 -8.42 37.89 -27.94
N PHE A 434 -7.45 37.94 -27.03
CA PHE A 434 -7.73 37.56 -25.65
C PHE A 434 -8.81 38.45 -25.05
N ASP A 435 -8.61 39.76 -25.14
CA ASP A 435 -9.57 40.72 -24.51
C ASP A 435 -10.94 40.62 -25.18
N GLU A 436 -10.99 40.34 -26.48
CA GLU A 436 -12.30 40.32 -27.19
C GLU A 436 -13.03 38.99 -26.91
N LYS A 437 -12.35 38.03 -26.30
CA LYS A 437 -12.98 36.69 -26.11
C LYS A 437 -12.81 36.18 -24.68
N LEU A 438 -11.62 35.72 -24.33
CA LEU A 438 -11.44 35.09 -23.02
C LEU A 438 -11.57 36.08 -21.87
N ASN A 439 -11.93 37.33 -22.16
CA ASN A 439 -12.13 38.27 -21.00
C ASN A 439 -13.37 37.81 -20.23
N SER A 440 -14.45 37.45 -20.93
CA SER A 440 -15.64 36.91 -20.25
C SER A 440 -15.21 35.80 -19.28
N LEU A 441 -14.42 34.85 -19.77
CA LEU A 441 -13.94 33.71 -18.93
C LEU A 441 -13.22 34.26 -17.70
N CYS A 442 -12.20 35.10 -17.90
CA CYS A 442 -11.42 35.64 -16.77
C CYS A 442 -12.35 36.09 -15.63
N MET A 443 -13.40 36.85 -15.94
CA MET A 443 -14.27 37.39 -14.87
C MET A 443 -14.87 36.23 -14.05
N ALA A 444 -15.47 35.25 -14.73
CA ALA A 444 -16.09 34.10 -14.03
C ALA A 444 -15.06 33.40 -13.15
N TRP A 445 -13.84 33.23 -13.64
CA TRP A 445 -12.78 32.52 -12.87
C TRP A 445 -12.63 33.12 -11.46
N LEU A 446 -12.70 34.44 -11.33
CA LEU A 446 -12.47 35.09 -10.02
C LEU A 446 -13.63 34.79 -9.05
N VAL A 447 -14.84 34.56 -9.57
CA VAL A 447 -16.00 34.33 -8.72
C VAL A 447 -16.30 32.85 -8.64
N ASP A 448 -15.36 32.02 -9.08
CA ASP A 448 -15.53 30.58 -8.98
C ASP A 448 -15.75 30.17 -7.52
N HIS A 449 -16.26 28.95 -7.34
CA HIS A 449 -16.61 28.49 -6.00
C HIS A 449 -15.39 27.99 -5.23
N VAL A 450 -14.73 26.94 -5.73
CA VAL A 450 -13.62 26.36 -5.00
C VAL A 450 -12.51 27.40 -4.86
N TYR A 451 -11.95 27.49 -3.64
CA TYR A 451 -11.06 28.60 -3.32
C TYR A 451 -9.74 28.48 -4.06
N ALA A 452 -9.25 27.26 -4.26
CA ALA A 452 -8.00 27.06 -4.97
C ALA A 452 -8.06 27.65 -6.37
N ILE A 453 -9.22 27.54 -7.03
CA ILE A 453 -9.39 28.17 -8.33
C ILE A 453 -9.31 29.68 -8.21
N ARG A 454 -9.80 30.24 -7.11
CA ARG A 454 -9.66 31.67 -6.89
C ARG A 454 -8.19 32.06 -6.75
N GLU A 455 -7.41 31.27 -5.99
CA GLU A 455 -5.98 31.51 -5.90
C GLU A 455 -5.34 31.50 -7.28
N ALA A 456 -5.65 30.47 -8.07
CA ALA A 456 -5.05 30.34 -9.39
C ALA A 456 -5.45 31.47 -10.31
N ALA A 457 -6.71 31.91 -10.27
CA ALA A 457 -7.14 33.03 -11.09
C ALA A 457 -6.43 34.30 -10.71
N THR A 458 -6.28 34.56 -9.40
CA THR A 458 -5.55 35.74 -8.98
C THR A 458 -4.09 35.68 -9.42
N SER A 459 -3.46 34.52 -9.28
CA SER A 459 -2.07 34.37 -9.70
C SER A 459 -1.92 34.56 -11.20
N ASN A 460 -2.85 34.03 -11.98
CA ASN A 460 -2.80 34.20 -13.43
C ASN A 460 -3.03 35.65 -13.83
N LEU A 461 -3.92 36.33 -13.10
CA LEU A 461 -4.10 37.78 -13.37
C LEU A 461 -2.73 38.44 -13.14
N LYS A 462 -2.10 38.16 -11.99
CA LYS A 462 -0.81 38.75 -11.69
C LYS A 462 0.19 38.49 -12.81
N LYS A 463 0.24 37.24 -13.29
CA LYS A 463 1.17 36.89 -14.35
C LYS A 463 0.87 37.66 -15.62
N LEU A 464 -0.40 37.78 -15.98
CA LEU A 464 -0.78 38.50 -17.19
C LEU A 464 -0.41 39.98 -17.07
N VAL A 465 -0.80 40.58 -15.95
CA VAL A 465 -0.56 42.05 -15.78
C VAL A 465 0.96 42.26 -15.66
N GLU A 466 1.72 41.22 -15.32
CA GLU A 466 3.19 41.35 -15.29
C GLU A 466 3.71 41.15 -16.72
N LYS A 467 2.91 40.51 -17.58
CA LYS A 467 3.30 40.33 -18.99
C LYS A 467 2.64 41.43 -19.84
N PHE A 468 1.60 42.08 -19.29
CA PHE A 468 0.88 43.15 -20.03
C PHE A 468 1.21 44.48 -19.39
N GLY A 469 2.02 44.49 -18.33
CA GLY A 469 2.28 45.73 -17.65
C GLY A 469 1.04 46.46 -17.17
N LYS A 470 1.10 47.79 -17.26
CA LYS A 470 0.15 48.66 -16.59
C LYS A 470 -1.07 48.98 -17.45
N GLU A 471 -0.83 49.48 -18.67
CA GLU A 471 -1.90 50.10 -19.44
C GLU A 471 -3.04 49.13 -19.73
N TRP A 472 -2.73 47.90 -20.12
CA TRP A 472 -3.79 46.94 -20.44
C TRP A 472 -4.66 46.67 -19.21
N ALA A 473 -4.03 46.43 -18.07
CA ALA A 473 -4.79 46.20 -16.84
C ALA A 473 -5.67 47.40 -16.52
N HIS A 474 -5.08 48.60 -16.55
CA HIS A 474 -5.81 49.81 -16.22
C HIS A 474 -7.01 50.00 -17.15
N ALA A 475 -6.86 49.56 -18.39
CA ALA A 475 -7.95 49.71 -19.38
C ALA A 475 -8.90 48.50 -19.38
N THR A 476 -8.68 47.50 -18.52
CA THR A 476 -9.53 46.28 -18.61
C THR A 476 -10.09 45.87 -17.26
N ILE A 477 -9.27 45.24 -16.41
CA ILE A 477 -9.81 44.67 -15.12
C ILE A 477 -10.13 45.76 -14.10
N ILE A 478 -9.28 46.77 -13.94
CA ILE A 478 -9.46 47.82 -12.88
C ILE A 478 -10.96 48.04 -12.53
N PRO A 479 -11.87 48.40 -13.46
CA PRO A 479 -13.27 48.68 -13.09
C PRO A 479 -14.04 47.45 -12.65
N LYS A 480 -13.81 46.32 -13.30
CA LYS A 480 -14.55 45.10 -12.96
C LYS A 480 -14.18 44.62 -11.56
N VAL A 481 -12.88 44.52 -11.27
CA VAL A 481 -12.45 44.08 -9.95
C VAL A 481 -12.90 45.08 -8.88
N LEU A 482 -12.88 46.36 -9.22
CA LEU A 482 -13.28 47.41 -8.25
C LEU A 482 -14.77 47.20 -7.91
N ALA A 483 -15.61 47.01 -8.94
CA ALA A 483 -17.04 46.84 -8.72
C ALA A 483 -17.38 45.48 -8.12
N MET A 484 -16.46 44.52 -8.17
CA MET A 484 -16.70 43.19 -7.61
C MET A 484 -16.88 43.24 -6.09
N SER A 485 -16.72 44.43 -5.50
CA SER A 485 -16.74 44.59 -4.06
C SER A 485 -18.14 44.78 -3.48
N GLY A 486 -19.19 44.34 -4.18
CA GLY A 486 -20.53 44.50 -3.67
C GLY A 486 -21.25 43.18 -3.43
N ASP A 487 -20.57 42.07 -3.67
CA ASP A 487 -21.20 40.77 -3.53
C ASP A 487 -21.54 40.49 -2.07
N PRO A 488 -22.64 39.77 -1.81
CA PRO A 488 -22.97 39.45 -0.42
C PRO A 488 -21.96 38.54 0.25
N ASN A 489 -21.62 37.43 -0.41
CA ASN A 489 -20.64 36.50 0.13
C ASN A 489 -19.32 37.22 0.40
N TYR A 490 -18.92 37.26 1.67
CA TYR A 490 -17.69 37.95 2.04
C TYR A 490 -16.47 37.38 1.34
N LEU A 491 -16.54 36.12 0.90
CA LEU A 491 -15.41 35.53 0.20
C LEU A 491 -15.11 36.28 -1.08
N HIS A 492 -16.13 36.70 -1.82
CA HIS A 492 -15.91 37.43 -3.06
C HIS A 492 -15.31 38.82 -2.83
N ARG A 493 -15.61 39.45 -1.70
CA ARG A 493 -14.96 40.73 -1.38
C ARG A 493 -13.51 40.51 -0.97
N MET A 494 -13.25 39.49 -0.16
CA MET A 494 -11.86 39.17 0.13
C MET A 494 -11.09 38.84 -1.15
N THR A 495 -11.73 38.24 -2.14
CA THR A 495 -11.05 37.98 -3.39
C THR A 495 -10.61 39.27 -4.05
N THR A 496 -11.47 40.30 -4.03
CA THR A 496 -11.04 41.62 -4.49
C THR A 496 -9.88 42.13 -3.66
N LEU A 497 -9.88 41.83 -2.37
CA LEU A 497 -8.76 42.28 -1.52
C LEU A 497 -7.44 41.65 -1.95
N PHE A 498 -7.41 40.33 -2.13
CA PHE A 498 -6.19 39.68 -2.60
C PHE A 498 -5.81 40.16 -4.00
N CYS A 499 -6.80 40.40 -4.85
CA CYS A 499 -6.49 40.93 -6.18
C CYS A 499 -5.82 42.30 -6.08
N ILE A 500 -6.35 43.15 -5.19
CA ILE A 500 -5.71 44.49 -4.98
C ILE A 500 -4.26 44.25 -4.50
N ASN A 501 -4.09 43.39 -3.49
CA ASN A 501 -2.75 43.17 -2.94
C ASN A 501 -1.78 42.73 -4.04
N VAL A 502 -2.23 41.82 -4.92
CA VAL A 502 -1.36 41.28 -5.96
C VAL A 502 -1.17 42.23 -7.12
N LEU A 503 -2.10 43.16 -7.35
CA LEU A 503 -2.05 44.04 -8.51
C LEU A 503 -1.56 45.45 -8.21
N SER A 504 -1.44 45.83 -6.94
CA SER A 504 -0.95 47.18 -6.64
C SER A 504 0.48 47.36 -7.12
N GLU A 505 1.36 46.40 -6.83
CA GLU A 505 2.76 46.50 -7.20
C GLU A 505 2.97 46.46 -8.71
N VAL A 506 1.98 46.06 -9.49
CA VAL A 506 2.08 46.08 -10.94
C VAL A 506 1.35 47.24 -11.58
N CYS A 507 0.33 47.79 -10.93
CA CYS A 507 -0.42 48.92 -11.46
C CYS A 507 0.15 50.26 -11.05
N GLY A 508 0.91 50.32 -9.95
CA GLY A 508 1.56 51.55 -9.57
C GLY A 508 0.78 52.36 -8.55
N GLN A 509 1.52 52.95 -7.60
CA GLN A 509 0.90 53.76 -6.55
C GLN A 509 0.17 54.97 -7.13
N ASP A 510 0.62 55.49 -8.27
CA ASP A 510 -0.02 56.66 -8.85
C ASP A 510 -1.49 56.41 -9.16
N ILE A 511 -1.85 55.15 -9.42
CA ILE A 511 -3.24 54.81 -9.71
C ILE A 511 -3.89 54.06 -8.56
N THR A 512 -3.17 53.19 -7.85
CA THR A 512 -3.77 52.43 -6.76
C THR A 512 -4.35 53.36 -5.70
N THR A 513 -3.47 54.15 -5.07
CA THR A 513 -3.89 55.09 -4.00
C THR A 513 -4.89 56.07 -4.51
N LYS A 514 -4.85 56.38 -5.81
CA LYS A 514 -5.70 57.42 -6.37
C LYS A 514 -7.12 56.95 -6.64
N HIS A 515 -7.27 55.65 -6.94
CA HIS A 515 -8.62 55.11 -7.28
C HIS A 515 -8.95 53.88 -6.41
N MET A 516 -8.07 52.88 -6.38
CA MET A 516 -8.38 51.62 -5.66
C MET A 516 -8.31 51.83 -4.14
N LEU A 517 -7.26 52.49 -3.64
CA LEU A 517 -7.10 52.64 -2.16
C LEU A 517 -8.40 53.15 -1.51
N PRO A 518 -9.02 54.30 -1.90
CA PRO A 518 -10.20 54.77 -1.17
C PRO A 518 -11.26 53.70 -1.01
N THR A 519 -11.42 52.84 -2.01
CA THR A 519 -12.38 51.73 -1.88
C THR A 519 -11.92 50.84 -0.75
N VAL A 520 -10.63 50.50 -0.72
CA VAL A 520 -10.11 49.63 0.34
C VAL A 520 -10.41 50.22 1.71
N LEU A 521 -10.15 51.52 1.84
CA LEU A 521 -10.42 52.22 3.13
C LEU A 521 -11.91 52.14 3.45
N ARG A 522 -12.77 52.16 2.42
CA ARG A 522 -14.22 52.00 2.66
C ARG A 522 -14.48 50.57 3.15
N MET A 523 -13.88 49.58 2.47
CA MET A 523 -14.05 48.16 2.87
C MET A 523 -13.61 47.96 4.32
N ALA A 524 -12.65 48.77 4.79
CA ALA A 524 -12.13 48.61 6.16
C ALA A 524 -13.28 48.55 7.16
N GLY A 525 -14.42 49.19 6.86
CA GLY A 525 -15.48 49.20 7.85
C GLY A 525 -16.56 48.18 7.57
N ASP A 526 -16.16 46.99 7.15
CA ASP A 526 -17.11 45.93 6.84
C ASP A 526 -17.76 45.41 8.12
N PRO A 527 -19.02 44.96 8.04
CA PRO A 527 -19.70 44.47 9.25
C PRO A 527 -19.28 43.07 9.64
N VAL A 528 -18.23 42.57 8.97
CA VAL A 528 -17.68 41.21 9.27
C VAL A 528 -16.21 41.38 9.66
N ALA A 529 -15.79 40.83 10.80
CA ALA A 529 -14.39 40.94 11.25
C ALA A 529 -13.46 40.29 10.22
N ASN A 530 -13.93 39.23 9.57
CA ASN A 530 -13.09 38.51 8.57
C ASN A 530 -12.53 39.49 7.53
N VAL A 531 -13.23 40.60 7.29
CA VAL A 531 -12.77 41.59 6.28
C VAL A 531 -11.93 42.67 6.97
N ARG A 532 -12.33 43.12 8.16
CA ARG A 532 -11.55 44.14 8.86
C ARG A 532 -10.08 43.75 8.94
N PHE A 533 -9.80 42.54 9.43
CA PHE A 533 -8.40 42.13 9.54
C PHE A 533 -7.79 41.86 8.18
N ASN A 534 -8.59 41.47 7.18
CA ASN A 534 -8.04 41.35 5.84
C ASN A 534 -7.61 42.70 5.29
N VAL A 535 -8.40 43.75 5.57
CA VAL A 535 -8.08 45.13 5.08
C VAL A 535 -6.90 45.64 5.90
N ALA A 536 -6.70 45.19 7.15
CA ALA A 536 -5.49 45.50 7.91
C ALA A 536 -4.27 44.84 7.29
N LYS A 537 -4.38 43.57 6.92
CA LYS A 537 -3.27 42.87 6.30
C LYS A 537 -2.90 43.50 4.96
N SER A 538 -3.92 43.92 4.21
CA SER A 538 -3.69 44.58 2.90
C SER A 538 -2.93 45.90 3.15
N LEU A 539 -3.39 46.70 4.12
CA LEU A 539 -2.66 47.95 4.46
C LEU A 539 -1.22 47.60 4.83
N GLN A 540 -1.05 46.58 5.68
CA GLN A 540 0.30 46.13 6.10
C GLN A 540 1.12 45.73 4.87
N LYS A 541 0.47 45.24 3.82
CA LYS A 541 1.20 44.75 2.62
C LYS A 541 1.56 45.92 1.69
N ILE A 542 0.75 46.98 1.66
CA ILE A 542 1.01 48.11 0.72
C ILE A 542 1.81 49.19 1.45
N GLY A 543 1.94 49.10 2.77
CA GLY A 543 2.73 50.09 3.47
C GLY A 543 4.15 50.22 2.94
N PRO A 544 4.82 49.10 2.70
CA PRO A 544 6.21 49.16 2.22
C PRO A 544 6.39 49.97 0.95
N ILE A 545 5.31 50.39 0.29
CA ILE A 545 5.40 51.23 -0.90
C ILE A 545 4.59 52.50 -0.69
N LEU A 546 4.20 52.75 0.55
CA LEU A 546 3.41 53.92 0.92
C LEU A 546 4.23 54.82 1.84
N ASP A 547 4.19 56.12 1.57
CA ASP A 547 4.96 57.11 2.30
C ASP A 547 4.09 57.79 3.36
N ASN A 548 4.71 58.69 4.12
CA ASN A 548 4.02 59.32 5.24
C ASN A 548 2.94 60.29 4.79
N SER A 549 3.14 60.96 3.65
CA SER A 549 2.19 61.98 3.21
C SER A 549 0.76 61.46 3.19
N THR A 550 0.55 60.30 2.57
CA THR A 550 -0.75 59.66 2.59
C THR A 550 -0.93 58.72 3.77
N LEU A 551 0.14 58.12 4.27
CA LEU A 551 0.03 57.20 5.40
C LEU A 551 -0.57 57.91 6.61
N GLN A 552 0.12 58.90 7.16
CA GLN A 552 -0.39 59.57 8.34
C GLN A 552 -1.73 60.25 8.09
N SER A 553 -2.02 60.60 6.84
CA SER A 553 -3.27 61.28 6.52
C SER A 553 -4.48 60.35 6.54
N GLU A 554 -4.36 59.14 5.99
CA GLU A 554 -5.48 58.23 5.89
C GLU A 554 -5.29 56.92 6.66
N VAL A 555 -4.15 56.27 6.46
CA VAL A 555 -3.95 54.93 7.01
C VAL A 555 -3.98 54.95 8.54
N LYS A 556 -3.20 55.84 9.14
CA LYS A 556 -3.06 55.83 10.59
C LYS A 556 -4.39 55.96 11.32
N PRO A 557 -5.29 56.87 10.95
CA PRO A 557 -6.61 56.87 11.59
C PRO A 557 -7.34 55.55 11.46
N ILE A 558 -7.19 54.88 10.32
CA ILE A 558 -7.89 53.63 10.10
C ILE A 558 -7.37 52.54 11.04
N LEU A 559 -6.05 52.41 11.15
CA LEU A 559 -5.50 51.43 12.08
C LEU A 559 -5.85 51.77 13.52
N GLU A 560 -5.83 53.06 13.87
CA GLU A 560 -6.21 53.45 15.22
C GLU A 560 -7.64 53.06 15.52
N LYS A 561 -8.55 53.28 14.58
CA LYS A 561 -9.94 52.86 14.77
C LYS A 561 -10.05 51.35 14.87
N LEU A 562 -9.32 50.62 14.02
CA LEU A 562 -9.39 49.17 14.05
C LEU A 562 -8.91 48.62 15.38
N THR A 563 -7.88 49.23 15.96
CA THR A 563 -7.33 48.75 17.23
C THR A 563 -8.34 48.85 18.37
N GLN A 564 -9.51 49.45 18.14
CA GLN A 564 -10.55 49.54 19.17
C GLN A 564 -11.70 48.57 18.91
N ASP A 565 -11.53 47.62 18.00
CA ASP A 565 -12.60 46.70 17.65
C ASP A 565 -12.81 45.67 18.76
N GLN A 566 -14.02 45.09 18.77
CA GLN A 566 -14.33 44.04 19.73
C GLN A 566 -13.52 42.78 19.48
N ASP A 567 -13.33 42.41 18.21
CA ASP A 567 -12.59 41.21 17.88
C ASP A 567 -11.12 41.36 18.29
N VAL A 568 -10.51 40.23 18.62
CA VAL A 568 -9.10 40.23 19.02
C VAL A 568 -8.18 40.23 17.82
N ASP A 569 -8.51 39.47 16.78
CA ASP A 569 -7.62 39.40 15.61
C ASP A 569 -7.53 40.73 14.89
N VAL A 570 -8.63 41.49 14.82
CA VAL A 570 -8.58 42.80 14.18
C VAL A 570 -7.57 43.69 14.89
N LYS A 571 -7.63 43.73 16.22
CA LYS A 571 -6.69 44.54 17.00
C LYS A 571 -5.27 44.05 16.81
N TYR A 572 -5.07 42.72 16.86
CA TYR A 572 -3.73 42.18 16.75
C TYR A 572 -3.11 42.54 15.40
N PHE A 573 -3.89 42.40 14.33
CA PHE A 573 -3.34 42.67 13.00
C PHE A 573 -3.18 44.16 12.74
N ALA A 574 -4.04 45.01 13.31
CA ALA A 574 -3.79 46.44 13.23
C ALA A 574 -2.49 46.80 13.93
N GLN A 575 -2.25 46.22 15.10
CA GLN A 575 -0.99 46.48 15.81
C GLN A 575 0.20 45.99 15.00
N GLU A 576 0.05 44.81 14.40
CA GLU A 576 1.14 44.25 13.55
C GLU A 576 1.51 45.27 12.47
N ALA A 577 0.50 45.79 11.77
CA ALA A 577 0.74 46.83 10.73
C ALA A 577 1.45 48.02 11.38
N LEU A 578 0.89 48.53 12.48
CA LEU A 578 1.48 49.71 13.16
C LEU A 578 2.99 49.53 13.31
N THR A 579 3.44 48.31 13.62
CA THR A 579 4.87 48.06 13.85
C THR A 579 5.58 47.86 12.52
N VAL A 580 4.87 47.33 11.51
CA VAL A 580 5.50 47.04 10.19
C VAL A 580 6.00 48.35 9.55
N LEU A 581 5.51 49.51 10.03
CA LEU A 581 5.90 50.82 9.44
C LEU A 581 7.34 51.18 9.84
N SER A 582 8.21 50.19 10.06
CA SER A 582 9.62 50.43 10.41
C SER A 582 9.71 51.52 11.49
N LEU A 583 8.90 51.41 12.54
CA LEU A 583 8.92 52.38 13.61
C LEU A 583 9.54 51.86 14.90
N ALA A 584 9.81 50.56 15.00
CA ALA A 584 10.42 49.99 16.19
C ALA A 584 9.50 50.10 17.40
N ASP B 13 3.36 -53.40 -1.25
CA ASP B 13 2.91 -52.38 -0.33
C ASP B 13 3.88 -52.18 0.82
N ILE B 14 4.32 -50.94 1.03
CA ILE B 14 5.19 -50.63 2.16
C ILE B 14 4.38 -50.79 3.44
N GLN B 15 4.68 -51.83 4.21
CA GLN B 15 4.00 -52.03 5.49
C GLN B 15 4.43 -50.92 6.45
N TRP B 16 3.48 -50.13 6.91
CA TRP B 16 3.81 -48.98 7.73
C TRP B 16 3.97 -49.38 9.19
N CYS B 17 4.87 -48.69 9.88
CA CYS B 17 5.24 -49.04 11.23
C CYS B 17 5.21 -47.80 12.10
N PHE B 18 4.40 -47.83 13.16
CA PHE B 18 4.32 -46.74 14.11
C PHE B 18 5.71 -46.28 14.51
N SER B 19 5.89 -44.98 14.65
CA SER B 19 7.21 -44.50 15.06
C SER B 19 7.17 -43.55 16.24
N GLN B 20 6.19 -42.65 16.30
CA GLN B 20 6.17 -41.63 17.34
C GLN B 20 4.74 -41.18 17.56
N VAL B 21 4.57 -40.24 18.48
CA VAL B 21 3.29 -39.57 18.74
C VAL B 21 3.57 -38.34 19.58
N LYS B 22 2.85 -37.27 19.33
CA LYS B 22 3.00 -36.05 20.12
C LYS B 22 1.66 -35.75 20.80
N GLY B 23 1.60 -34.58 21.45
CA GLY B 23 0.39 -34.17 22.12
C GLY B 23 0.14 -34.98 23.40
N ALA B 24 -0.99 -34.69 24.02
CA ALA B 24 -1.32 -35.21 25.33
C ALA B 24 -2.08 -36.54 25.21
N VAL B 25 -2.64 -37.00 26.32
CA VAL B 25 -3.34 -38.27 26.37
C VAL B 25 -4.80 -38.04 26.74
N ASP B 26 -5.07 -36.93 27.43
CA ASP B 26 -6.41 -36.62 27.88
C ASP B 26 -7.21 -35.95 26.77
N ASP B 27 -8.44 -36.41 26.57
CA ASP B 27 -9.24 -36.04 25.41
C ASP B 27 -10.15 -34.84 25.69
N ASP B 28 -9.75 -33.96 26.61
CA ASP B 28 -10.47 -32.72 26.87
C ASP B 28 -9.66 -31.51 26.45
N VAL B 29 -8.90 -31.65 25.36
CA VAL B 29 -8.00 -30.59 24.90
C VAL B 29 -8.79 -29.34 24.59
N ALA B 30 -8.25 -28.19 25.01
CA ALA B 30 -8.90 -26.92 24.75
C ALA B 30 -8.89 -26.61 23.25
N GLU B 31 -9.53 -25.51 22.89
CA GLU B 31 -9.60 -25.13 21.48
C GLU B 31 -8.22 -24.78 20.92
N ALA B 32 -7.30 -24.34 21.78
CA ALA B 32 -5.96 -24.01 21.29
C ALA B 32 -5.02 -25.21 21.43
N ASP B 33 -5.46 -26.36 20.96
CA ASP B 33 -4.59 -27.52 20.80
C ASP B 33 -4.94 -28.35 19.58
N ILE B 34 -5.93 -27.94 18.78
CA ILE B 34 -6.31 -28.65 17.58
C ILE B 34 -5.31 -28.30 16.50
N ILE B 35 -4.50 -29.28 16.09
CA ILE B 35 -3.52 -29.05 15.04
C ILE B 35 -4.23 -28.61 13.78
N SER B 36 -3.71 -27.56 13.13
CA SER B 36 -4.39 -26.96 12.00
C SER B 36 -3.52 -26.82 10.77
N THR B 37 -2.36 -27.47 10.73
CA THR B 37 -1.56 -27.63 9.53
C THR B 37 -0.35 -28.48 9.87
N VAL B 38 0.24 -29.09 8.85
CA VAL B 38 1.43 -29.91 8.99
C VAL B 38 2.22 -29.80 7.70
N GLU B 39 3.49 -29.39 7.77
CA GLU B 39 4.24 -29.12 6.55
C GLU B 39 5.70 -29.45 6.77
N PHE B 40 6.22 -30.43 6.04
CA PHE B 40 7.65 -30.66 6.03
C PHE B 40 8.34 -29.52 5.29
N ASN B 41 9.66 -29.61 5.16
CA ASN B 41 10.39 -28.56 4.47
C ASN B 41 11.18 -29.17 3.31
N HIS B 42 11.77 -28.28 2.51
CA HIS B 42 12.27 -28.67 1.18
C HIS B 42 13.29 -29.80 1.24
N SER B 43 14.12 -29.83 2.27
CA SER B 43 15.16 -30.84 2.36
C SER B 43 14.76 -32.05 3.18
N GLY B 44 13.75 -31.92 4.04
CA GLY B 44 13.19 -33.04 4.78
C GLY B 44 13.30 -32.92 6.27
N GLU B 45 14.30 -32.18 6.77
CA GLU B 45 14.59 -32.17 8.19
C GLU B 45 13.40 -31.72 9.04
N LEU B 46 12.97 -30.46 8.88
CA LEU B 46 12.08 -29.85 9.84
C LEU B 46 10.63 -30.26 9.57
N LEU B 47 9.73 -29.87 10.48
CA LEU B 47 8.32 -30.20 10.36
C LEU B 47 7.54 -29.24 11.25
N ALA B 48 6.75 -28.35 10.67
CA ALA B 48 5.99 -27.36 11.42
C ALA B 48 4.56 -27.81 11.60
N THR B 49 3.98 -27.53 12.78
CA THR B 49 2.61 -27.90 13.09
C THR B 49 1.91 -26.73 13.78
N GLY B 50 1.29 -25.86 13.00
CA GLY B 50 0.70 -24.65 13.52
C GLY B 50 -0.72 -24.74 14.09
N ASP B 51 -0.89 -25.26 15.30
CA ASP B 51 -2.24 -25.46 15.83
C ASP B 51 -2.96 -24.12 16.03
N LYS B 52 -4.23 -24.20 16.43
CA LYS B 52 -4.99 -23.00 16.71
C LYS B 52 -4.37 -22.23 17.87
N GLY B 53 -4.64 -20.93 17.90
CA GLY B 53 -3.94 -20.04 18.80
C GLY B 53 -2.71 -19.41 18.19
N GLY B 54 -2.07 -20.08 17.24
CA GLY B 54 -0.90 -19.56 16.57
C GLY B 54 0.37 -20.29 16.89
N ARG B 55 0.36 -21.16 17.90
CA ARG B 55 1.57 -21.67 18.51
C ARG B 55 2.24 -22.67 17.57
N VAL B 56 2.88 -22.14 16.53
CA VAL B 56 3.74 -22.96 15.68
C VAL B 56 4.72 -23.72 16.56
N VAL B 57 4.97 -24.97 16.22
CA VAL B 57 5.87 -25.83 16.98
C VAL B 57 6.69 -26.63 16.00
N ILE B 58 7.97 -26.29 15.85
CA ILE B 58 8.82 -26.84 14.81
C ILE B 58 9.60 -28.02 15.33
N PHE B 59 9.51 -29.16 14.65
CA PHE B 59 10.19 -30.39 15.03
C PHE B 59 11.38 -30.58 14.10
N GLN B 60 12.55 -30.89 14.66
CA GLN B 60 13.69 -31.22 13.83
C GLN B 60 13.94 -32.72 13.87
N GLN B 61 14.34 -33.27 12.72
CA GLN B 61 14.66 -34.68 12.64
C GLN B 61 16.01 -34.93 13.28
N GLU B 62 16.06 -35.84 14.23
CA GLU B 62 17.32 -36.15 14.91
C GLU B 62 18.29 -36.77 13.92
N GLN B 63 19.41 -36.09 13.70
CA GLN B 63 20.39 -36.53 12.73
C GLN B 63 20.83 -37.96 13.03
N ARG B 72 16.09 -44.52 10.71
CA ARG B 72 16.19 -43.06 10.71
C ARG B 72 15.92 -42.53 12.09
N GLY B 73 16.28 -41.28 12.32
CA GLY B 73 16.05 -40.68 13.61
C GLY B 73 14.58 -40.40 13.87
N GLU B 74 14.30 -40.03 15.11
CA GLU B 74 12.98 -39.55 15.47
C GLU B 74 12.95 -38.04 15.39
N TYR B 75 11.79 -37.46 15.63
CA TYR B 75 11.61 -36.02 15.54
C TYR B 75 11.49 -35.45 16.95
N ASN B 76 12.44 -34.60 17.32
CA ASN B 76 12.43 -33.92 18.61
C ASN B 76 12.20 -32.43 18.41
N VAL B 77 11.68 -31.78 19.44
CA VAL B 77 11.23 -30.39 19.30
C VAL B 77 12.43 -29.48 19.13
N TYR B 78 12.27 -28.46 18.29
CA TYR B 78 13.34 -27.56 17.91
C TYR B 78 13.10 -26.15 18.43
N SER B 79 11.96 -25.55 18.11
CA SER B 79 11.61 -24.23 18.60
C SER B 79 10.13 -24.23 18.96
N THR B 80 9.62 -23.07 19.31
CA THR B 80 8.21 -22.86 19.61
C THR B 80 7.99 -21.36 19.70
N PHE B 81 6.94 -20.87 19.07
CA PHE B 81 6.73 -19.43 19.11
C PHE B 81 5.32 -19.04 18.73
N GLN B 82 4.62 -18.36 19.62
CA GLN B 82 3.32 -17.79 19.28
C GLN B 82 3.46 -16.94 18.04
N SER B 83 2.85 -17.37 16.93
CA SER B 83 2.98 -16.62 15.69
C SER B 83 1.96 -15.49 15.64
N HIS B 84 0.69 -15.82 15.75
CA HIS B 84 -0.38 -14.84 15.68
C HIS B 84 -0.99 -14.62 17.05
N GLU B 85 -1.67 -13.49 17.19
CA GLU B 85 -2.21 -13.03 18.46
C GLU B 85 -3.67 -12.66 18.24
N PRO B 86 -4.54 -12.85 19.23
CA PRO B 86 -5.95 -12.51 19.03
C PRO B 86 -6.14 -11.02 18.85
N GLU B 87 -6.45 -10.63 17.62
CA GLU B 87 -6.55 -9.23 17.24
C GLU B 87 -7.99 -8.76 17.41
N PHE B 88 -8.29 -7.58 16.87
CA PHE B 88 -9.63 -7.01 16.94
C PHE B 88 -9.73 -5.96 15.84
N ASP B 89 -10.82 -6.01 15.07
CA ASP B 89 -10.98 -5.12 13.92
C ASP B 89 -11.47 -3.77 14.42
N TYR B 90 -11.13 -2.72 13.67
CA TYR B 90 -11.56 -1.38 14.06
C TYR B 90 -12.91 -1.02 13.43
N LEU B 91 -12.98 -1.05 12.09
CA LEU B 91 -14.14 -0.51 11.41
C LEU B 91 -15.34 -1.45 11.50
N LYS B 92 -15.16 -2.67 11.00
CA LYS B 92 -16.23 -3.70 11.16
C LYS B 92 -16.21 -4.18 12.61
N SER B 93 -15.17 -3.79 13.37
CA SER B 93 -15.06 -4.19 14.79
C SER B 93 -15.37 -5.69 14.94
N LEU B 94 -14.63 -6.54 14.23
CA LEU B 94 -14.92 -8.00 14.26
C LEU B 94 -13.97 -8.70 15.24
N GLU B 95 -14.23 -9.97 15.55
CA GLU B 95 -13.33 -10.74 16.45
C GLU B 95 -12.23 -11.40 15.60
N ILE B 96 -11.59 -10.62 14.72
CA ILE B 96 -10.49 -11.13 13.89
C ILE B 96 -9.64 -12.14 14.66
N GLU B 97 -9.49 -13.34 14.09
CA GLU B 97 -9.11 -14.52 14.84
C GLU B 97 -7.61 -14.77 14.77
N GLU B 98 -7.19 -15.94 15.27
CA GLU B 98 -5.78 -16.26 15.40
C GLU B 98 -5.43 -17.67 14.94
N LYS B 99 -6.33 -18.35 14.24
CA LYS B 99 -6.02 -19.67 13.70
C LYS B 99 -4.83 -19.59 12.76
N ILE B 100 -4.17 -20.71 12.54
CA ILE B 100 -3.09 -20.80 11.56
C ILE B 100 -3.60 -21.61 10.38
N ASN B 101 -3.79 -20.94 9.25
CA ASN B 101 -4.41 -21.56 8.08
C ASN B 101 -3.40 -22.31 7.22
N LYS B 102 -2.22 -21.75 7.02
CA LYS B 102 -1.21 -22.37 6.17
C LYS B 102 0.17 -22.06 6.73
N ILE B 103 1.11 -22.97 6.49
CA ILE B 103 2.50 -22.74 6.87
C ILE B 103 3.40 -23.18 5.73
N ARG B 104 3.86 -22.24 4.92
CA ARG B 104 4.71 -22.56 3.78
C ARG B 104 6.15 -22.20 4.12
N TRP B 105 7.07 -23.05 3.70
CA TRP B 105 8.50 -22.82 3.92
C TRP B 105 9.11 -22.11 2.72
N LEU B 106 10.23 -21.48 2.95
CA LEU B 106 11.04 -20.92 1.90
C LEU B 106 12.30 -21.75 1.72
N PRO B 107 12.99 -21.63 0.58
CA PRO B 107 14.23 -22.38 0.42
C PRO B 107 15.32 -21.88 1.35
N GLN B 108 16.53 -22.49 1.32
CA GLN B 108 17.53 -22.13 2.36
C GLN B 108 18.57 -21.09 1.92
N LYS B 109 18.41 -19.83 2.34
CA LYS B 109 19.32 -18.72 1.93
C LYS B 109 20.63 -18.74 2.75
N ASN B 110 20.57 -19.08 4.05
CA ASN B 110 21.75 -19.20 4.89
C ASN B 110 21.36 -20.08 6.07
N ALA B 111 22.15 -20.05 7.14
CA ALA B 111 21.94 -20.95 8.26
C ALA B 111 20.61 -20.73 8.96
N ALA B 112 19.81 -19.79 8.49
CA ALA B 112 18.47 -19.56 8.98
C ALA B 112 17.44 -20.09 7.99
N GLN B 113 16.27 -20.44 8.51
CA GLN B 113 15.19 -20.96 7.67
C GLN B 113 13.95 -20.11 7.91
N PHE B 114 13.28 -19.73 6.82
CA PHE B 114 12.15 -18.82 6.86
C PHE B 114 10.87 -19.60 6.61
N LEU B 115 9.74 -18.99 6.98
CA LEU B 115 8.45 -19.63 6.71
C LEU B 115 7.33 -18.61 6.86
N LEU B 116 6.51 -18.47 5.83
CA LEU B 116 5.31 -17.66 5.95
C LEU B 116 4.29 -18.36 6.85
N SER B 117 3.23 -17.64 7.20
CA SER B 117 2.12 -18.21 7.96
C SER B 117 1.01 -17.19 8.01
N THR B 118 -0.23 -17.66 8.06
CA THR B 118 -1.37 -16.76 7.88
C THR B 118 -2.56 -17.16 8.74
N ASN B 119 -3.15 -16.19 9.43
CA ASN B 119 -4.51 -16.30 9.92
C ASN B 119 -5.45 -15.73 8.86
N ASP B 120 -6.68 -15.46 9.20
CA ASP B 120 -7.63 -15.03 8.18
C ASP B 120 -7.32 -13.66 7.60
N LYS B 121 -6.35 -12.91 8.11
CA LYS B 121 -6.13 -11.58 7.55
C LYS B 121 -4.68 -11.23 7.24
N THR B 122 -3.71 -11.82 7.96
CA THR B 122 -2.33 -11.38 7.91
C THR B 122 -1.43 -12.48 7.35
N ILE B 123 -0.22 -12.07 6.97
CA ILE B 123 0.80 -12.99 6.48
C ILE B 123 2.15 -12.54 7.02
N LYS B 124 2.69 -13.28 7.98
CA LYS B 124 3.99 -12.95 8.56
C LYS B 124 5.08 -13.80 7.93
N LEU B 125 6.33 -13.39 8.09
CA LEU B 125 7.47 -14.09 7.53
C LEU B 125 8.51 -14.29 8.64
N TRP B 126 8.37 -15.40 9.37
CA TRP B 126 9.24 -15.63 10.50
C TRP B 126 10.62 -16.08 10.05
N LYS B 127 11.50 -16.31 11.01
CA LYS B 127 12.89 -16.68 10.69
C LYS B 127 13.49 -17.37 11.89
N ILE B 128 13.89 -18.63 11.72
CA ILE B 128 14.36 -19.47 12.81
C ILE B 128 15.87 -19.65 12.65
N SER B 129 16.63 -19.34 13.69
CA SER B 129 18.08 -19.36 13.60
C SER B 129 18.69 -19.74 14.94
N GLU B 130 19.79 -20.47 14.88
CA GLU B 130 20.54 -20.87 16.06
C GLU B 130 21.51 -19.75 16.44
N ARG B 131 22.05 -19.85 17.65
CA ARG B 131 22.98 -18.84 18.14
C ARG B 131 23.77 -19.41 19.30
N ASP B 132 25.09 -19.37 19.21
CA ASP B 132 25.96 -19.93 20.24
C ASP B 132 27.13 -18.99 20.52
N LYS B 133 26.85 -17.69 20.61
CA LYS B 133 27.86 -16.70 20.94
C LYS B 133 27.28 -15.67 21.89
N ARG B 134 28.04 -15.30 22.91
CA ARG B 134 27.57 -14.26 23.87
C ARG B 134 28.72 -13.27 24.13
N PRO B 135 28.47 -11.94 24.10
CA PRO B 135 29.52 -10.93 24.42
C PRO B 135 30.01 -11.14 25.85
N GLU B 136 31.33 -11.10 26.04
CA GLU B 136 31.91 -11.29 27.39
C GLU B 136 32.94 -10.17 27.63
N GLY B 137 32.58 -9.16 28.42
CA GLY B 137 33.49 -8.04 28.70
C GLY B 137 32.70 -6.76 28.94
N TYR B 138 33.00 -6.05 30.03
CA TYR B 138 32.31 -4.82 30.33
C TYR B 138 33.31 -3.73 30.68
N ASN B 139 32.82 -2.49 30.69
CA ASN B 139 33.68 -1.33 30.87
C ASN B 139 33.36 -0.54 32.14
N LEU B 140 32.11 -0.18 32.35
CA LEU B 140 31.70 0.61 33.50
C LEU B 140 30.87 -0.19 34.50
N LYS B 141 30.63 -1.47 34.24
CA LYS B 141 29.82 -2.30 35.12
C LYS B 141 30.57 -3.59 35.42
N GLU B 142 30.18 -4.22 36.53
CA GLU B 142 30.74 -5.51 36.90
C GLU B 142 30.04 -6.63 36.12
N GLU B 143 30.45 -7.87 36.39
CA GLU B 143 29.90 -9.01 35.68
C GLU B 143 28.39 -9.16 35.91
N ASP B 144 27.87 -8.62 37.01
CA ASP B 144 26.44 -8.65 37.28
C ASP B 144 25.72 -7.39 36.79
N GLY B 145 26.46 -6.43 36.23
CA GLY B 145 25.90 -5.15 35.88
C GLY B 145 26.09 -4.06 36.91
N ARG B 146 26.52 -4.41 38.12
CA ARG B 146 26.76 -3.42 39.17
C ARG B 146 27.83 -2.44 38.73
N TYR B 147 27.44 -1.19 38.56
CA TYR B 147 28.32 -0.19 37.96
C TYR B 147 29.34 0.32 38.97
N ARG B 148 30.53 0.62 38.48
CA ARG B 148 31.63 1.13 39.28
C ARG B 148 31.72 2.65 39.13
N ASP B 149 32.70 3.24 39.82
CA ASP B 149 32.88 4.68 39.77
C ASP B 149 33.08 5.14 38.33
N PRO B 150 32.56 6.30 37.94
CA PRO B 150 32.65 6.72 36.53
C PRO B 150 34.07 7.00 36.07
N THR B 151 34.91 7.56 36.93
CA THR B 151 36.19 8.11 36.48
C THR B 151 37.38 7.21 36.75
N THR B 152 37.24 6.16 37.56
CA THR B 152 38.38 5.30 37.88
C THR B 152 38.87 4.49 36.69
N VAL B 153 38.15 4.47 35.57
CA VAL B 153 38.58 3.66 34.43
C VAL B 153 39.87 4.24 33.87
N THR B 154 40.78 3.36 33.45
CA THR B 154 42.06 3.77 32.90
C THR B 154 42.36 3.17 31.53
N THR B 155 42.00 1.92 31.28
CA THR B 155 42.21 1.28 29.98
C THR B 155 40.88 0.73 29.49
N LEU B 156 40.40 1.25 28.36
CA LEU B 156 39.20 0.71 27.75
C LEU B 156 39.46 -0.72 27.29
N ARG B 157 38.41 -1.54 27.36
CA ARG B 157 38.44 -2.88 26.81
C ARG B 157 37.20 -3.09 25.96
N VAL B 158 37.34 -3.94 24.94
CA VAL B 158 36.24 -4.20 24.03
C VAL B 158 35.69 -5.59 24.32
N PRO B 159 34.38 -5.76 24.36
CA PRO B 159 33.82 -7.09 24.67
C PRO B 159 34.38 -8.18 23.77
N VAL B 160 34.59 -9.35 24.36
CA VAL B 160 35.07 -10.51 23.64
C VAL B 160 33.88 -11.47 23.47
N PHE B 161 34.02 -12.40 22.54
CA PHE B 161 33.00 -13.40 22.27
C PHE B 161 33.44 -14.75 22.83
N ARG B 162 32.51 -15.44 23.49
CA ARG B 162 32.82 -16.73 24.08
C ARG B 162 31.60 -17.63 24.00
N PRO B 163 31.78 -18.94 23.89
CA PRO B 163 30.66 -19.82 23.54
C PRO B 163 29.63 -19.95 24.65
N MET B 164 28.40 -20.26 24.24
CA MET B 164 27.31 -20.64 25.12
C MET B 164 26.60 -21.82 24.49
N ASP B 165 25.43 -22.16 25.01
CA ASP B 165 24.69 -23.31 24.54
C ASP B 165 23.57 -22.89 23.58
N LEU B 166 23.33 -23.73 22.58
CA LEU B 166 22.42 -23.41 21.49
C LEU B 166 21.11 -22.85 22.02
N MET B 167 20.69 -21.71 21.46
CA MET B 167 19.45 -21.05 21.86
C MET B 167 18.71 -20.64 20.59
N VAL B 168 17.89 -21.55 20.06
CA VAL B 168 17.11 -21.27 18.87
C VAL B 168 16.08 -20.20 19.17
N GLU B 169 15.88 -19.28 18.24
CA GLU B 169 15.01 -18.13 18.50
C GLU B 169 14.38 -17.62 17.22
N ALA B 170 13.05 -17.56 17.20
CA ALA B 170 12.30 -17.06 16.07
C ALA B 170 11.95 -15.60 16.25
N SER B 171 11.70 -14.91 15.14
CA SER B 171 11.38 -13.50 15.16
C SER B 171 10.81 -13.05 13.82
N PRO B 172 9.74 -12.27 13.80
CA PRO B 172 9.16 -11.86 12.52
C PRO B 172 10.02 -10.82 11.83
N ARG B 173 10.10 -10.92 10.50
CA ARG B 173 10.86 -9.97 9.72
C ARG B 173 10.00 -9.00 8.94
N ARG B 174 8.94 -9.47 8.29
CA ARG B 174 8.00 -8.60 7.62
C ARG B 174 6.59 -9.01 8.03
N ILE B 175 5.63 -8.13 7.75
CA ILE B 175 4.21 -8.41 8.00
C ILE B 175 3.43 -7.84 6.83
N PHE B 176 2.93 -8.72 5.96
CA PHE B 176 2.06 -8.31 4.87
C PHE B 176 0.64 -8.31 5.41
N ALA B 177 0.04 -7.13 5.54
CA ALA B 177 -1.24 -7.00 6.22
C ALA B 177 -2.17 -6.08 5.45
N ASN B 178 -3.47 -6.23 5.74
CA ASN B 178 -4.50 -5.29 5.32
C ASN B 178 -4.57 -5.17 3.80
N ALA B 179 -4.85 -6.30 3.14
CA ALA B 179 -5.13 -6.31 1.73
C ALA B 179 -6.31 -7.20 1.35
N HIS B 180 -6.85 -7.97 2.28
CA HIS B 180 -7.89 -8.94 1.98
C HIS B 180 -9.14 -8.62 2.78
N THR B 181 -10.22 -8.26 2.07
CA THR B 181 -11.49 -7.99 2.72
C THR B 181 -12.14 -9.25 3.25
N TYR B 182 -11.94 -10.38 2.59
CA TYR B 182 -12.47 -11.66 2.99
C TYR B 182 -11.36 -12.50 3.61
N HIS B 183 -11.67 -13.75 3.92
CA HIS B 183 -10.71 -14.60 4.61
C HIS B 183 -9.73 -15.24 3.64
N ILE B 184 -8.53 -15.51 4.14
CA ILE B 184 -7.44 -16.06 3.34
C ILE B 184 -7.45 -17.57 3.47
N ASN B 185 -7.30 -18.28 2.35
CA ASN B 185 -7.23 -19.72 2.41
C ASN B 185 -6.19 -20.32 1.47
N SER B 186 -5.11 -19.60 1.18
CA SER B 186 -4.04 -20.16 0.39
C SER B 186 -2.85 -19.21 0.34
N ILE B 187 -1.67 -19.80 0.14
CA ILE B 187 -0.48 -19.07 -0.28
C ILE B 187 0.36 -20.04 -1.11
N SER B 188 1.29 -19.52 -1.88
CA SER B 188 2.22 -20.39 -2.62
C SER B 188 3.43 -19.60 -3.08
N ILE B 189 4.63 -20.01 -2.69
CA ILE B 189 5.83 -19.31 -3.23
C ILE B 189 5.96 -19.55 -4.75
N ASN B 190 6.17 -18.48 -5.52
CA ASN B 190 6.34 -18.62 -7.00
C ASN B 190 7.68 -19.31 -7.29
N SER B 191 7.78 -20.03 -8.41
CA SER B 191 9.01 -20.81 -8.72
C SER B 191 10.16 -19.92 -9.20
N ASP B 192 10.38 -18.76 -8.57
CA ASP B 192 11.54 -17.97 -8.95
C ASP B 192 12.12 -17.19 -7.79
N TYR B 193 11.87 -17.64 -6.56
CA TYR B 193 12.53 -17.15 -5.35
C TYR B 193 12.18 -15.72 -5.02
N GLU B 194 11.17 -15.13 -5.67
CA GLU B 194 10.90 -13.71 -5.51
C GLU B 194 9.52 -13.40 -4.96
N THR B 195 8.46 -13.96 -5.52
CA THR B 195 7.09 -13.53 -5.21
C THR B 195 6.27 -14.73 -4.76
N TYR B 196 5.00 -14.47 -4.44
CA TYR B 196 4.05 -15.50 -4.05
C TYR B 196 2.66 -14.91 -4.18
N LEU B 197 1.64 -15.73 -3.94
CA LEU B 197 0.26 -15.28 -4.04
C LEU B 197 -0.47 -15.57 -2.74
N SER B 198 -1.68 -15.03 -2.63
CA SER B 198 -2.51 -15.26 -1.45
C SER B 198 -3.96 -15.06 -1.87
N ALA B 199 -4.72 -16.13 -1.93
CA ALA B 199 -6.04 -16.13 -2.54
C ALA B 199 -7.11 -16.12 -1.47
N ASP B 200 -7.82 -14.99 -1.34
CA ASP B 200 -8.95 -14.94 -0.43
C ASP B 200 -10.16 -15.59 -1.08
N ASP B 201 -11.34 -15.36 -0.52
CA ASP B 201 -12.54 -16.01 -1.04
C ASP B 201 -12.92 -15.53 -2.44
N LEU B 202 -12.46 -14.35 -2.85
CA LEU B 202 -12.85 -13.84 -4.16
C LEU B 202 -11.74 -13.21 -4.99
N ARG B 203 -10.56 -12.95 -4.44
CA ARG B 203 -9.50 -12.29 -5.21
C ARG B 203 -8.19 -13.01 -4.96
N ILE B 204 -7.17 -12.65 -5.75
CA ILE B 204 -5.87 -13.29 -5.69
C ILE B 204 -4.81 -12.22 -5.87
N ASN B 205 -4.11 -11.88 -4.80
CA ASN B 205 -3.07 -10.87 -4.83
C ASN B 205 -1.70 -11.52 -4.97
N LEU B 206 -0.81 -10.88 -5.70
CA LEU B 206 0.53 -11.39 -5.96
C LEU B 206 1.52 -10.49 -5.25
N TRP B 207 1.84 -10.83 -4.01
CA TRP B 207 2.76 -10.05 -3.19
C TRP B 207 4.18 -10.17 -3.71
N HIS B 208 5.09 -9.49 -3.03
CA HIS B 208 6.52 -9.58 -3.27
C HIS B 208 7.20 -9.75 -1.92
N LEU B 209 8.16 -10.65 -1.84
CA LEU B 209 8.72 -11.07 -0.57
C LEU B 209 9.61 -10.01 0.08
N GLU B 210 9.67 -8.80 -0.47
CA GLU B 210 10.47 -7.73 0.12
C GLU B 210 9.77 -6.38 0.10
N ILE B 211 8.49 -6.33 -0.25
CA ILE B 211 7.75 -5.08 -0.34
C ILE B 211 6.45 -5.27 0.41
N THR B 212 6.39 -4.78 1.65
CA THR B 212 5.30 -5.08 2.57
C THR B 212 4.21 -4.03 2.59
N ASP B 213 4.03 -3.26 1.52
CA ASP B 213 2.96 -2.28 1.46
C ASP B 213 2.11 -2.35 0.21
N ARG B 214 2.65 -2.78 -0.91
CA ARG B 214 1.87 -2.89 -2.15
C ARG B 214 1.64 -4.34 -2.53
N SER B 215 0.49 -4.57 -3.17
CA SER B 215 0.15 -5.84 -3.79
C SER B 215 -0.25 -5.57 -5.23
N PHE B 216 -0.73 -6.60 -5.92
CA PHE B 216 -1.14 -6.47 -7.33
C PHE B 216 -2.28 -7.45 -7.54
N ASN B 217 -3.50 -6.95 -7.44
CA ASN B 217 -4.67 -7.82 -7.59
C ASN B 217 -4.68 -8.44 -8.97
N ILE B 218 -4.49 -9.76 -9.04
CA ILE B 218 -4.28 -10.43 -10.32
C ILE B 218 -5.52 -11.14 -10.85
N VAL B 219 -6.51 -11.40 -9.99
CA VAL B 219 -7.77 -12.02 -10.40
C VAL B 219 -8.88 -11.45 -9.53
N ASP B 220 -10.06 -11.29 -10.12
CA ASP B 220 -11.23 -10.87 -9.37
C ASP B 220 -12.46 -11.46 -10.04
N ILE B 221 -13.20 -12.27 -9.30
CA ILE B 221 -14.46 -12.83 -9.77
C ILE B 221 -15.63 -12.34 -8.91
N LYS B 222 -15.47 -11.23 -8.24
CA LYS B 222 -16.57 -10.66 -7.48
C LYS B 222 -17.57 -10.01 -8.43
N PRO B 223 -18.86 -10.30 -8.32
CA PRO B 223 -19.84 -9.71 -9.23
C PRO B 223 -20.03 -8.22 -8.95
N ALA B 224 -20.89 -7.61 -9.74
CA ALA B 224 -21.20 -6.19 -9.54
C ALA B 224 -21.87 -5.97 -8.20
N ASN B 225 -22.96 -6.69 -7.94
CA ASN B 225 -23.64 -6.67 -6.65
C ASN B 225 -23.50 -8.03 -6.00
N MET B 226 -23.62 -8.09 -4.68
CA MET B 226 -23.29 -9.30 -3.94
C MET B 226 -24.38 -10.36 -4.03
N GLU B 227 -25.65 -9.99 -4.16
CA GLU B 227 -26.73 -10.94 -3.96
C GLU B 227 -26.77 -12.04 -5.03
N GLU B 228 -26.14 -11.83 -6.17
CA GLU B 228 -26.10 -12.84 -7.23
C GLU B 228 -24.80 -13.65 -7.15
N LEU B 229 -24.57 -14.28 -5.99
CA LEU B 229 -23.34 -15.00 -5.73
C LEU B 229 -23.49 -16.45 -6.16
N THR B 230 -22.54 -16.92 -6.98
CA THR B 230 -22.56 -18.27 -7.51
C THR B 230 -21.41 -19.12 -6.98
N GLU B 231 -20.17 -18.67 -7.13
CA GLU B 231 -19.02 -19.48 -6.80
C GLU B 231 -17.95 -18.62 -6.12
N VAL B 232 -17.05 -19.29 -5.40
CA VAL B 232 -15.94 -18.65 -4.71
C VAL B 232 -14.67 -19.44 -5.01
N ILE B 233 -13.56 -18.96 -4.48
CA ILE B 233 -12.24 -19.54 -4.72
C ILE B 233 -11.83 -20.33 -3.49
N THR B 234 -11.64 -21.64 -3.63
CA THR B 234 -11.37 -22.48 -2.47
C THR B 234 -9.95 -23.06 -2.45
N ALA B 235 -9.09 -22.67 -3.38
CA ALA B 235 -7.70 -23.10 -3.35
C ALA B 235 -6.94 -22.36 -4.45
N ALA B 236 -5.63 -22.39 -4.36
CA ALA B 236 -4.77 -21.74 -5.33
C ALA B 236 -3.37 -22.28 -5.14
N GLU B 237 -2.67 -22.48 -6.25
CA GLU B 237 -1.33 -23.07 -6.22
C GLU B 237 -0.48 -22.27 -7.19
N PHE B 238 0.70 -22.80 -7.50
CA PHE B 238 1.55 -22.26 -8.55
C PHE B 238 2.12 -23.45 -9.32
N HIS B 239 3.10 -23.20 -10.12
CA HIS B 239 3.66 -24.36 -10.80
C HIS B 239 5.07 -24.62 -10.30
N PRO B 240 5.43 -25.87 -10.00
CA PRO B 240 6.76 -26.13 -9.43
C PRO B 240 7.92 -25.89 -10.38
N ASN B 241 7.67 -25.68 -11.67
CA ASN B 241 8.76 -25.43 -12.61
C ASN B 241 8.55 -24.14 -13.39
N SER B 242 7.32 -23.84 -13.77
CA SER B 242 6.99 -22.65 -14.53
C SER B 242 6.76 -21.47 -13.60
N CYS B 243 7.11 -20.28 -14.07
CA CYS B 243 6.96 -19.07 -13.28
C CYS B 243 5.65 -18.34 -13.54
N ASN B 244 4.84 -18.81 -14.47
CA ASN B 244 3.68 -18.05 -14.95
C ASN B 244 2.45 -18.94 -15.05
N THR B 245 2.17 -19.71 -14.03
CA THR B 245 1.02 -20.63 -14.09
C THR B 245 0.52 -20.88 -12.68
N PHE B 246 -0.67 -20.37 -12.35
CA PHE B 246 -1.36 -20.82 -11.16
C PHE B 246 -2.63 -21.52 -11.56
N VAL B 247 -3.28 -22.17 -10.60
CA VAL B 247 -4.31 -23.14 -10.94
C VAL B 247 -5.57 -22.96 -10.10
N TYR B 248 -5.82 -21.74 -9.63
CA TYR B 248 -6.86 -21.48 -8.63
C TYR B 248 -8.14 -22.27 -8.90
N SER B 249 -8.62 -22.95 -7.87
CA SER B 249 -9.77 -23.84 -7.99
C SER B 249 -11.05 -23.03 -7.97
N SER B 250 -12.19 -23.69 -7.83
CA SER B 250 -13.47 -23.00 -7.88
C SER B 250 -14.52 -23.84 -7.19
N SER B 251 -15.43 -23.18 -6.48
CA SER B 251 -16.34 -23.86 -5.58
C SER B 251 -17.54 -24.47 -6.29
N LYS B 252 -17.48 -24.65 -7.60
CA LYS B 252 -18.51 -25.39 -8.31
C LYS B 252 -18.02 -26.69 -8.91
N GLY B 253 -16.70 -26.89 -9.00
CA GLY B 253 -16.15 -28.10 -9.55
C GLY B 253 -15.13 -27.81 -10.63
N THR B 254 -15.10 -26.58 -11.13
CA THR B 254 -14.20 -26.21 -12.21
C THR B 254 -12.82 -25.87 -11.64
N ILE B 255 -11.83 -25.89 -12.53
CA ILE B 255 -10.47 -25.55 -12.18
C ILE B 255 -9.86 -24.70 -13.29
N ARG B 256 -9.74 -23.40 -13.08
CA ARG B 256 -9.06 -22.64 -14.10
C ARG B 256 -7.57 -22.90 -14.03
N LEU B 257 -6.88 -22.63 -15.15
CA LEU B 257 -5.43 -22.77 -15.25
C LEU B 257 -4.93 -21.46 -15.84
N CYS B 258 -4.70 -20.48 -14.98
CA CYS B 258 -4.37 -19.15 -15.46
C CYS B 258 -2.98 -19.14 -16.08
N ASP B 259 -2.60 -17.98 -16.62
CA ASP B 259 -1.33 -17.87 -17.33
C ASP B 259 -0.95 -16.39 -17.36
N MET B 260 0.15 -16.04 -16.68
CA MET B 260 0.53 -14.65 -16.53
C MET B 260 1.52 -14.18 -17.59
N ARG B 261 1.42 -14.73 -18.80
CA ARG B 261 2.19 -14.26 -19.94
C ARG B 261 1.34 -13.51 -20.95
N ALA B 262 0.24 -14.11 -21.39
CA ALA B 262 -0.54 -13.57 -22.49
C ALA B 262 -1.18 -12.22 -22.17
N SER B 263 -1.36 -11.89 -20.88
CA SER B 263 -1.92 -10.60 -20.53
C SER B 263 -1.64 -10.30 -19.07
N ALA B 264 -1.43 -9.01 -18.79
CA ALA B 264 -1.12 -8.58 -17.43
C ALA B 264 -2.24 -8.95 -16.46
N LEU B 265 -3.48 -8.74 -16.87
CA LEU B 265 -4.63 -9.14 -16.08
C LEU B 265 -5.05 -10.54 -16.54
N CYS B 266 -4.83 -11.53 -15.68
CA CYS B 266 -5.01 -12.93 -16.00
C CYS B 266 -6.42 -13.43 -15.71
N ASP B 267 -7.41 -12.54 -15.78
CA ASP B 267 -8.77 -12.93 -15.40
C ASP B 267 -9.33 -14.02 -16.31
N ARG B 268 -9.05 -13.95 -17.61
CA ARG B 268 -9.56 -14.95 -18.55
C ARG B 268 -8.71 -16.20 -18.49
N HIS B 269 -9.36 -17.36 -18.49
CA HIS B 269 -8.66 -18.63 -18.40
C HIS B 269 -7.84 -18.88 -19.65
N SER B 270 -6.80 -19.70 -19.51
CA SER B 270 -6.13 -20.28 -20.65
C SER B 270 -6.52 -21.74 -20.83
N LYS B 271 -7.16 -22.34 -19.83
CA LYS B 271 -7.80 -23.63 -19.92
C LYS B 271 -8.87 -23.67 -18.84
N LEU B 272 -9.73 -24.68 -18.90
CA LEU B 272 -10.76 -24.85 -17.87
C LEU B 272 -11.03 -26.34 -17.73
N PHE B 273 -10.49 -26.93 -16.67
CA PHE B 273 -10.68 -28.34 -16.40
C PHE B 273 -12.01 -28.52 -15.70
N GLU B 274 -12.96 -29.17 -16.37
CA GLU B 274 -14.29 -29.35 -15.81
C GLU B 274 -14.81 -30.71 -16.22
N GLU B 275 -15.15 -31.54 -15.25
CA GLU B 275 -15.74 -32.83 -15.55
C GLU B 275 -17.06 -32.63 -16.28
N PRO B 276 -17.30 -33.30 -17.39
CA PRO B 276 -18.56 -33.14 -18.11
C PRO B 276 -19.69 -33.82 -17.36
N GLU B 277 -20.31 -33.08 -16.43
CA GLU B 277 -21.12 -33.61 -15.34
C GLU B 277 -21.93 -34.85 -15.71
N ASP B 278 -21.83 -35.88 -14.87
CA ASP B 278 -22.49 -37.16 -15.07
C ASP B 278 -23.93 -37.10 -14.57
N PRO B 279 -24.93 -37.24 -15.47
CA PRO B 279 -26.32 -37.17 -15.03
C PRO B 279 -26.84 -38.43 -14.36
N SER B 280 -26.02 -39.48 -14.26
CA SER B 280 -26.49 -40.73 -13.68
C SER B 280 -26.69 -40.61 -12.17
N ASN B 281 -25.60 -40.32 -11.46
CA ASN B 281 -25.64 -40.23 -10.00
C ASN B 281 -26.10 -38.88 -9.48
N ARG B 282 -26.75 -38.07 -10.33
CA ARG B 282 -27.30 -36.80 -9.88
C ARG B 282 -28.28 -37.02 -8.73
N SER B 283 -28.08 -36.27 -7.66
CA SER B 283 -28.83 -36.45 -6.43
C SER B 283 -29.25 -35.08 -5.92
N PHE B 284 -29.75 -35.04 -4.69
CA PHE B 284 -30.21 -33.78 -4.11
C PHE B 284 -29.03 -32.87 -3.80
N PHE B 285 -27.95 -33.44 -3.25
CA PHE B 285 -26.74 -32.71 -2.89
C PHE B 285 -25.72 -32.65 -4.01
N SER B 286 -26.16 -32.74 -5.27
CA SER B 286 -25.22 -32.91 -6.37
C SER B 286 -24.33 -31.70 -6.59
N GLU B 287 -24.43 -30.66 -5.76
CA GLU B 287 -23.56 -29.51 -5.89
C GLU B 287 -22.72 -29.26 -4.64
N ILE B 288 -23.02 -29.95 -3.54
CA ILE B 288 -22.32 -29.73 -2.28
C ILE B 288 -21.35 -30.86 -1.94
N ILE B 289 -21.36 -31.96 -2.69
CA ILE B 289 -20.36 -33.00 -2.57
C ILE B 289 -19.53 -33.01 -3.84
N SER B 290 -19.50 -31.86 -4.53
CA SER B 290 -18.68 -31.71 -5.72
C SER B 290 -17.96 -30.38 -5.76
N SER B 291 -17.59 -29.84 -4.60
CA SER B 291 -16.94 -28.54 -4.49
C SER B 291 -15.51 -28.78 -4.02
N ILE B 292 -14.56 -28.45 -4.88
CA ILE B 292 -13.16 -28.78 -4.63
C ILE B 292 -12.68 -28.17 -3.33
N SER B 293 -11.82 -28.91 -2.61
CA SER B 293 -11.30 -28.51 -1.31
C SER B 293 -9.81 -28.25 -1.28
N ASP B 294 -9.02 -28.91 -2.13
CA ASP B 294 -7.58 -28.63 -2.19
C ASP B 294 -7.03 -29.20 -3.48
N VAL B 295 -6.41 -28.34 -4.29
CA VAL B 295 -5.70 -28.75 -5.51
C VAL B 295 -4.21 -28.77 -5.21
N LYS B 296 -3.53 -29.82 -5.66
CA LYS B 296 -2.12 -30.02 -5.34
C LYS B 296 -1.40 -30.51 -6.58
N PHE B 297 -0.48 -29.71 -7.11
CA PHE B 297 0.31 -30.14 -8.25
C PHE B 297 1.16 -31.36 -7.91
N SER B 298 1.87 -31.88 -8.91
CA SER B 298 2.37 -33.24 -8.77
C SER B 298 3.88 -33.38 -8.79
N HIS B 299 4.61 -32.49 -8.12
CA HIS B 299 6.02 -32.72 -7.81
C HIS B 299 6.91 -32.78 -9.04
N SER B 300 6.32 -32.80 -10.23
CA SER B 300 7.08 -32.80 -11.47
C SER B 300 6.53 -31.72 -12.39
N GLY B 301 5.22 -31.54 -12.35
CA GLY B 301 4.57 -30.49 -13.11
C GLY B 301 3.66 -31.03 -14.18
N ARG B 302 3.13 -32.24 -13.99
CA ARG B 302 2.28 -32.85 -15.00
C ARG B 302 0.84 -33.05 -14.52
N TYR B 303 0.62 -33.70 -13.38
CA TYR B 303 -0.72 -33.94 -12.89
C TYR B 303 -1.09 -32.93 -11.81
N MET B 304 -2.38 -32.85 -11.49
CA MET B 304 -2.86 -31.84 -10.56
C MET B 304 -3.97 -32.35 -9.65
N MET B 305 -3.76 -33.45 -8.94
CA MET B 305 -4.79 -34.05 -8.09
C MET B 305 -5.60 -33.02 -7.32
N THR B 306 -6.92 -33.26 -7.23
CA THR B 306 -7.82 -32.43 -6.44
C THR B 306 -8.76 -33.32 -5.65
N ARG B 307 -9.20 -32.84 -4.49
CA ARG B 307 -9.96 -33.64 -3.54
C ARG B 307 -11.25 -32.92 -3.19
N ASP B 308 -12.37 -33.39 -3.73
CA ASP B 308 -13.67 -32.94 -3.27
C ASP B 308 -14.08 -33.84 -2.11
N TYR B 309 -15.33 -33.72 -1.67
CA TYR B 309 -15.71 -34.41 -0.44
C TYR B 309 -15.75 -35.92 -0.56
N LEU B 310 -15.73 -36.48 -1.76
CA LEU B 310 -15.94 -37.91 -1.89
C LEU B 310 -14.99 -38.64 -2.84
N SER B 311 -14.09 -37.96 -3.53
CA SER B 311 -13.20 -38.68 -4.45
C SER B 311 -12.02 -37.81 -4.84
N VAL B 312 -10.80 -38.28 -4.59
CA VAL B 312 -9.64 -37.67 -5.21
C VAL B 312 -9.62 -38.06 -6.67
N LYS B 313 -9.17 -37.14 -7.53
CA LYS B 313 -9.41 -37.24 -8.96
C LYS B 313 -8.29 -36.54 -9.70
N ILE B 314 -7.43 -37.33 -10.34
CA ILE B 314 -6.14 -36.86 -10.85
C ILE B 314 -6.34 -36.34 -12.26
N TRP B 315 -6.37 -35.01 -12.40
CA TRP B 315 -6.46 -34.40 -13.72
C TRP B 315 -5.16 -34.61 -14.48
N ASP B 316 -5.14 -34.15 -15.73
CA ASP B 316 -3.93 -34.14 -16.52
C ASP B 316 -3.83 -32.79 -17.21
N LEU B 317 -2.61 -32.30 -17.38
CA LEU B 317 -2.41 -30.94 -17.85
C LEU B 317 -2.58 -30.77 -19.36
N ASN B 318 -2.74 -31.85 -20.10
CA ASN B 318 -2.89 -31.75 -21.55
C ASN B 318 -4.24 -32.23 -22.06
N MET B 319 -5.16 -32.63 -21.18
CA MET B 319 -6.45 -33.19 -21.56
C MET B 319 -7.51 -32.58 -20.65
N GLU B 320 -8.17 -31.52 -21.14
CA GLU B 320 -9.03 -30.70 -20.28
C GLU B 320 -10.32 -31.42 -19.91
N ASN B 321 -11.04 -31.92 -20.89
CA ASN B 321 -12.44 -32.30 -20.66
C ASN B 321 -12.62 -33.57 -19.84
N ARG B 322 -11.63 -34.20 -19.19
CA ARG B 322 -11.90 -35.37 -18.36
C ARG B 322 -10.66 -35.67 -17.53
N PRO B 323 -10.82 -36.22 -16.33
CA PRO B 323 -9.67 -36.72 -15.59
C PRO B 323 -9.23 -38.07 -16.12
N VAL B 324 -8.02 -38.47 -15.72
CA VAL B 324 -7.50 -39.75 -16.17
C VAL B 324 -7.55 -40.81 -15.09
N GLU B 325 -7.89 -40.46 -13.85
CA GLU B 325 -8.01 -41.42 -12.78
C GLU B 325 -8.98 -40.89 -11.74
N THR B 326 -9.73 -41.80 -11.14
CA THR B 326 -10.72 -41.42 -10.14
C THR B 326 -10.72 -42.47 -9.03
N TYR B 327 -10.47 -42.05 -7.80
CA TYR B 327 -10.40 -42.94 -6.66
C TYR B 327 -11.46 -42.54 -5.65
N GLN B 328 -12.36 -43.46 -5.33
CA GLN B 328 -13.43 -43.20 -4.37
C GLN B 328 -12.90 -43.42 -2.97
N VAL B 329 -13.00 -42.40 -2.11
CA VAL B 329 -12.36 -42.47 -0.80
C VAL B 329 -13.20 -43.27 0.17
N HIS B 330 -14.40 -42.79 0.50
CA HIS B 330 -15.25 -43.45 1.49
C HIS B 330 -16.65 -43.63 0.91
N GLU B 331 -16.72 -44.31 -0.24
CA GLU B 331 -17.96 -44.64 -0.94
C GLU B 331 -19.09 -45.10 -0.03
N TYR B 332 -18.78 -45.66 1.13
CA TYR B 332 -19.82 -46.16 2.03
C TYR B 332 -20.63 -45.03 2.67
N LEU B 333 -20.39 -43.79 2.25
CA LEU B 333 -21.07 -42.64 2.83
C LEU B 333 -22.13 -42.02 1.92
N ARG B 334 -22.24 -42.49 0.67
CA ARG B 334 -23.21 -41.89 -0.23
C ARG B 334 -24.64 -42.19 0.18
N SER B 335 -24.85 -43.14 1.08
CA SER B 335 -26.18 -43.37 1.66
C SER B 335 -26.43 -42.45 2.83
N LYS B 336 -25.51 -42.40 3.80
CA LYS B 336 -25.65 -41.53 4.95
C LYS B 336 -25.54 -40.05 4.63
N LEU B 337 -25.22 -39.70 3.38
CA LEU B 337 -25.16 -38.31 2.97
C LEU B 337 -26.33 -37.48 3.45
N CYS B 338 -27.50 -38.10 3.59
CA CYS B 338 -28.64 -37.37 4.14
C CYS B 338 -28.41 -37.03 5.61
N SER B 339 -28.10 -38.04 6.43
CA SER B 339 -27.85 -37.82 7.84
C SER B 339 -26.63 -36.94 8.09
N LEU B 340 -25.75 -36.80 7.11
CA LEU B 340 -24.57 -35.96 7.26
C LEU B 340 -24.84 -34.49 7.02
N TYR B 341 -26.11 -34.08 6.99
CA TYR B 341 -26.46 -32.69 6.73
C TYR B 341 -26.90 -31.95 7.98
N GLU B 342 -27.30 -32.65 9.03
CA GLU B 342 -27.84 -32.02 10.23
C GLU B 342 -26.81 -31.78 11.31
N ASN B 343 -25.59 -32.31 11.16
CA ASN B 343 -24.53 -32.09 12.14
C ASN B 343 -23.38 -31.31 11.54
N ASP B 344 -23.57 -30.71 10.37
CA ASP B 344 -22.54 -29.90 9.70
C ASP B 344 -21.26 -30.69 9.51
N CYS B 345 -21.40 -31.99 9.27
CA CYS B 345 -20.27 -32.85 8.91
C CYS B 345 -20.15 -33.03 7.41
N ILE B 346 -20.88 -32.24 6.63
CA ILE B 346 -20.77 -32.34 5.18
C ILE B 346 -19.95 -31.19 4.61
N PHE B 347 -19.69 -30.16 5.40
CA PHE B 347 -18.75 -29.11 5.06
C PHE B 347 -17.46 -29.41 5.80
N ASP B 348 -16.55 -30.13 5.16
CA ASP B 348 -15.28 -30.51 5.77
C ASP B 348 -14.19 -30.42 4.72
N LYS B 349 -13.12 -29.70 5.03
CA LYS B 349 -12.09 -29.41 4.04
C LYS B 349 -10.96 -30.42 4.16
N PHE B 350 -11.14 -31.57 3.52
CA PHE B 350 -10.12 -32.60 3.53
C PHE B 350 -8.95 -32.19 2.66
N GLU B 351 -7.83 -32.89 2.81
CA GLU B 351 -6.60 -32.49 2.16
C GLU B 351 -5.78 -33.70 1.74
N CYS B 352 -5.15 -33.60 0.57
CA CYS B 352 -4.47 -34.72 -0.08
C CYS B 352 -3.06 -34.33 -0.46
N CYS B 353 -2.12 -35.26 -0.31
CA CYS B 353 -0.72 -35.01 -0.60
C CYS B 353 -0.15 -36.14 -1.44
N TRP B 354 0.84 -35.80 -2.28
CA TRP B 354 1.45 -36.72 -3.22
C TRP B 354 2.56 -37.54 -2.58
N ASN B 355 3.03 -38.54 -3.30
CA ASN B 355 4.24 -39.25 -2.93
C ASN B 355 5.44 -38.38 -3.28
N GLY B 356 6.64 -38.89 -3.02
CA GLY B 356 7.83 -38.21 -3.48
C GLY B 356 8.16 -38.48 -4.93
N SER B 357 7.57 -39.54 -5.51
CA SER B 357 7.88 -39.93 -6.88
C SER B 357 6.63 -40.09 -7.73
N ASP B 358 5.53 -39.49 -7.32
CA ASP B 358 4.29 -39.46 -8.11
C ASP B 358 3.81 -40.87 -8.43
N SER B 359 3.73 -41.71 -7.41
CA SER B 359 3.18 -43.05 -7.59
C SER B 359 2.19 -43.45 -6.53
N VAL B 360 2.22 -42.85 -5.35
CA VAL B 360 1.25 -43.13 -4.29
C VAL B 360 0.64 -41.80 -3.90
N VAL B 361 -0.61 -41.83 -3.45
CA VAL B 361 -1.31 -40.63 -3.03
C VAL B 361 -2.09 -40.94 -1.76
N MET B 362 -2.19 -39.96 -0.87
CA MET B 362 -2.81 -40.14 0.42
C MET B 362 -3.90 -39.09 0.62
N THR B 363 -4.90 -39.43 1.41
CA THR B 363 -5.91 -38.46 1.80
C THR B 363 -6.54 -38.89 3.11
N GLY B 364 -7.04 -37.92 3.85
CA GLY B 364 -7.66 -38.23 5.12
C GLY B 364 -9.05 -38.77 4.96
N SER B 365 -9.65 -39.16 6.08
CA SER B 365 -10.98 -39.72 6.09
C SER B 365 -11.49 -39.69 7.52
N TYR B 366 -12.66 -40.27 7.75
CA TYR B 366 -13.32 -40.22 9.05
C TYR B 366 -12.83 -41.32 9.97
N ASN B 367 -13.15 -41.18 11.24
CA ASN B 367 -12.90 -42.21 12.25
C ASN B 367 -11.43 -42.60 12.33
N ASN B 368 -10.55 -41.66 12.01
CA ASN B 368 -9.09 -41.74 12.10
C ASN B 368 -8.47 -42.59 10.99
N PHE B 369 -9.24 -43.24 10.13
CA PHE B 369 -8.64 -43.92 8.99
C PHE B 369 -8.07 -42.90 8.04
N PHE B 370 -7.02 -43.27 7.33
CA PHE B 370 -6.50 -42.44 6.24
C PHE B 370 -6.16 -43.35 5.07
N ARG B 371 -6.94 -43.22 4.00
CA ARG B 371 -6.75 -44.03 2.81
C ARG B 371 -5.53 -43.56 2.06
N MET B 372 -4.71 -44.50 1.59
CA MET B 372 -3.62 -44.20 0.68
C MET B 372 -3.65 -45.16 -0.49
N PHE B 373 -3.91 -44.62 -1.68
CA PHE B 373 -4.09 -45.42 -2.88
C PHE B 373 -2.74 -45.76 -3.48
N ASP B 374 -2.74 -46.26 -4.72
CA ASP B 374 -1.50 -46.58 -5.41
C ASP B 374 -1.77 -46.45 -6.89
N ARG B 375 -1.00 -45.61 -7.57
CA ARG B 375 -1.32 -45.28 -8.95
C ARG B 375 -0.96 -46.40 -9.91
N ASN B 376 0.19 -47.05 -9.70
CA ASN B 376 0.74 -47.90 -10.74
C ASN B 376 0.27 -49.35 -10.66
N THR B 377 -0.20 -49.81 -9.50
CA THR B 377 -0.76 -51.14 -9.38
C THR B 377 -2.24 -51.15 -9.03
N LYS B 378 -2.84 -49.98 -8.85
CA LYS B 378 -4.27 -49.80 -8.62
C LYS B 378 -4.76 -50.47 -7.34
N ARG B 379 -3.86 -50.87 -6.45
CA ARG B 379 -4.27 -51.35 -5.14
C ARG B 379 -4.71 -50.17 -4.27
N ASP B 380 -5.13 -50.47 -3.05
CA ASP B 380 -5.40 -49.43 -2.06
C ASP B 380 -5.43 -50.06 -0.68
N ILE B 381 -5.21 -49.24 0.34
CA ILE B 381 -5.15 -49.69 1.71
C ILE B 381 -6.10 -48.82 2.53
N THR B 382 -6.18 -49.13 3.83
CA THR B 382 -6.88 -48.26 4.77
C THR B 382 -6.27 -48.53 6.14
N LEU B 383 -5.37 -47.65 6.57
CA LEU B 383 -4.75 -47.81 7.88
C LEU B 383 -5.57 -47.07 8.92
N GLU B 384 -5.17 -47.19 10.18
CA GLU B 384 -5.85 -46.52 11.27
C GLU B 384 -4.83 -45.92 12.21
N ALA B 385 -4.86 -44.60 12.33
CA ALA B 385 -4.00 -43.88 13.27
C ALA B 385 -4.71 -43.82 14.61
N SER B 386 -4.28 -44.67 15.55
CA SER B 386 -4.86 -44.67 16.88
C SER B 386 -3.77 -45.10 17.86
N ARG B 387 -4.11 -45.03 19.15
CA ARG B 387 -3.13 -45.17 20.22
C ARG B 387 -3.21 -46.49 20.97
N GLU B 388 -4.41 -46.92 21.34
CA GLU B 388 -4.57 -48.02 22.28
C GLU B 388 -4.32 -49.39 21.69
N ASN B 389 -3.77 -49.48 20.47
CA ASN B 389 -3.49 -50.77 19.86
C ASN B 389 -2.10 -50.85 19.22
N ASN B 390 -1.30 -49.79 19.30
CA ASN B 390 -0.07 -49.70 18.54
C ASN B 390 1.10 -49.35 19.46
N LYS B 391 2.24 -49.98 19.21
CA LYS B 391 3.49 -49.68 19.88
C LYS B 391 4.56 -49.43 18.82
N PRO B 392 5.70 -48.84 19.20
CA PRO B 392 6.75 -48.59 18.21
C PRO B 392 7.17 -49.86 17.48
N ARG B 393 7.52 -49.69 16.21
CA ARG B 393 8.09 -50.71 15.33
C ARG B 393 7.16 -51.90 15.09
N THR B 394 5.89 -51.81 15.49
CA THR B 394 4.91 -52.81 15.10
C THR B 394 4.45 -52.50 13.68
N VAL B 395 3.39 -53.15 13.22
CA VAL B 395 2.86 -52.93 11.88
C VAL B 395 1.39 -52.57 12.00
N LEU B 396 0.93 -51.68 11.12
CA LEU B 396 -0.47 -51.29 11.05
C LEU B 396 -1.17 -52.15 10.01
N LYS B 397 -2.12 -52.93 10.45
CA LYS B 397 -2.75 -53.79 9.46
C LYS B 397 -3.99 -53.12 8.88
N PRO B 398 -4.30 -53.39 7.62
CA PRO B 398 -5.40 -52.69 6.95
C PRO B 398 -6.75 -52.92 7.60
N ARG B 399 -7.34 -51.86 8.15
CA ARG B 399 -8.71 -51.93 8.62
C ARG B 399 -9.66 -51.83 7.44
N LYS B 400 -10.72 -52.64 7.49
CA LYS B 400 -11.64 -52.80 6.36
C LYS B 400 -13.06 -52.61 6.85
N VAL B 401 -13.64 -51.45 6.57
CA VAL B 401 -14.99 -51.13 7.02
C VAL B 401 -16.01 -51.85 6.15
N CYS B 402 -17.11 -52.26 6.77
CA CYS B 402 -18.18 -52.98 6.08
C CYS B 402 -19.41 -52.11 6.01
N ALA B 403 -20.08 -52.11 4.85
CA ALA B 403 -21.26 -51.27 4.67
C ALA B 403 -22.54 -52.00 5.08
N SER B 404 -22.60 -53.31 4.88
CA SER B 404 -23.81 -54.07 5.13
C SER B 404 -23.93 -54.41 6.62
N GLY B 405 -24.88 -55.26 6.97
CA GLY B 405 -25.05 -55.74 8.32
C GLY B 405 -24.29 -56.99 8.65
N LYS B 406 -23.68 -57.63 7.64
CA LYS B 406 -22.84 -58.81 7.84
C LYS B 406 -21.46 -58.32 8.27
N ARG B 407 -21.18 -58.46 9.57
CA ARG B 407 -19.95 -57.98 10.17
C ARG B 407 -19.34 -59.10 11.00
N LYS B 408 -18.09 -59.47 10.70
CA LYS B 408 -17.44 -60.61 11.34
C LYS B 408 -16.01 -60.26 11.81
N LYS B 409 -15.93 -59.65 12.99
CA LYS B 409 -14.74 -59.68 13.85
C LYS B 409 -13.52 -58.96 13.30
N ASP B 410 -13.59 -58.45 12.07
CA ASP B 410 -12.48 -57.66 11.53
C ASP B 410 -12.97 -56.48 10.71
N GLU B 411 -14.24 -56.12 10.83
CA GLU B 411 -14.80 -54.98 10.11
C GLU B 411 -15.66 -54.18 11.07
N ILE B 412 -15.84 -52.91 10.75
CA ILE B 412 -16.64 -51.99 11.56
C ILE B 412 -17.90 -51.67 10.80
N SER B 413 -19.05 -51.86 11.45
CA SER B 413 -20.32 -51.46 10.85
C SER B 413 -20.39 -49.94 10.80
N VAL B 414 -20.76 -49.40 9.64
CA VAL B 414 -20.79 -47.96 9.44
C VAL B 414 -21.68 -47.25 10.44
N ASP B 415 -22.50 -47.97 11.19
CA ASP B 415 -23.25 -47.40 12.29
C ASP B 415 -22.38 -47.20 13.53
N SER B 416 -21.08 -47.47 13.45
CA SER B 416 -20.19 -47.36 14.59
C SER B 416 -18.98 -46.46 14.36
N LEU B 417 -18.76 -45.97 13.14
CA LEU B 417 -17.69 -45.00 12.92
C LEU B 417 -17.98 -43.72 13.68
N ASP B 418 -16.98 -43.20 14.36
CA ASP B 418 -17.14 -41.97 15.13
C ASP B 418 -16.91 -40.79 14.20
N PHE B 419 -17.97 -40.06 13.88
CA PHE B 419 -17.84 -38.95 12.93
C PHE B 419 -17.37 -37.70 13.66
N ASN B 420 -16.33 -37.82 14.48
CA ASN B 420 -15.78 -36.65 15.14
C ASN B 420 -14.27 -36.73 15.26
N LYS B 421 -13.63 -37.69 14.61
CA LYS B 421 -12.18 -37.83 14.61
C LYS B 421 -11.75 -37.82 13.15
N LYS B 422 -11.55 -36.63 12.61
CA LYS B 422 -11.29 -36.47 11.19
C LYS B 422 -9.80 -36.19 10.98
N ILE B 423 -9.17 -36.97 10.12
CA ILE B 423 -7.76 -36.77 9.80
C ILE B 423 -7.74 -35.80 8.62
N LEU B 424 -7.82 -34.52 8.93
CA LEU B 424 -7.85 -33.53 7.86
C LEU B 424 -6.46 -33.35 7.26
N HIS B 425 -5.50 -32.91 8.08
CA HIS B 425 -4.19 -32.48 7.58
C HIS B 425 -3.17 -33.60 7.60
N THR B 426 -2.36 -33.65 6.55
CA THR B 426 -1.35 -34.68 6.38
C THR B 426 -0.21 -34.13 5.55
N ALA B 427 0.95 -34.77 5.65
CA ALA B 427 2.12 -34.38 4.87
C ALA B 427 2.82 -35.65 4.40
N TRP B 428 3.95 -35.49 3.72
CA TRP B 428 4.72 -36.63 3.25
C TRP B 428 6.13 -36.18 2.94
N HIS B 429 7.11 -36.74 3.65
CA HIS B 429 8.53 -36.44 3.48
C HIS B 429 8.87 -36.37 2.00
N PRO B 430 9.59 -35.35 1.56
CA PRO B 430 9.86 -35.20 0.12
C PRO B 430 10.53 -36.41 -0.52
N LYS B 431 11.68 -36.83 -0.01
CA LYS B 431 12.42 -37.91 -0.64
C LYS B 431 12.14 -39.26 0.01
N GLU B 432 12.29 -39.34 1.32
CA GLU B 432 12.24 -40.61 2.03
C GLU B 432 10.80 -41.07 2.21
N ASN B 433 10.58 -42.05 3.07
CA ASN B 433 9.25 -42.66 3.16
C ASN B 433 8.60 -42.47 4.52
N ILE B 434 8.68 -41.26 5.08
CA ILE B 434 8.08 -40.93 6.36
C ILE B 434 6.88 -40.03 6.11
N ILE B 435 5.79 -40.27 6.85
CA ILE B 435 4.61 -39.43 6.74
C ILE B 435 4.20 -38.95 8.12
N ALA B 436 3.44 -37.86 8.17
CA ALA B 436 2.95 -37.28 9.41
C ALA B 436 1.45 -37.10 9.28
N VAL B 437 0.71 -37.67 10.22
CA VAL B 437 -0.75 -37.72 10.16
C VAL B 437 -1.27 -37.00 11.39
N ALA B 438 -2.03 -35.93 11.18
CA ALA B 438 -2.40 -35.03 12.28
C ALA B 438 -3.89 -35.15 12.57
N THR B 439 -4.23 -35.96 13.55
CA THR B 439 -5.61 -36.05 14.01
C THR B 439 -5.91 -34.85 14.90
N THR B 440 -7.01 -34.90 15.66
CA THR B 440 -7.47 -33.72 16.37
C THR B 440 -6.43 -33.19 17.35
N ASN B 441 -5.76 -34.07 18.08
CA ASN B 441 -4.84 -33.58 19.10
C ASN B 441 -3.54 -34.38 19.18
N ASN B 442 -3.08 -34.95 18.08
CA ASN B 442 -1.82 -35.69 18.07
C ASN B 442 -1.17 -35.56 16.70
N LEU B 443 0.03 -36.10 16.57
CA LEU B 443 0.81 -35.93 15.35
C LEU B 443 1.55 -37.22 15.00
N TYR B 444 0.84 -38.35 14.96
CA TYR B 444 1.49 -39.62 14.63
C TYR B 444 2.37 -39.49 13.39
N ILE B 445 3.56 -40.11 13.43
CA ILE B 445 4.58 -39.94 12.40
C ILE B 445 4.96 -41.27 11.78
N PHE B 446 3.98 -42.15 11.54
CA PHE B 446 4.24 -43.47 10.95
C PHE B 446 5.26 -43.45 9.83
N GLN B 447 6.37 -44.14 10.00
CA GLN B 447 7.26 -44.42 8.88
C GLN B 447 7.10 -45.88 8.46
N ASP B 448 7.97 -46.32 7.54
CA ASP B 448 8.00 -47.71 7.14
C ASP B 448 9.20 -48.39 7.76
N LYS B 449 9.24 -49.72 7.67
CA LYS B 449 10.28 -50.50 8.33
C LYS B 449 11.53 -50.52 7.44
N VAL B 450 12.57 -49.81 7.88
CA VAL B 450 13.85 -49.90 7.20
C VAL B 450 14.47 -51.26 7.49
N ASN B 451 14.75 -52.01 6.43
CA ASN B 451 15.27 -53.36 6.57
C ASN B 451 16.71 -53.46 6.07
N ASP C 4 5.74 37.62 26.84
CA ASP C 4 4.70 38.28 26.07
C ASP C 4 4.01 37.29 25.15
N GLU C 5 2.79 37.63 24.72
CA GLU C 5 2.04 36.75 23.83
C GLU C 5 2.70 36.62 22.45
N LYS C 6 3.55 37.58 22.08
CA LYS C 6 4.16 37.53 20.75
C LYS C 6 5.05 36.30 20.60
N VAL C 7 5.88 36.02 21.60
CA VAL C 7 6.79 34.87 21.51
C VAL C 7 6.00 33.57 21.47
N PHE C 8 4.94 33.48 22.28
CA PHE C 8 4.08 32.31 22.25
C PHE C 8 3.46 32.13 20.87
N THR C 9 3.00 33.22 20.27
CA THR C 9 2.40 33.13 18.95
C THR C 9 3.41 32.69 17.89
N LYS C 10 4.63 33.22 17.95
CA LYS C 10 5.64 32.81 16.97
C LYS C 10 6.00 31.34 17.16
N GLU C 11 6.11 30.89 18.40
CA GLU C 11 6.38 29.48 18.65
C GLU C 11 5.26 28.60 18.12
N LEU C 12 4.00 29.02 18.32
CA LEU C 12 2.88 28.24 17.80
C LEU C 12 2.86 28.24 16.28
N ASP C 13 3.22 29.36 15.64
CA ASP C 13 3.31 29.39 14.19
C ASP C 13 4.40 28.47 13.68
N GLN C 14 5.53 28.43 14.39
CA GLN C 14 6.59 27.49 14.02
C GLN C 14 6.11 26.06 14.16
N TRP C 15 5.34 25.77 15.21
CA TRP C 15 4.77 24.42 15.34
C TRP C 15 3.76 24.14 14.24
N ILE C 16 3.05 25.16 13.78
CA ILE C 16 2.11 24.98 12.68
C ILE C 16 2.87 24.61 11.41
N GLU C 17 3.99 25.29 11.14
CA GLU C 17 4.81 24.93 9.99
C GLU C 17 5.36 23.51 10.17
N GLN C 18 5.75 23.16 11.39
CA GLN C 18 6.21 21.81 11.68
C GLN C 18 5.12 20.79 11.35
N LEU C 19 3.88 21.07 11.74
CA LEU C 19 2.77 20.20 11.36
C LEU C 19 2.64 20.14 9.85
N ASN C 20 2.89 21.27 9.16
CA ASN C 20 2.99 21.25 7.71
C ASN C 20 4.04 20.25 7.25
N GLU C 21 5.10 20.05 8.04
CA GLU C 21 6.11 19.06 7.74
C GLU C 21 5.72 17.66 8.18
N CYS C 22 4.58 17.49 8.86
CA CYS C 22 4.12 16.19 9.33
C CYS C 22 5.15 15.55 10.27
N LYS C 23 5.35 16.20 11.42
CA LYS C 23 6.35 15.81 12.40
C LYS C 23 5.64 15.33 13.66
N GLN C 24 6.23 14.34 14.34
CA GLN C 24 5.67 13.86 15.59
C GLN C 24 5.93 14.86 16.71
N LEU C 25 5.05 14.86 17.70
CA LEU C 25 5.10 15.85 18.77
C LEU C 25 5.55 15.20 20.08
N SER C 26 5.90 16.06 21.04
CA SER C 26 6.27 15.61 22.37
C SER C 26 5.07 15.71 23.31
N GLU C 27 5.32 15.41 24.59
CA GLU C 27 4.24 15.39 25.56
C GLU C 27 3.96 16.78 26.12
N SER C 28 5.00 17.49 26.56
CA SER C 28 4.80 18.78 27.21
C SER C 28 3.97 19.71 26.33
N GLN C 29 4.19 19.67 25.01
CA GLN C 29 3.42 20.53 24.11
C GLN C 29 1.93 20.22 24.20
N VAL C 30 1.57 18.94 24.14
CA VAL C 30 0.16 18.58 24.16
C VAL C 30 -0.45 18.88 25.53
N LYS C 31 0.32 18.68 26.60
CA LYS C 31 -0.20 18.97 27.94
C LYS C 31 -0.48 20.46 28.09
N SER C 32 0.45 21.32 27.65
CA SER C 32 0.23 22.76 27.74
C SER C 32 -0.93 23.18 26.85
N LEU C 33 -1.04 22.60 25.65
CA LEU C 33 -2.14 22.93 24.76
C LEU C 33 -3.47 22.53 25.38
N CYS C 34 -3.52 21.36 26.01
CA CYS C 34 -4.73 20.92 26.68
C CYS C 34 -5.08 21.82 27.85
N GLU C 35 -4.07 22.26 28.61
CA GLU C 35 -4.33 23.16 29.72
C GLU C 35 -4.93 24.48 29.23
N LYS C 36 -4.36 25.04 28.15
CA LYS C 36 -4.91 26.26 27.59
C LYS C 36 -6.33 26.04 27.08
N ALA C 37 -6.57 24.91 26.43
CA ALA C 37 -7.89 24.61 25.91
C ALA C 37 -8.91 24.51 27.03
N LYS C 38 -8.55 23.83 28.12
CA LYS C 38 -9.47 23.69 29.25
C LYS C 38 -9.72 25.04 29.91
N GLU C 39 -8.67 25.86 30.02
CA GLU C 39 -8.86 27.20 30.59
C GLU C 39 -9.82 28.02 29.74
N ILE C 40 -9.69 27.92 28.41
CA ILE C 40 -10.59 28.64 27.52
C ILE C 40 -12.01 28.08 27.62
N LEU C 41 -12.13 26.77 27.79
CA LEU C 41 -13.41 26.09 27.63
C LEU C 41 -14.25 26.07 28.90
N THR C 42 -13.62 26.15 30.07
CA THR C 42 -14.38 26.09 31.31
C THR C 42 -15.36 27.25 31.44
N LYS C 43 -15.01 28.42 30.88
CA LYS C 43 -15.88 29.58 30.93
C LYS C 43 -17.04 29.49 29.93
N GLU C 44 -16.95 28.62 28.93
CA GLU C 44 -18.00 28.49 27.92
C GLU C 44 -19.09 27.54 28.41
N SER C 45 -20.32 27.83 28.00
CA SER C 45 -21.47 27.03 28.40
C SER C 45 -21.76 25.97 27.33
N ASN C 46 -22.84 25.22 27.54
CA ASN C 46 -23.19 24.14 26.61
C ASN C 46 -23.54 24.69 25.23
N VAL C 47 -24.03 25.92 25.15
CA VAL C 47 -24.47 26.52 23.91
C VAL C 47 -23.40 27.53 23.49
N GLN C 48 -22.50 27.10 22.59
CA GLN C 48 -21.48 28.00 22.07
C GLN C 48 -22.09 28.94 21.05
N GLU C 49 -21.80 30.24 21.19
CA GLU C 49 -22.36 31.25 20.31
C GLU C 49 -21.39 31.49 19.15
N VAL C 50 -21.74 30.96 17.97
CA VAL C 50 -20.97 31.16 16.74
C VAL C 50 -21.67 32.22 15.92
N ARG C 51 -20.92 33.24 15.52
CA ARG C 51 -21.45 34.37 14.76
C ARG C 51 -21.23 34.14 13.28
N CYS C 52 -22.30 34.29 12.48
CA CYS C 52 -22.17 34.16 11.05
C CYS C 52 -21.39 35.34 10.48
N PRO C 53 -20.80 35.19 9.29
CA PRO C 53 -20.81 34.00 8.41
C PRO C 53 -19.87 32.92 8.91
N VAL C 54 -20.06 31.68 8.47
CA VAL C 54 -19.23 30.56 8.94
C VAL C 54 -19.41 29.40 7.98
N THR C 55 -18.40 28.55 7.90
CA THR C 55 -18.45 27.32 7.11
C THR C 55 -18.72 26.16 8.04
N VAL C 56 -19.81 25.43 7.78
CA VAL C 56 -20.25 24.32 8.62
C VAL C 56 -19.73 23.02 8.03
N CYS C 57 -19.36 22.09 8.89
CA CYS C 57 -18.93 20.77 8.47
C CYS C 57 -19.36 19.76 9.52
N GLY C 58 -19.68 18.55 9.06
CA GLY C 58 -20.18 17.52 9.94
C GLY C 58 -19.11 16.58 10.45
N ASP C 59 -19.38 15.28 10.37
CA ASP C 59 -18.44 14.29 10.88
C ASP C 59 -17.15 14.29 10.07
N VAL C 60 -16.04 14.07 10.76
CA VAL C 60 -14.75 13.83 10.12
C VAL C 60 -14.19 12.45 10.49
N HIS C 61 -14.39 12.02 11.73
CA HIS C 61 -13.99 10.68 12.17
C HIS C 61 -12.50 10.46 11.95
N GLY C 62 -11.72 11.52 12.09
CA GLY C 62 -10.27 11.40 12.13
C GLY C 62 -9.58 11.17 10.81
N GLN C 63 -10.27 11.33 9.68
CA GLN C 63 -9.63 11.20 8.37
C GLN C 63 -8.90 12.51 8.09
N PHE C 64 -7.58 12.46 8.19
CA PHE C 64 -6.78 13.68 8.07
C PHE C 64 -6.77 14.20 6.64
N HIS C 65 -6.67 13.30 5.67
CA HIS C 65 -6.57 13.74 4.28
C HIS C 65 -7.84 14.45 3.84
N ASP C 66 -9.00 13.92 4.18
CA ASP C 66 -10.25 14.63 3.87
C ASP C 66 -10.28 15.98 4.56
N LEU C 67 -9.72 16.09 5.76
CA LEU C 67 -9.71 17.38 6.45
C LEU C 67 -8.83 18.40 5.72
N MET C 68 -7.64 17.98 5.27
CA MET C 68 -6.79 18.93 4.56
C MET C 68 -7.40 19.31 3.23
N GLU C 69 -8.06 18.37 2.55
CA GLU C 69 -8.76 18.71 1.32
C GLU C 69 -9.87 19.72 1.59
N LEU C 70 -10.63 19.52 2.67
CA LEU C 70 -11.61 20.50 3.10
C LEU C 70 -10.95 21.87 3.29
N PHE C 71 -9.77 21.88 3.89
CA PHE C 71 -9.06 23.13 4.11
C PHE C 71 -8.74 23.81 2.78
N ARG C 72 -8.29 23.04 1.79
CA ARG C 72 -7.99 23.65 0.49
C ARG C 72 -9.25 24.22 -0.15
N ILE C 73 -10.35 23.46 -0.14
CA ILE C 73 -11.55 23.93 -0.83
C ILE C 73 -12.09 25.19 -0.17
N GLY C 74 -12.20 25.18 1.16
CA GLY C 74 -12.80 26.28 1.88
C GLY C 74 -11.90 27.44 2.19
N GLY C 75 -10.63 27.37 1.80
CA GLY C 75 -9.68 28.42 2.12
C GLY C 75 -8.90 28.11 3.40
N LYS C 76 -7.86 28.91 3.63
CA LYS C 76 -6.98 28.71 4.76
C LYS C 76 -7.39 29.61 5.91
N SER C 77 -7.40 29.05 7.12
CA SER C 77 -7.74 29.82 8.30
C SER C 77 -6.67 30.88 8.55
N PRO C 78 -7.05 32.04 9.14
CA PRO C 78 -8.38 32.46 9.57
C PRO C 78 -9.13 33.26 8.50
N ASP C 79 -8.74 33.17 7.23
CA ASP C 79 -9.44 33.93 6.20
C ASP C 79 -10.91 33.54 6.14
N THR C 80 -11.21 32.26 6.34
CA THR C 80 -12.58 31.76 6.34
C THR C 80 -12.83 31.02 7.64
N ASN C 81 -13.93 31.34 8.31
CA ASN C 81 -14.27 30.69 9.56
C ASN C 81 -14.73 29.26 9.31
N TYR C 82 -14.59 28.43 10.34
CA TYR C 82 -14.96 27.02 10.25
C TYR C 82 -15.74 26.62 11.49
N LEU C 83 -16.35 25.44 11.41
CA LEU C 83 -17.10 24.87 12.52
C LEU C 83 -17.23 23.38 12.26
N PHE C 84 -17.40 22.60 13.34
CA PHE C 84 -17.54 21.16 13.23
C PHE C 84 -18.66 20.69 14.15
N MET C 85 -19.08 19.43 13.96
CA MET C 85 -20.24 18.89 14.65
C MET C 85 -19.95 17.52 15.25
N GLY C 86 -18.76 17.31 15.78
CA GLY C 86 -18.44 16.09 16.50
C GLY C 86 -17.93 14.99 15.60
N ASP C 87 -17.89 13.80 16.17
CA ASP C 87 -17.41 12.59 15.49
C ASP C 87 -15.99 12.80 14.94
N TYR C 88 -15.08 13.17 15.84
CA TYR C 88 -13.68 13.29 15.50
C TYR C 88 -12.89 12.03 15.83
N VAL C 89 -13.56 10.97 16.28
CA VAL C 89 -12.93 9.71 16.62
C VAL C 89 -13.81 8.58 16.13
N ASP C 90 -13.34 7.34 16.33
CA ASP C 90 -14.08 6.15 15.97
C ASP C 90 -14.11 5.95 14.46
N ARG C 91 -13.93 4.69 14.03
CA ARG C 91 -13.95 4.34 12.61
C ARG C 91 -13.04 5.26 11.80
N GLY C 92 -11.80 5.39 12.25
CA GLY C 92 -10.83 6.23 11.58
C GLY C 92 -9.42 5.84 11.94
N TYR C 93 -8.48 6.28 11.11
CA TYR C 93 -7.07 5.94 11.30
C TYR C 93 -6.25 7.07 11.92
N TYR C 94 -6.61 8.31 11.66
CA TYR C 94 -5.77 9.44 12.01
C TYR C 94 -6.46 10.38 12.98
N SER C 95 -7.06 9.83 14.03
CA SER C 95 -7.77 10.66 15.01
C SER C 95 -6.81 11.61 15.71
N VAL C 96 -5.63 11.13 16.10
CA VAL C 96 -4.74 11.93 16.94
C VAL C 96 -4.33 13.20 16.22
N GLU C 97 -3.90 13.09 14.96
CA GLU C 97 -3.51 14.27 14.20
C GLU C 97 -4.69 15.23 14.07
N THR C 98 -5.88 14.69 13.80
CA THR C 98 -7.07 15.53 13.68
C THR C 98 -7.29 16.36 14.94
N VAL C 99 -7.32 15.71 16.10
CA VAL C 99 -7.64 16.44 17.32
C VAL C 99 -6.52 17.40 17.68
N THR C 100 -5.26 17.00 17.47
CA THR C 100 -4.15 17.88 17.79
C THR C 100 -4.18 19.14 16.94
N LEU C 101 -4.39 19.00 15.63
CA LEU C 101 -4.47 20.18 14.77
C LEU C 101 -5.68 21.04 15.14
N LEU C 102 -6.81 20.40 15.46
CA LEU C 102 -7.98 21.15 15.88
C LEU C 102 -7.67 22.00 17.10
N VAL C 103 -7.07 21.40 18.13
CA VAL C 103 -6.78 22.15 19.35
C VAL C 103 -5.77 23.26 19.07
N ALA C 104 -4.75 22.97 18.24
CA ALA C 104 -3.75 24.00 17.94
C ALA C 104 -4.39 25.20 17.25
N LEU C 105 -5.18 24.94 16.20
CA LEU C 105 -5.82 26.05 15.50
C LEU C 105 -6.81 26.77 16.38
N LYS C 106 -7.49 26.04 17.27
CA LYS C 106 -8.42 26.69 18.19
C LYS C 106 -7.68 27.64 19.11
N VAL C 107 -6.57 27.19 19.70
CA VAL C 107 -5.81 28.04 20.62
C VAL C 107 -5.27 29.26 19.87
N ARG C 108 -4.75 29.05 18.67
CA ARG C 108 -4.19 30.17 17.91
C ARG C 108 -5.28 31.16 17.51
N TYR C 109 -6.48 30.68 17.21
CA TYR C 109 -7.58 31.48 16.67
C TYR C 109 -8.83 31.25 17.50
N ARG C 110 -8.70 31.41 18.82
CA ARG C 110 -9.77 31.09 19.77
C ARG C 110 -11.16 31.45 19.24
N GLU C 111 -11.35 32.69 18.81
CA GLU C 111 -12.68 33.20 18.52
C GLU C 111 -13.12 33.02 17.07
N ARG C 112 -12.24 32.56 16.19
CA ARG C 112 -12.58 32.42 14.77
C ARG C 112 -12.84 30.98 14.35
N ILE C 113 -13.00 30.06 15.29
CA ILE C 113 -13.28 28.66 14.99
C ILE C 113 -13.95 28.02 16.20
N THR C 114 -14.88 27.11 15.94
CA THR C 114 -15.63 26.45 17.00
C THR C 114 -15.64 24.94 16.76
N ILE C 115 -15.66 24.18 17.84
CA ILE C 115 -15.71 22.72 17.78
C ILE C 115 -16.69 22.22 18.84
N LEU C 116 -17.55 21.29 18.46
CA LEU C 116 -18.57 20.75 19.34
C LEU C 116 -18.21 19.32 19.74
N ARG C 117 -19.10 18.67 20.46
CA ARG C 117 -18.92 17.30 20.92
C ARG C 117 -19.92 16.39 20.22
N GLY C 118 -19.63 15.09 20.23
CA GLY C 118 -20.44 14.11 19.54
C GLY C 118 -20.74 12.92 20.40
N ASN C 119 -21.68 12.10 19.93
CA ASN C 119 -22.10 10.92 20.68
C ASN C 119 -20.94 9.95 20.88
N HIS C 120 -20.06 9.83 19.89
CA HIS C 120 -18.91 8.95 19.99
C HIS C 120 -17.78 9.56 20.81
N GLU C 121 -18.03 10.68 21.48
CA GLU C 121 -17.09 11.24 22.45
C GLU C 121 -17.45 10.80 23.86
N SER C 122 -17.52 9.48 24.03
CA SER C 122 -17.85 8.85 25.30
C SER C 122 -16.75 7.88 25.70
N ARG C 123 -16.50 7.80 27.02
CA ARG C 123 -15.34 7.09 27.51
C ARG C 123 -15.33 5.63 27.05
N GLN C 124 -16.44 4.92 27.23
CA GLN C 124 -16.51 3.53 26.78
C GLN C 124 -16.35 3.45 25.27
N ILE C 125 -17.08 4.30 24.54
CA ILE C 125 -17.05 4.25 23.08
C ILE C 125 -15.66 4.59 22.56
N THR C 126 -15.05 5.67 23.09
CA THR C 126 -13.72 6.04 22.61
C THR C 126 -12.70 4.98 22.97
N GLN C 127 -12.83 4.38 24.15
CA GLN C 127 -11.91 3.33 24.56
C GLN C 127 -12.00 2.11 23.66
N VAL C 128 -13.21 1.77 23.21
CA VAL C 128 -13.38 0.56 22.41
C VAL C 128 -13.10 0.79 20.94
N TYR C 129 -13.35 2.00 20.42
CA TYR C 129 -13.30 2.28 18.99
C TYR C 129 -12.01 2.99 18.58
N GLY C 130 -10.92 2.23 18.49
CA GLY C 130 -9.69 2.70 17.87
C GLY C 130 -8.89 3.69 18.69
N PHE C 131 -9.54 4.71 19.25
CA PHE C 131 -8.82 5.81 19.86
C PHE C 131 -7.84 5.31 20.92
N TYR C 132 -8.28 4.39 21.78
CA TYR C 132 -7.39 3.85 22.79
C TYR C 132 -6.23 3.10 22.15
N ASP C 133 -6.51 2.28 21.15
CA ASP C 133 -5.45 1.58 20.44
C ASP C 133 -4.53 2.57 19.73
N GLU C 134 -5.11 3.62 19.14
CA GLU C 134 -4.30 4.62 18.44
C GLU C 134 -3.34 5.31 19.40
N CYS C 135 -3.82 5.69 20.59
CA CYS C 135 -2.95 6.30 21.57
C CYS C 135 -1.90 5.32 22.08
N LEU C 136 -2.29 4.06 22.25
CA LEU C 136 -1.32 3.05 22.67
C LEU C 136 -0.23 2.89 21.63
N ARG C 137 -0.56 3.05 20.36
CA ARG C 137 0.43 2.88 19.30
C ARG C 137 1.32 4.11 19.17
N LYS C 138 0.76 5.31 19.38
CA LYS C 138 1.51 6.53 19.14
C LYS C 138 2.27 7.04 20.36
N TYR C 139 1.82 6.72 21.57
CA TYR C 139 2.51 7.16 22.79
C TYR C 139 2.82 5.97 23.69
N GLY C 140 1.98 4.94 23.66
CA GLY C 140 2.17 3.79 24.50
C GLY C 140 1.62 3.90 25.90
N ASN C 141 0.90 4.98 26.21
CA ASN C 141 0.37 5.17 27.55
C ASN C 141 -0.98 5.87 27.44
N ALA C 142 -1.78 5.74 28.50
CA ALA C 142 -3.16 6.21 28.49
C ALA C 142 -3.31 7.64 28.99
N ASN C 143 -2.20 8.33 29.29
CA ASN C 143 -2.30 9.71 29.76
C ASN C 143 -2.96 10.61 28.70
N VAL C 144 -2.57 10.43 27.44
CA VAL C 144 -3.17 11.23 26.37
C VAL C 144 -4.66 10.97 26.29
N TRP C 145 -5.08 9.72 26.47
CA TRP C 145 -6.50 9.38 26.50
C TRP C 145 -7.23 10.14 27.60
N LYS C 146 -6.65 10.17 28.81
CA LYS C 146 -7.27 10.92 29.89
C LYS C 146 -7.36 12.40 29.57
N TYR C 147 -6.29 12.97 29.02
CA TYR C 147 -6.28 14.39 28.70
C TYR C 147 -7.38 14.72 27.69
N PHE C 148 -7.47 13.92 26.62
CA PHE C 148 -8.45 14.23 25.58
C PHE C 148 -9.87 13.98 26.06
N THR C 149 -10.08 13.01 26.95
CA THR C 149 -11.41 12.84 27.52
C THR C 149 -11.78 14.02 28.41
N ASP C 150 -10.82 14.54 29.18
CA ASP C 150 -11.07 15.73 29.97
C ASP C 150 -11.46 16.89 29.07
N LEU C 151 -10.73 17.08 27.97
CA LEU C 151 -11.09 18.13 27.03
C LEU C 151 -12.47 17.91 26.44
N PHE C 152 -12.79 16.66 26.08
CA PHE C 152 -14.10 16.35 25.51
C PHE C 152 -15.21 16.73 26.48
N ASP C 153 -14.99 16.49 27.78
CA ASP C 153 -16.03 16.78 28.77
C ASP C 153 -16.51 18.22 28.67
N TYR C 154 -15.57 19.17 28.52
CA TYR C 154 -15.93 20.58 28.53
C TYR C 154 -16.54 21.05 27.21
N LEU C 155 -16.46 20.27 26.14
CA LEU C 155 -16.89 20.75 24.84
C LEU C 155 -18.37 21.13 24.88
N PRO C 156 -18.75 22.29 24.36
CA PRO C 156 -20.18 22.62 24.28
C PRO C 156 -20.94 21.61 23.47
N LEU C 157 -22.18 21.34 23.89
CA LEU C 157 -22.98 20.32 23.22
C LEU C 157 -23.59 20.86 21.93
N THR C 158 -24.19 22.05 21.99
CA THR C 158 -24.93 22.61 20.87
C THR C 158 -24.40 23.99 20.54
N ALA C 159 -24.73 24.45 19.33
CA ALA C 159 -24.34 25.76 18.85
C ALA C 159 -25.56 26.51 18.33
N LEU C 160 -25.73 27.74 18.81
CA LEU C 160 -26.79 28.63 18.34
C LEU C 160 -26.17 29.67 17.42
N VAL C 161 -26.41 29.51 16.11
CA VAL C 161 -25.85 30.39 15.10
C VAL C 161 -26.76 31.60 15.01
N ASP C 162 -26.25 32.75 15.45
CA ASP C 162 -26.89 34.06 15.30
C ASP C 162 -28.32 34.09 15.83
N GLY C 163 -28.70 33.13 16.67
CA GLY C 163 -30.01 33.14 17.28
C GLY C 163 -31.14 32.72 16.38
N GLN C 164 -30.86 32.24 15.16
CA GLN C 164 -31.89 31.76 14.25
C GLN C 164 -31.73 30.31 13.85
N ILE C 165 -30.51 29.79 13.79
CA ILE C 165 -30.24 28.41 13.37
C ILE C 165 -29.60 27.68 14.54
N PHE C 166 -30.03 26.45 14.77
CA PHE C 166 -29.54 25.61 15.86
C PHE C 166 -28.92 24.35 15.27
N CYS C 167 -27.71 24.03 15.70
CA CYS C 167 -26.95 22.92 15.14
C CYS C 167 -26.41 22.04 16.26
N LEU C 168 -26.62 20.73 16.14
CA LEU C 168 -26.12 19.77 17.11
C LEU C 168 -25.82 18.47 16.39
N HIS C 169 -25.04 17.61 17.06
CA HIS C 169 -24.50 16.43 16.40
C HIS C 169 -25.52 15.29 16.35
N GLY C 170 -26.00 14.85 17.51
CA GLY C 170 -26.79 13.64 17.59
C GLY C 170 -28.22 13.76 17.09
N GLY C 171 -29.06 14.50 17.82
CA GLY C 171 -30.46 14.58 17.46
C GLY C 171 -31.24 15.29 18.55
N LEU C 172 -32.55 15.04 18.54
CA LEU C 172 -33.45 15.68 19.50
C LEU C 172 -33.87 14.67 20.58
N SER C 173 -34.58 15.16 21.60
CA SER C 173 -35.05 14.33 22.69
C SER C 173 -36.48 14.74 23.03
N PRO C 174 -37.33 13.80 23.46
CA PRO C 174 -38.71 14.19 23.80
C PRO C 174 -38.79 15.23 24.90
N SER C 175 -37.89 15.17 25.88
CA SER C 175 -37.97 16.04 27.05
C SER C 175 -37.45 17.44 26.80
N ILE C 176 -36.89 17.71 25.63
CA ILE C 176 -36.29 19.00 25.31
C ILE C 176 -37.32 19.85 24.58
N ASP C 177 -37.57 21.05 25.12
CA ASP C 177 -38.50 21.99 24.49
C ASP C 177 -37.82 23.34 24.29
N THR C 178 -36.88 23.68 25.17
CA THR C 178 -36.19 24.96 25.11
C THR C 178 -34.74 24.76 25.59
N LEU C 179 -33.88 25.68 25.16
CA LEU C 179 -32.44 25.52 25.38
C LEU C 179 -32.04 25.61 26.85
N ASP C 180 -32.90 26.14 27.72
CA ASP C 180 -32.55 26.18 29.12
C ASP C 180 -32.35 24.77 29.68
N HIS C 181 -32.92 23.77 29.01
CA HIS C 181 -32.64 22.39 29.38
C HIS C 181 -31.18 22.04 29.11
N ILE C 182 -30.66 22.38 27.92
CA ILE C 182 -29.27 22.10 27.62
C ILE C 182 -28.36 22.90 28.54
N ARG C 183 -28.68 24.17 28.77
CA ARG C 183 -27.85 24.99 29.64
C ARG C 183 -27.97 24.54 31.10
N ALA C 184 -28.98 23.75 31.42
CA ALA C 184 -29.13 23.21 32.76
C ALA C 184 -28.29 21.97 33.00
N LEU C 185 -27.70 21.39 31.96
CA LEU C 185 -26.91 20.17 32.11
C LEU C 185 -25.52 20.50 32.63
N ASP C 186 -24.89 19.51 33.26
CA ASP C 186 -23.53 19.60 33.76
C ASP C 186 -22.62 18.85 32.79
N ARG C 187 -22.00 19.60 31.87
CA ARG C 187 -21.19 19.00 30.81
C ARG C 187 -19.94 18.30 31.33
N LEU C 188 -19.65 18.38 32.62
CA LEU C 188 -18.51 17.66 33.20
C LEU C 188 -18.96 16.28 33.72
N GLN C 189 -19.38 15.43 32.79
CA GLN C 189 -19.80 14.08 33.16
C GLN C 189 -19.54 13.16 31.98
N GLU C 190 -19.46 11.86 32.28
CA GLU C 190 -19.40 10.86 31.23
C GLU C 190 -20.73 10.79 30.49
N VAL C 191 -20.67 10.51 29.19
CA VAL C 191 -21.86 10.42 28.37
C VAL C 191 -22.74 9.33 28.96
N PRO C 192 -23.99 9.62 29.35
CA PRO C 192 -24.83 8.60 29.98
C PRO C 192 -25.35 7.60 28.97
N HIS C 193 -26.13 6.64 29.47
CA HIS C 193 -26.84 5.70 28.62
C HIS C 193 -28.31 6.05 28.48
N GLU C 194 -28.87 6.76 29.44
CA GLU C 194 -30.26 7.23 29.40
C GLU C 194 -30.29 8.72 29.68
N GLY C 195 -31.49 9.28 29.69
CA GLY C 195 -31.68 10.68 30.00
C GLY C 195 -31.86 11.53 28.76
N PRO C 196 -32.36 12.75 28.94
CA PRO C 196 -32.57 13.63 27.78
C PRO C 196 -31.31 13.91 26.99
N MET C 197 -30.18 14.08 27.68
CA MET C 197 -28.94 14.41 26.98
C MET C 197 -28.52 13.29 26.04
N CYS C 198 -28.67 12.04 26.48
CA CYS C 198 -28.29 10.91 25.63
C CYS C 198 -29.12 10.91 24.35
N ASP C 199 -30.44 10.95 24.48
CA ASP C 199 -31.29 10.99 23.29
C ASP C 199 -30.95 12.20 22.43
N LEU C 200 -30.55 13.30 23.06
CA LEU C 200 -30.15 14.48 22.32
C LEU C 200 -28.90 14.21 21.49
N LEU C 201 -27.95 13.44 22.06
CA LEU C 201 -26.70 13.11 21.39
C LEU C 201 -26.76 11.78 20.64
N TRP C 202 -27.73 10.92 20.93
CA TRP C 202 -27.78 9.59 20.35
C TRP C 202 -29.02 9.35 19.50
N SER C 203 -29.82 10.38 19.21
CA SER C 203 -31.01 10.19 18.41
C SER C 203 -30.70 10.40 16.93
N ASP C 204 -31.65 10.00 16.09
CA ASP C 204 -31.58 10.18 14.65
C ASP C 204 -32.97 10.48 14.11
N PRO C 205 -33.07 11.15 12.98
CA PRO C 205 -34.39 11.46 12.42
C PRO C 205 -35.12 10.19 11.98
N ASP C 206 -36.45 10.27 12.02
CA ASP C 206 -37.29 9.15 11.65
C ASP C 206 -38.23 9.57 10.54
N ASP C 207 -37.95 9.12 9.32
CA ASP C 207 -38.92 9.28 8.24
C ASP C 207 -40.17 8.48 8.51
N ARG C 208 -40.06 7.40 9.29
CA ARG C 208 -41.23 6.62 9.68
C ARG C 208 -42.15 7.47 10.55
N GLY C 209 -43.45 7.42 10.24
CA GLY C 209 -44.40 8.26 10.94
C GLY C 209 -44.41 8.00 12.43
N GLY C 210 -44.53 9.09 13.19
CA GLY C 210 -44.60 9.00 14.63
C GLY C 210 -43.27 8.63 15.26
N TRP C 211 -43.34 8.32 16.56
CA TRP C 211 -42.16 7.95 17.31
C TRP C 211 -41.72 6.53 16.97
N GLY C 212 -40.50 6.19 17.38
CA GLY C 212 -39.96 4.87 17.13
C GLY C 212 -38.82 4.56 18.07
N ILE C 213 -38.47 3.28 18.13
CA ILE C 213 -37.38 2.82 18.99
C ILE C 213 -36.09 2.88 18.19
N SER C 214 -35.08 3.52 18.76
CA SER C 214 -33.80 3.66 18.08
C SER C 214 -33.13 2.30 17.96
N PRO C 215 -32.82 1.83 16.75
CA PRO C 215 -32.14 0.53 16.62
C PRO C 215 -30.79 0.48 17.31
N ARG C 216 -30.12 1.61 17.52
CA ARG C 216 -28.84 1.62 18.19
C ARG C 216 -28.94 1.16 19.64
N GLY C 217 -30.15 1.13 20.22
CA GLY C 217 -30.32 0.74 21.60
C GLY C 217 -30.10 1.84 22.60
N ALA C 218 -29.73 3.05 22.15
CA ALA C 218 -29.52 4.20 23.03
C ALA C 218 -29.99 5.44 22.27
N GLY C 219 -30.96 6.13 22.87
CA GLY C 219 -31.52 7.33 22.26
C GLY C 219 -32.98 7.09 21.88
N TYR C 220 -33.40 7.79 20.84
CA TYR C 220 -34.77 7.71 20.36
C TYR C 220 -34.82 8.24 18.92
N THR C 221 -36.01 8.21 18.34
CA THR C 221 -36.23 8.64 16.96
C THR C 221 -37.32 9.71 16.96
N PHE C 222 -36.90 10.97 17.02
CA PHE C 222 -37.84 12.10 17.06
C PHE C 222 -38.60 12.21 15.75
N GLY C 223 -39.90 12.47 15.85
CA GLY C 223 -40.74 12.71 14.70
C GLY C 223 -40.67 14.16 14.24
N GLN C 224 -41.43 14.45 13.18
CA GLN C 224 -41.45 15.80 12.64
C GLN C 224 -42.30 16.73 13.49
N ASP C 225 -43.32 16.19 14.16
CA ASP C 225 -44.23 17.02 14.96
C ASP C 225 -43.45 17.81 15.99
N ILE C 226 -42.62 17.14 16.78
CA ILE C 226 -41.83 17.83 17.81
C ILE C 226 -40.88 18.81 17.15
N SER C 227 -40.34 18.46 15.98
CA SER C 227 -39.40 19.34 15.31
C SER C 227 -40.05 20.68 14.96
N GLU C 228 -41.20 20.64 14.28
CA GLU C 228 -41.82 21.91 13.90
C GLU C 228 -42.43 22.61 15.11
N THR C 229 -42.84 21.88 16.14
CA THR C 229 -43.29 22.54 17.36
C THR C 229 -42.16 23.33 18.00
N PHE C 230 -40.98 22.71 18.09
CA PHE C 230 -39.80 23.40 18.60
C PHE C 230 -39.49 24.62 17.73
N ASN C 231 -39.55 24.46 16.41
CA ASN C 231 -39.26 25.57 15.51
C ASN C 231 -40.21 26.74 15.73
N HIS C 232 -41.51 26.45 15.77
CA HIS C 232 -42.49 27.51 15.97
C HIS C 232 -42.33 28.18 17.33
N ALA C 233 -42.08 27.39 18.37
CA ALA C 233 -41.92 27.95 19.71
C ALA C 233 -40.71 28.89 19.77
N ASN C 234 -39.60 28.47 19.18
CA ASN C 234 -38.37 29.25 19.20
C ASN C 234 -38.07 29.95 17.89
N GLY C 235 -39.05 30.02 16.98
CA GLY C 235 -38.88 30.75 15.74
C GLY C 235 -37.72 30.28 14.90
N LEU C 236 -37.57 28.97 14.76
CA LEU C 236 -36.51 28.38 13.96
C LEU C 236 -37.01 28.00 12.58
N THR C 237 -36.10 28.02 11.62
CA THR C 237 -36.39 27.65 10.23
C THR C 237 -35.87 26.28 9.87
N LEU C 238 -34.57 26.04 10.03
CA LEU C 238 -33.97 24.74 9.78
C LEU C 238 -33.22 24.29 11.03
N VAL C 239 -33.00 22.98 11.13
CA VAL C 239 -32.22 22.39 12.21
C VAL C 239 -31.18 21.48 11.55
N SER C 240 -29.95 21.98 11.41
CA SER C 240 -28.88 21.19 10.81
C SER C 240 -28.47 20.05 11.73
N ARG C 241 -27.95 18.99 11.13
CA ARG C 241 -27.57 17.80 11.87
C ARG C 241 -26.55 17.01 11.06
N ALA C 242 -25.99 15.98 11.68
CA ALA C 242 -25.02 15.10 11.05
C ALA C 242 -25.11 13.74 11.73
N HIS C 243 -24.04 12.95 11.65
CA HIS C 243 -23.85 11.68 12.33
C HIS C 243 -24.56 10.50 11.67
N GLN C 244 -25.29 10.70 10.57
CA GLN C 244 -25.90 9.60 9.84
C GLN C 244 -25.38 9.60 8.41
N LEU C 245 -24.96 8.44 7.95
CA LEU C 245 -24.35 8.33 6.62
C LEU C 245 -25.39 8.43 5.53
N VAL C 246 -25.06 9.17 4.47
CA VAL C 246 -25.91 9.31 3.31
C VAL C 246 -25.04 9.19 2.06
N MET C 247 -25.46 8.34 1.12
CA MET C 247 -24.68 8.12 -0.09
C MET C 247 -24.56 9.40 -0.92
N GLU C 248 -25.46 10.36 -0.73
CA GLU C 248 -25.49 11.57 -1.53
C GLU C 248 -24.80 12.75 -0.86
N GLY C 249 -24.22 12.56 0.32
CA GLY C 249 -23.58 13.65 1.04
C GLY C 249 -24.54 14.45 1.90
N TYR C 250 -25.71 14.78 1.35
CA TYR C 250 -26.74 15.48 2.10
C TYR C 250 -28.09 15.16 1.49
N ASN C 251 -29.12 15.12 2.35
CA ASN C 251 -30.46 14.83 1.91
C ASN C 251 -31.44 15.79 2.57
N TRP C 252 -32.57 16.00 1.89
CA TRP C 252 -33.67 16.80 2.44
C TRP C 252 -34.78 15.87 2.86
N CYS C 253 -35.12 15.90 4.16
CA CYS C 253 -36.18 15.06 4.70
C CYS C 253 -36.98 15.86 5.70
N HIS C 254 -38.16 15.36 6.03
CA HIS C 254 -39.04 15.98 7.02
C HIS C 254 -39.52 17.34 6.52
N ASP C 255 -39.88 17.39 5.23
CA ASP C 255 -40.31 18.63 4.58
C ASP C 255 -39.23 19.70 4.71
N ARG C 256 -38.01 19.34 4.28
CA ARG C 256 -36.87 20.24 4.23
C ARG C 256 -36.46 20.77 5.60
N ASN C 257 -37.11 20.33 6.67
CA ASN C 257 -36.79 20.84 8.00
C ASN C 257 -35.43 20.38 8.48
N VAL C 258 -34.92 19.26 7.98
CA VAL C 258 -33.66 18.67 8.44
C VAL C 258 -32.72 18.54 7.26
N VAL C 259 -31.49 19.03 7.42
CA VAL C 259 -30.42 18.85 6.45
C VAL C 259 -29.29 18.10 7.14
N THR C 260 -28.95 16.92 6.60
CA THR C 260 -27.92 16.07 7.18
C THR C 260 -26.61 16.35 6.46
N ILE C 261 -25.60 16.79 7.21
CA ILE C 261 -24.31 17.16 6.67
C ILE C 261 -23.30 16.08 7.04
N PHE C 262 -22.57 15.57 6.04
CA PHE C 262 -21.49 14.62 6.27
C PHE C 262 -20.25 15.13 5.56
N SER C 263 -19.15 15.28 6.31
CA SER C 263 -17.90 15.79 5.80
C SER C 263 -16.84 14.73 5.66
N ALA C 264 -17.22 13.45 5.68
CA ALA C 264 -16.29 12.33 5.66
C ALA C 264 -16.62 11.43 4.48
N PRO C 265 -16.07 11.69 3.31
CA PRO C 265 -16.32 10.80 2.17
C PRO C 265 -15.81 9.39 2.47
N ASN C 266 -16.56 8.40 1.98
CA ASN C 266 -16.24 7.00 2.22
C ASN C 266 -16.11 6.71 3.72
N TYR C 267 -17.18 7.05 4.45
CA TYR C 267 -17.21 6.76 5.87
C TYR C 267 -16.99 5.28 6.10
N CYS C 268 -16.01 4.95 6.94
CA CYS C 268 -15.51 3.60 7.12
C CYS C 268 -14.76 3.09 5.88
N TYR C 269 -14.50 3.97 4.91
CA TYR C 269 -13.75 3.63 3.70
C TYR C 269 -14.38 2.48 2.93
N ARG C 270 -15.70 2.36 2.98
CA ARG C 270 -16.39 1.31 2.24
C ARG C 270 -17.53 1.82 1.38
N CYS C 271 -18.27 2.84 1.83
CA CYS C 271 -19.49 3.22 1.14
C CYS C 271 -19.24 4.18 -0.03
N GLY C 272 -18.10 4.86 -0.04
CA GLY C 272 -17.77 5.74 -1.16
C GLY C 272 -18.79 6.84 -1.39
N ASN C 273 -19.17 7.55 -0.32
CA ASN C 273 -20.22 8.55 -0.42
C ASN C 273 -19.64 9.92 -0.76
N GLN C 274 -20.53 10.85 -1.08
CA GLN C 274 -20.18 12.24 -1.27
C GLN C 274 -20.18 12.95 0.08
N ALA C 275 -19.56 14.12 0.11
CA ALA C 275 -19.43 14.91 1.33
C ALA C 275 -19.70 16.37 1.02
N ALA C 276 -20.73 16.93 1.67
CA ALA C 276 -21.16 18.30 1.46
C ALA C 276 -20.93 19.11 2.73
N ILE C 277 -20.72 20.40 2.55
CA ILE C 277 -20.56 21.34 3.66
C ILE C 277 -21.50 22.51 3.45
N MET C 278 -22.45 22.67 4.36
CA MET C 278 -23.56 23.61 4.18
C MET C 278 -23.16 24.95 4.80
N GLU C 279 -22.59 25.83 3.97
CA GLU C 279 -22.03 27.09 4.43
C GLU C 279 -23.15 28.06 4.77
N LEU C 280 -23.11 28.64 5.98
CA LEU C 280 -24.03 29.69 6.35
C LEU C 280 -23.61 30.98 5.65
N ASP C 281 -24.27 31.31 4.55
CA ASP C 281 -23.96 32.54 3.86
C ASP C 281 -24.21 33.74 4.77
N ASP C 282 -23.74 34.90 4.34
CA ASP C 282 -23.92 36.12 5.13
C ASP C 282 -25.40 36.36 5.41
N THR C 283 -26.27 35.96 4.46
CA THR C 283 -27.71 36.15 4.60
C THR C 283 -28.43 34.85 4.98
N LEU C 284 -27.70 33.87 5.51
CA LEU C 284 -28.21 32.63 6.09
C LEU C 284 -28.62 31.59 5.06
N LYS C 285 -28.44 31.84 3.76
CA LYS C 285 -28.76 30.81 2.78
C LYS C 285 -27.76 29.66 2.88
N TYR C 286 -28.13 28.54 2.27
CA TYR C 286 -27.36 27.29 2.35
C TYR C 286 -26.72 27.00 1.00
N SER C 287 -25.42 26.80 1.00
CA SER C 287 -24.66 26.44 -0.19
C SER C 287 -23.81 25.23 0.11
N PHE C 288 -23.75 24.30 -0.84
CA PHE C 288 -23.01 23.06 -0.68
C PHE C 288 -21.92 22.98 -1.73
N LEU C 289 -20.74 22.53 -1.31
CA LEU C 289 -19.60 22.34 -2.20
C LEU C 289 -19.13 20.89 -2.06
N GLN C 290 -19.74 20.00 -2.83
CA GLN C 290 -19.54 18.57 -2.66
C GLN C 290 -18.16 18.16 -3.20
N PHE C 291 -17.50 17.25 -2.48
CA PHE C 291 -16.18 16.77 -2.85
C PHE C 291 -16.12 15.26 -2.70
N ASP C 292 -15.65 14.58 -3.74
CA ASP C 292 -15.46 13.14 -3.73
C ASP C 292 -14.41 12.77 -2.70
N PRO C 293 -14.19 11.48 -2.45
CA PRO C 293 -13.11 11.07 -1.56
C PRO C 293 -11.78 11.66 -2.02
N ALA C 294 -11.02 12.18 -1.08
CA ALA C 294 -9.80 12.89 -1.42
C ALA C 294 -8.79 11.95 -2.06
N PRO C 295 -8.10 12.37 -3.13
CA PRO C 295 -7.03 11.53 -3.69
C PRO C 295 -5.96 11.24 -2.65
N ARG C 296 -5.82 9.97 -2.32
CA ARG C 296 -4.83 9.55 -1.32
C ARG C 296 -3.45 9.45 -1.96
N ARG C 297 -2.45 9.93 -1.24
CA ARG C 297 -1.10 10.01 -1.78
C ARG C 297 -0.48 8.61 -1.85
N GLY C 298 0.04 8.25 -3.01
CA GLY C 298 0.65 6.94 -3.18
C GLY C 298 -0.30 5.81 -2.85
N GLU C 299 -1.56 5.93 -3.24
CA GLU C 299 -2.60 4.97 -2.94
C GLU C 299 -3.53 4.85 -4.13
N PRO C 300 -4.33 3.78 -4.21
CA PRO C 300 -4.43 2.65 -3.26
C PRO C 300 -3.28 1.67 -3.40
N HIS C 301 -2.98 0.92 -2.33
CA HIS C 301 -1.94 -0.10 -2.42
C HIS C 301 -2.31 -1.18 -3.42
N VAL C 302 -3.56 -1.63 -3.40
CA VAL C 302 -4.04 -2.68 -4.30
C VAL C 302 -4.54 -2.01 -5.58
N THR C 303 -3.86 -2.27 -6.69
CA THR C 303 -4.24 -1.70 -7.97
C THR C 303 -4.18 -2.78 -9.04
N ARG C 304 -5.02 -2.63 -10.06
CA ARG C 304 -4.95 -3.48 -11.24
C ARG C 304 -3.73 -3.19 -12.10
N ARG C 305 -3.07 -2.05 -11.88
CA ARG C 305 -1.95 -1.64 -12.71
C ARG C 305 -0.66 -2.29 -12.24
N THR C 306 0.21 -2.58 -13.20
CA THR C 306 1.43 -3.32 -12.90
C THR C 306 2.39 -2.46 -12.05
N PRO C 307 2.86 -2.95 -10.91
CA PRO C 307 3.81 -2.17 -10.11
C PRO C 307 5.22 -2.25 -10.66
N ASP C 308 6.12 -1.51 -10.01
CA ASP C 308 7.48 -1.35 -10.52
C ASP C 308 8.22 -2.68 -10.56
N TYR C 309 8.09 -3.50 -9.51
CA TYR C 309 8.86 -4.74 -9.44
C TYR C 309 8.42 -5.73 -10.52
N PHE C 310 7.16 -5.70 -10.92
CA PHE C 310 6.65 -6.66 -11.90
C PHE C 310 6.98 -6.20 -13.32
N LEU C 311 6.73 -4.92 -13.61
CA LEU C 311 7.00 -4.37 -14.96
C LEU C 311 8.40 -4.83 -15.42
N LEU D 1 -33.48 -35.70 2.04
CA LEU D 1 -33.58 -35.86 0.60
C LEU D 1 -34.49 -34.81 0.00
N LEU D 2 -35.71 -35.20 -0.38
CA LEU D 2 -36.66 -34.26 -0.96
C LEU D 2 -37.24 -33.34 0.12
N GLU D 3 -37.14 -33.74 1.37
CA GLU D 3 -37.71 -32.99 2.49
C GLU D 3 -36.80 -31.88 3.00
N LEU D 4 -35.85 -31.41 2.19
CA LEU D 4 -34.86 -30.43 2.65
C LEU D 4 -35.48 -29.09 3.05
N ALA D 5 -36.77 -28.91 2.79
CA ALA D 5 -37.45 -27.68 3.20
C ALA D 5 -37.32 -27.44 4.70
N LYS D 6 -37.35 -28.49 5.52
CA LYS D 6 -37.21 -28.32 6.96
C LYS D 6 -35.75 -28.14 7.34
N LYS D 7 -34.84 -28.88 6.70
CA LYS D 7 -33.42 -28.79 6.98
C LYS D 7 -32.88 -27.42 6.60
N LYS D 8 -33.64 -26.68 5.80
CA LYS D 8 -33.35 -25.29 5.48
C LYS D 8 -33.25 -24.42 6.74
N LEU D 9 -33.74 -24.95 7.87
CA LEU D 9 -33.66 -24.29 9.16
C LEU D 9 -32.25 -23.77 9.46
N LYS D 10 -31.23 -24.48 8.95
CA LYS D 10 -29.85 -24.05 9.18
C LYS D 10 -29.62 -22.64 8.68
N GLU D 11 -29.76 -22.43 7.37
CA GLU D 11 -29.55 -21.11 6.79
C GLU D 11 -30.67 -20.16 7.17
N LEU D 12 -31.78 -20.70 7.68
CA LEU D 12 -32.87 -19.84 8.14
C LEU D 12 -32.50 -19.12 9.42
N GLU D 13 -32.17 -19.89 10.46
CA GLU D 13 -31.83 -19.32 11.78
C GLU D 13 -30.31 -19.20 11.94
N GLU D 14 -29.71 -18.44 11.03
CA GLU D 14 -28.29 -18.11 11.11
C GLU D 14 -28.13 -16.60 11.03
N GLU D 15 -27.11 -16.09 11.72
CA GLU D 15 -26.86 -14.66 11.84
C GLU D 15 -25.41 -14.33 11.54
N GLU D 16 -24.91 -14.84 10.43
CA GLU D 16 -23.50 -14.74 10.01
C GLU D 16 -22.95 -13.33 10.10
N PRO D 17 -22.00 -13.07 11.01
CA PRO D 17 -21.29 -11.78 10.99
C PRO D 17 -20.09 -11.84 10.07
N ASP D 18 -20.36 -11.97 8.77
CA ASP D 18 -19.37 -12.20 7.72
C ASP D 18 -18.36 -13.29 8.08
N PRO D 19 -18.79 -14.56 8.24
CA PRO D 19 -17.84 -15.67 8.10
C PRO D 19 -17.61 -15.98 6.62
N ASP D 20 -16.80 -17.00 6.34
CA ASP D 20 -16.53 -17.41 4.97
C ASP D 20 -17.82 -17.62 4.19
N LEU D 21 -17.83 -17.22 2.91
CA LEU D 21 -19.04 -17.29 2.12
C LEU D 21 -19.19 -18.61 1.37
N ARG D 22 -18.30 -19.57 1.56
CA ARG D 22 -18.49 -20.87 0.93
C ARG D 22 -19.67 -21.62 1.54
N LYS D 23 -19.72 -21.74 2.87
CA LYS D 23 -20.83 -22.42 3.52
C LYS D 23 -22.16 -21.67 3.36
N LYS D 24 -22.13 -20.34 3.34
CA LYS D 24 -23.34 -19.59 3.09
C LYS D 24 -23.81 -19.70 1.65
N THR D 25 -22.90 -19.54 0.69
CA THR D 25 -23.21 -19.66 -0.73
C THR D 25 -23.71 -21.04 -1.11
N LEU D 26 -23.21 -22.09 -0.45
CA LEU D 26 -23.69 -23.43 -0.76
C LEU D 26 -25.14 -23.64 -0.35
N VAL D 27 -25.50 -23.35 0.89
CA VAL D 27 -26.89 -23.52 1.32
C VAL D 27 -27.79 -22.44 0.74
N ARG D 28 -27.23 -21.35 0.21
CA ARG D 28 -28.02 -20.30 -0.41
C ARG D 28 -28.29 -20.59 -1.88
N ASN D 29 -27.38 -21.28 -2.54
CA ASN D 29 -27.58 -21.74 -3.92
C ASN D 29 -28.18 -23.14 -3.96
N MET D 30 -28.34 -23.77 -2.80
CA MET D 30 -28.88 -25.11 -2.70
C MET D 30 -30.41 -25.11 -2.75
N ILE D 31 -31.04 -24.15 -2.08
CA ILE D 31 -32.50 -24.11 -2.04
C ILE D 31 -33.06 -23.44 -3.29
N LYS D 32 -32.44 -22.34 -3.72
CA LYS D 32 -32.93 -21.62 -4.89
C LYS D 32 -32.87 -22.47 -6.15
N LYS D 33 -32.04 -23.51 -6.16
CA LYS D 33 -31.98 -24.41 -7.30
C LYS D 33 -33.26 -25.23 -7.44
N LEU D 34 -34.07 -25.32 -6.38
CA LEU D 34 -35.26 -26.15 -6.36
C LEU D 34 -36.52 -25.40 -5.98
N GLU D 35 -36.42 -24.41 -5.11
CA GLU D 35 -37.59 -23.68 -4.63
C GLU D 35 -37.80 -22.39 -5.42
#